data_8I5L
#
_entry.id   8I5L
#
_cell.length_a   176.669
_cell.length_b   102.248
_cell.length_c   90.793
_cell.angle_alpha   90.000
_cell.angle_beta   109.933
_cell.angle_gamma   90.000
#
_symmetry.space_group_name_H-M   'C 1 2 1'
#
loop_
_entity.id
_entity.type
_entity.pdbx_description
1 polymer 'Capsid protein'
2 polymer 'scFv fragment'
3 water water
#
loop_
_entity_poly.entity_id
_entity_poly.type
_entity_poly.pdbx_seq_one_letter_code
_entity_poly.pdbx_strand_id
1 'polypeptide(L)'
;QKTRPFTVPNIPLKYLSNSRIPNPIEGMSLSPDQTQNVQFQNGRCTIDGQPLGTTPVSVSQLCKFRGRITSGQRVLNLTE
LDGSPFMAFAAPAPAGFPDLGSCDWHIEMSKIPNSSTQNNPIVTNSVKPNSQQFVPHLSSITLDENVSSGGDYIGTIQWT
SPPSDSGGANTNFWKIPDYGSSLAEASQLAPAVYPPGFNEVIVYFMASIPGPNQSGSPNLVPCLLPQEYITHFISEQAPI
QGEAALLHYVDPDTNRNLGEFKLYPGGYLTCVPNSSSTGPQQLPLDGVFVFASWVSRFYQLKPVGTAGPARGRL
;
A,B,C
2 'polypeptide(L)'
;GSSGSSGMAEVQLVESGGGLVKPGGSLRLSCAASGFTFSSYNMNWVRQAPGKGLEWVSSISTSSRYIYYADSVKGRFTIS
RDNAKNSLYLQMNSLRAEDTAVYYCAREEGSVDYGMDVWGQGTTVTVSSGRGGSGGGGSGGGGSMAQSVLTQPPSASGTP
GQRVTISCSGSSSNIGSNYVYWYQQLPGTAPKLLIYRNNQRPSGVPDRFSGSKSGTSASLAISGLRSEDEADYYCAAWDD
SLSGWVFGGGTKLTVLGSARQSA
;
D,E
#
# COMPACT_ATOMS: atom_id res chain seq x y z
N GLN A 1 -14.47 18.93 -18.22
CA GLN A 1 -14.72 17.61 -17.66
C GLN A 1 -14.10 17.43 -16.28
N LYS A 2 -14.62 16.51 -15.47
CA LYS A 2 -13.98 16.15 -14.21
C LYS A 2 -12.87 15.12 -14.46
N THR A 3 -11.73 15.27 -13.72
CA THR A 3 -10.46 14.67 -14.14
C THR A 3 -9.61 14.05 -13.01
N ARG A 4 -10.09 14.00 -11.77
CA ARG A 4 -9.38 13.34 -10.67
C ARG A 4 -8.87 11.95 -11.10
N PRO A 5 -7.56 11.70 -11.08
CA PRO A 5 -7.02 10.50 -11.73
C PRO A 5 -7.38 9.21 -11.01
N PHE A 6 -7.63 8.17 -11.81
CA PHE A 6 -8.12 6.87 -11.34
C PHE A 6 -7.03 6.06 -10.67
N THR A 7 -7.35 5.48 -9.52
CA THR A 7 -6.41 4.66 -8.76
C THR A 7 -7.06 3.35 -8.33
N VAL A 8 -6.22 2.32 -8.22
CA VAL A 8 -6.61 1.02 -7.69
C VAL A 8 -5.73 0.73 -6.47
N PRO A 9 -6.28 0.22 -5.35
CA PRO A 9 -5.47 0.10 -4.13
C PRO A 9 -4.20 -0.69 -4.38
N ASN A 10 -3.11 -0.24 -3.76
CA ASN A 10 -1.77 -0.75 -4.04
C ASN A 10 -1.39 -1.92 -3.14
N ILE A 11 -2.32 -2.85 -2.93
CA ILE A 11 -2.04 -4.00 -2.07
C ILE A 11 -2.08 -5.26 -2.93
N PRO A 12 -1.22 -6.24 -2.68
CA PRO A 12 -1.27 -7.48 -3.46
C PRO A 12 -2.55 -8.26 -3.21
N LEU A 13 -2.96 -9.00 -4.24
CA LEU A 13 -4.27 -9.65 -4.27
C LEU A 13 -4.45 -10.67 -3.16
N LYS A 14 -3.35 -11.32 -2.74
CA LYS A 14 -3.35 -12.32 -1.67
C LYS A 14 -4.01 -11.84 -0.37
N TYR A 15 -4.02 -10.52 -0.13
CA TYR A 15 -4.34 -9.96 1.18
C TYR A 15 -5.73 -9.35 1.23
N LEU A 16 -6.52 -9.53 0.18
CA LEU A 16 -7.79 -8.84 0.05
C LEU A 16 -8.96 -9.82 0.17
N SER A 17 -10.14 -9.25 0.40
CA SER A 17 -11.31 -10.06 0.67
C SER A 17 -12.09 -10.37 -0.60
N ASN A 18 -12.74 -11.53 -0.59
CA ASN A 18 -13.88 -11.73 -1.48
C ASN A 18 -14.91 -10.65 -1.19
N SER A 19 -15.71 -10.29 -2.19
CA SER A 19 -16.78 -9.33 -1.97
C SER A 19 -18.16 -9.97 -1.87
N ARG A 20 -18.26 -11.30 -1.91
CA ARG A 20 -19.53 -11.95 -1.65
C ARG A 20 -19.54 -12.72 -0.34
N ILE A 21 -18.41 -13.28 0.06
CA ILE A 21 -18.19 -13.76 1.42
C ILE A 21 -17.01 -12.97 1.98
N PRO A 22 -16.90 -12.84 3.33
CA PRO A 22 -15.83 -12.04 3.94
C PRO A 22 -14.53 -12.82 4.16
N ASN A 23 -14.07 -13.50 3.11
CA ASN A 23 -12.94 -14.41 3.25
C ASN A 23 -11.83 -14.07 2.26
N PRO A 24 -10.59 -14.33 2.63
CA PRO A 24 -9.48 -13.89 1.77
C PRO A 24 -9.55 -14.56 0.42
N ILE A 25 -9.05 -13.84 -0.59
CA ILE A 25 -9.09 -14.30 -1.97
C ILE A 25 -7.99 -15.34 -2.17
N GLU A 26 -8.38 -16.53 -2.60
CA GLU A 26 -7.45 -17.63 -2.81
C GLU A 26 -6.99 -17.77 -4.25
N GLY A 27 -7.69 -17.17 -5.19
CA GLY A 27 -7.24 -17.26 -6.56
C GLY A 27 -8.13 -16.48 -7.48
N MET A 28 -7.74 -16.47 -8.75
CA MET A 28 -8.53 -15.95 -9.86
C MET A 28 -9.03 -17.13 -10.69
N SER A 29 -10.24 -16.99 -11.23
CA SER A 29 -10.79 -18.03 -12.10
C SER A 29 -11.61 -17.44 -13.24
N LEU A 30 -11.69 -18.19 -14.31
CA LEU A 30 -12.71 -17.96 -15.33
C LEU A 30 -13.98 -18.73 -14.94
N SER A 31 -15.13 -18.26 -15.46
CA SER A 31 -16.36 -18.98 -15.23
C SER A 31 -16.33 -20.31 -15.99
N PRO A 32 -17.00 -21.35 -15.48
CA PRO A 32 -16.87 -22.66 -16.13
C PRO A 32 -17.24 -22.60 -17.59
N ASP A 33 -18.33 -21.90 -17.90
CA ASP A 33 -18.63 -21.46 -19.26
C ASP A 33 -18.24 -19.99 -19.38
N GLN A 34 -17.10 -19.71 -20.05
CA GLN A 34 -16.54 -18.37 -20.25
C GLN A 34 -17.43 -17.46 -21.10
N THR A 35 -18.62 -17.89 -21.52
CA THR A 35 -19.61 -16.97 -22.04
C THR A 35 -20.74 -16.71 -21.06
N GLN A 36 -20.77 -17.40 -19.92
CA GLN A 36 -21.95 -17.28 -19.07
C GLN A 36 -21.96 -15.94 -18.32
N ASN A 37 -23.15 -15.58 -17.86
CA ASN A 37 -23.31 -14.29 -17.20
C ASN A 37 -23.58 -14.50 -15.72
N VAL A 38 -23.36 -13.45 -14.94
CA VAL A 38 -23.58 -13.51 -13.50
C VAL A 38 -24.49 -12.36 -13.12
N GLN A 39 -25.17 -12.53 -11.99
CA GLN A 39 -26.01 -11.49 -11.42
C GLN A 39 -25.84 -11.48 -9.92
N PHE A 40 -24.60 -11.65 -9.48
CA PHE A 40 -24.29 -11.43 -8.08
C PHE A 40 -24.88 -10.09 -7.65
N GLN A 41 -25.31 -10.04 -6.41
CA GLN A 41 -25.87 -8.82 -5.86
C GLN A 41 -24.97 -8.19 -4.83
N ASN A 42 -23.86 -8.85 -4.48
CA ASN A 42 -22.73 -8.31 -3.73
C ASN A 42 -21.55 -8.28 -4.66
N GLY A 43 -20.51 -7.53 -4.25
CA GLY A 43 -19.42 -7.28 -5.18
C GLY A 43 -19.83 -6.41 -6.34
N ARG A 44 -20.90 -5.65 -6.20
CA ARG A 44 -21.46 -4.87 -7.28
C ARG A 44 -21.24 -3.40 -6.96
N CYS A 45 -20.24 -2.81 -7.61
CA CYS A 45 -19.96 -1.38 -7.47
C CYS A 45 -19.36 -0.83 -8.75
N THR A 46 -19.82 0.35 -9.16
CA THR A 46 -19.21 1.01 -10.31
C THR A 46 -17.85 1.53 -9.90
N ILE A 47 -17.00 1.76 -10.88
CA ILE A 47 -15.61 2.06 -10.54
C ILE A 47 -15.53 3.53 -10.19
N ASP A 48 -16.66 4.24 -10.29
CA ASP A 48 -16.73 5.62 -9.84
C ASP A 48 -17.50 5.74 -8.52
N GLY A 49 -17.64 4.63 -7.79
CA GLY A 49 -18.08 4.66 -6.40
C GLY A 49 -19.55 4.44 -6.15
N GLN A 50 -20.31 3.94 -7.13
CA GLN A 50 -21.73 3.78 -6.94
C GLN A 50 -22.02 2.31 -6.70
N PRO A 51 -22.33 1.89 -5.48
CA PRO A 51 -22.63 0.48 -5.25
C PRO A 51 -24.02 0.11 -5.75
N LEU A 52 -24.14 -1.13 -6.23
CA LEU A 52 -25.39 -1.67 -6.74
C LEU A 52 -25.85 -2.82 -5.86
N GLY A 53 -27.09 -3.25 -6.12
CA GLY A 53 -27.61 -4.46 -5.51
C GLY A 53 -27.72 -4.33 -4.02
N THR A 54 -26.97 -5.16 -3.30
CA THR A 54 -26.94 -5.10 -1.85
C THR A 54 -25.55 -4.87 -1.32
N THR A 55 -24.56 -4.67 -2.20
CA THR A 55 -23.17 -4.42 -1.88
C THR A 55 -23.00 -3.49 -0.70
N PRO A 56 -22.41 -3.94 0.40
CA PRO A 56 -22.12 -3.04 1.52
C PRO A 56 -20.76 -2.39 1.34
N VAL A 57 -20.49 -1.39 2.19
CA VAL A 57 -19.19 -0.72 2.11
C VAL A 57 -18.07 -1.61 2.65
N SER A 58 -18.33 -2.29 3.78
CA SER A 58 -17.28 -2.94 4.56
C SER A 58 -17.42 -4.45 4.55
N VAL A 59 -16.26 -5.12 4.54
CA VAL A 59 -16.23 -6.57 4.73
C VAL A 59 -16.99 -6.99 5.98
N SER A 60 -16.95 -6.16 7.03
CA SER A 60 -17.67 -6.50 8.25
C SER A 60 -19.18 -6.58 8.06
N GLN A 61 -19.70 -6.06 6.95
CA GLN A 61 -21.14 -6.08 6.76
C GLN A 61 -21.56 -7.06 5.68
N LEU A 62 -20.70 -8.00 5.34
CA LEU A 62 -20.84 -8.80 4.14
C LEU A 62 -21.36 -10.17 4.50
N CYS A 63 -22.34 -10.65 3.75
CA CYS A 63 -22.90 -11.99 3.93
C CYS A 63 -23.42 -12.16 5.34
N LYS A 64 -24.19 -11.16 5.77
CA LYS A 64 -24.73 -11.07 7.11
C LYS A 64 -26.18 -10.66 7.02
N PHE A 65 -26.91 -10.94 8.09
CA PHE A 65 -28.32 -10.59 8.15
C PHE A 65 -28.68 -10.27 9.59
N ARG A 66 -29.86 -9.72 9.76
CA ARG A 66 -30.34 -9.30 11.07
C ARG A 66 -31.86 -9.15 10.99
N GLY A 67 -32.55 -9.68 11.98
CA GLY A 67 -33.99 -9.54 11.99
C GLY A 67 -34.52 -9.85 13.37
N ARG A 68 -35.81 -9.60 13.55
CA ARG A 68 -36.53 -10.06 14.71
C ARG A 68 -37.23 -11.38 14.39
N ILE A 69 -37.34 -12.21 15.42
CA ILE A 69 -38.07 -13.48 15.36
C ILE A 69 -38.77 -13.63 16.71
N THR A 70 -40.06 -14.01 16.68
CA THR A 70 -40.80 -14.23 17.93
C THR A 70 -40.59 -15.68 18.36
N SER A 71 -40.41 -15.89 19.67
CA SER A 71 -40.00 -17.21 20.15
C SER A 71 -41.05 -18.27 19.83
N GLY A 72 -40.57 -19.43 19.40
CA GLY A 72 -41.43 -20.52 18.95
C GLY A 72 -41.57 -20.60 17.44
N GLN A 73 -41.27 -19.52 16.73
CA GLN A 73 -41.59 -19.37 15.33
C GLN A 73 -40.34 -19.54 14.46
N ARG A 74 -40.55 -19.44 13.14
CA ARG A 74 -39.51 -19.65 12.14
C ARG A 74 -39.34 -18.47 11.20
N VAL A 75 -40.14 -17.42 11.34
CA VAL A 75 -40.09 -16.26 10.44
C VAL A 75 -39.17 -15.21 11.04
N LEU A 76 -38.13 -14.88 10.29
CA LEU A 76 -37.19 -13.81 10.61
C LEU A 76 -37.59 -12.54 9.86
N ASN A 77 -37.99 -11.50 10.58
CA ASN A 77 -38.40 -10.25 9.95
C ASN A 77 -37.19 -9.34 9.85
N LEU A 78 -36.66 -9.20 8.64
CA LEU A 78 -35.35 -8.56 8.47
C LEU A 78 -35.41 -7.06 8.76
N THR A 79 -34.28 -6.54 9.22
CA THR A 79 -33.96 -5.12 9.29
C THR A 79 -32.61 -4.94 8.61
N GLU A 80 -32.06 -3.73 8.67
CA GLU A 80 -30.67 -3.53 8.29
C GLU A 80 -29.74 -3.97 9.41
N LEU A 81 -28.48 -4.26 9.05
CA LEU A 81 -27.54 -4.85 10.00
C LEU A 81 -27.42 -4.05 11.30
N ASP A 82 -27.68 -2.74 11.23
CA ASP A 82 -27.57 -1.85 12.38
C ASP A 82 -28.85 -1.74 13.18
N GLY A 83 -29.87 -2.51 12.83
CA GLY A 83 -31.14 -2.48 13.51
C GLY A 83 -32.20 -1.67 12.79
N SER A 84 -31.80 -0.66 12.00
CA SER A 84 -32.77 0.26 11.42
C SER A 84 -33.69 -0.46 10.42
N PRO A 85 -34.94 -0.02 10.28
CA PRO A 85 -35.92 -0.80 9.52
C PRO A 85 -35.51 -0.97 8.07
N PHE A 86 -35.86 -2.12 7.52
CA PHE A 86 -35.77 -2.38 6.09
C PHE A 86 -37.18 -2.37 5.53
N MET A 87 -37.44 -1.43 4.65
CA MET A 87 -38.81 -1.24 4.19
C MET A 87 -39.08 -2.20 3.04
N ALA A 88 -40.33 -2.62 2.95
CA ALA A 88 -40.65 -3.82 2.19
C ALA A 88 -40.46 -3.69 0.68
N PHE A 89 -40.07 -2.54 0.10
CA PHE A 89 -39.71 -2.60 -1.32
C PHE A 89 -38.48 -1.72 -1.59
N ALA A 90 -37.65 -1.54 -0.56
CA ALA A 90 -36.54 -0.59 -0.62
C ALA A 90 -35.38 -1.10 -1.48
N ALA A 91 -35.22 -2.41 -1.61
CA ALA A 91 -34.08 -2.98 -2.32
C ALA A 91 -34.38 -4.45 -2.49
N PRO A 92 -33.55 -5.23 -3.20
CA PRO A 92 -33.79 -6.68 -3.23
C PRO A 92 -33.70 -7.32 -1.86
N ALA A 93 -32.91 -6.73 -0.98
CA ALA A 93 -32.61 -7.30 0.32
C ALA A 93 -31.87 -6.25 1.12
N PRO A 94 -31.78 -6.40 2.45
CA PRO A 94 -30.99 -5.42 3.21
C PRO A 94 -29.51 -5.50 2.83
N ALA A 95 -28.80 -4.41 3.11
CA ALA A 95 -27.41 -4.29 2.67
C ALA A 95 -26.56 -5.41 3.23
N GLY A 96 -25.67 -5.94 2.40
CA GLY A 96 -24.82 -7.04 2.79
C GLY A 96 -25.50 -8.39 2.92
N PHE A 97 -26.79 -8.46 2.58
CA PHE A 97 -27.54 -9.71 2.68
C PHE A 97 -26.92 -10.76 1.76
N PRO A 98 -26.88 -12.01 2.18
CA PRO A 98 -26.16 -13.00 1.38
C PRO A 98 -26.82 -13.20 0.02
N ASP A 99 -25.98 -13.50 -0.97
CA ASP A 99 -26.40 -13.62 -2.36
C ASP A 99 -25.91 -14.92 -2.99
N LEU A 100 -25.59 -15.94 -2.18
CA LEU A 100 -25.12 -17.24 -2.68
C LEU A 100 -26.30 -18.09 -3.10
N GLY A 101 -26.38 -18.40 -4.40
CA GLY A 101 -27.48 -19.18 -4.91
C GLY A 101 -27.22 -20.68 -4.89
N SER A 102 -28.29 -21.44 -5.16
CA SER A 102 -28.19 -22.87 -5.43
C SER A 102 -27.49 -23.60 -4.30
N CYS A 103 -27.91 -23.31 -3.08
CA CYS A 103 -27.35 -23.98 -1.93
C CYS A 103 -28.28 -23.75 -0.75
N ASP A 104 -28.26 -24.68 0.19
CA ASP A 104 -28.81 -24.39 1.50
C ASP A 104 -27.80 -23.56 2.31
N TRP A 105 -28.30 -22.55 3.00
CA TRP A 105 -27.50 -21.84 3.97
C TRP A 105 -27.69 -22.45 5.36
N HIS A 106 -26.60 -22.84 5.99
CA HIS A 106 -26.64 -23.27 7.39
C HIS A 106 -26.06 -22.15 8.24
N ILE A 107 -26.91 -21.51 9.02
CA ILE A 107 -26.56 -20.24 9.60
C ILE A 107 -26.28 -20.39 11.10
N GLU A 108 -25.61 -19.38 11.62
CA GLU A 108 -25.33 -19.20 13.03
C GLU A 108 -25.66 -17.76 13.37
N MET A 109 -26.25 -17.53 14.54
CA MET A 109 -26.70 -16.20 14.88
C MET A 109 -26.82 -16.11 16.39
N SER A 110 -26.73 -14.88 16.90
CA SER A 110 -26.85 -14.61 18.32
C SER A 110 -27.75 -13.41 18.54
N LYS A 111 -28.28 -13.30 19.76
CA LYS A 111 -29.02 -12.09 20.13
C LYS A 111 -28.08 -10.90 20.32
N ILE A 112 -28.49 -9.74 19.83
CA ILE A 112 -27.72 -8.51 19.90
C ILE A 112 -28.64 -7.39 20.40
N PRO A 113 -28.25 -6.62 21.46
CA PRO A 113 -26.97 -6.73 22.16
C PRO A 113 -26.90 -7.94 23.07
N ASN A 114 -25.75 -8.15 23.69
CA ASN A 114 -25.68 -9.24 24.64
C ASN A 114 -26.42 -8.85 25.91
N SER A 115 -27.14 -9.83 26.48
CA SER A 115 -27.77 -9.65 27.78
C SER A 115 -27.39 -10.72 28.81
N SER A 116 -26.61 -11.75 28.42
CA SER A 116 -26.41 -12.97 29.17
C SER A 116 -25.17 -12.89 30.09
N THR A 117 -25.06 -13.89 30.98
CA THR A 117 -24.04 -13.93 32.02
C THR A 117 -23.43 -15.33 32.06
N GLN A 118 -24.24 -16.33 31.75
CA GLN A 118 -23.76 -17.68 31.52
C GLN A 118 -24.23 -18.10 30.12
N ASN A 119 -23.88 -19.35 29.77
CA ASN A 119 -24.35 -20.08 28.59
C ASN A 119 -23.73 -19.66 27.26
N ASN A 120 -24.12 -20.40 26.23
CA ASN A 120 -23.62 -20.20 24.88
C ASN A 120 -24.64 -19.36 24.12
N PRO A 121 -24.26 -18.23 23.54
CA PRO A 121 -25.26 -17.38 22.87
C PRO A 121 -25.58 -17.80 21.44
N ILE A 122 -24.94 -18.83 20.91
CA ILE A 122 -24.98 -19.10 19.47
C ILE A 122 -26.11 -20.07 19.17
N VAL A 123 -26.94 -19.72 18.19
CA VAL A 123 -27.99 -20.60 17.72
C VAL A 123 -27.68 -20.92 16.27
N THR A 124 -27.71 -22.20 15.94
CA THR A 124 -27.58 -22.64 14.56
C THR A 124 -28.97 -22.94 13.99
N ASN A 125 -29.12 -22.69 12.70
CA ASN A 125 -30.38 -22.88 11.98
C ASN A 125 -30.04 -23.01 10.49
N SER A 126 -31.06 -23.00 9.63
CA SER A 126 -30.73 -23.03 8.21
C SER A 126 -31.88 -22.44 7.41
N VAL A 127 -31.55 -22.04 6.19
CA VAL A 127 -32.49 -21.46 5.25
C VAL A 127 -32.42 -22.27 3.98
N LYS A 128 -33.57 -22.38 3.29
CA LYS A 128 -33.64 -22.92 1.95
C LYS A 128 -34.04 -21.78 1.03
N PRO A 129 -33.08 -21.10 0.39
CA PRO A 129 -33.43 -19.87 -0.33
C PRO A 129 -34.37 -20.10 -1.49
N ASN A 130 -34.47 -21.30 -2.03
CA ASN A 130 -35.42 -21.57 -3.10
C ASN A 130 -36.85 -21.75 -2.60
N SER A 131 -37.11 -21.61 -1.31
CA SER A 131 -38.47 -21.85 -0.86
C SER A 131 -39.34 -20.62 -1.09
N GLN A 132 -40.66 -20.84 -1.05
CA GLN A 132 -41.61 -19.80 -1.40
C GLN A 132 -41.64 -18.66 -0.39
N GLN A 133 -41.28 -18.94 0.86
CA GLN A 133 -41.31 -17.97 1.94
C GLN A 133 -40.00 -17.17 2.03
N PHE A 134 -39.05 -17.47 1.14
CA PHE A 134 -37.80 -16.72 1.03
C PHE A 134 -38.09 -15.46 0.24
N VAL A 135 -38.54 -14.43 0.95
CA VAL A 135 -38.87 -13.17 0.31
C VAL A 135 -38.10 -12.07 1.01
N PRO A 136 -36.78 -11.98 0.84
CA PRO A 136 -36.05 -10.87 1.46
C PRO A 136 -36.53 -9.53 0.96
N HIS A 137 -36.99 -9.44 -0.30
CA HIS A 137 -37.44 -8.16 -0.82
C HIS A 137 -38.70 -7.66 -0.14
N LEU A 138 -39.49 -8.57 0.44
CA LEU A 138 -40.64 -8.22 1.27
C LEU A 138 -40.30 -8.16 2.75
N SER A 139 -39.01 -8.28 3.09
CA SER A 139 -38.46 -8.06 4.43
C SER A 139 -38.71 -9.23 5.38
N SER A 140 -38.66 -10.47 4.88
CA SER A 140 -38.75 -11.62 5.76
C SER A 140 -38.29 -12.89 5.03
N ILE A 141 -37.66 -13.80 5.79
CA ILE A 141 -37.29 -15.14 5.34
C ILE A 141 -37.68 -16.11 6.44
N THR A 142 -37.84 -17.38 6.08
CA THR A 142 -38.34 -18.38 7.01
C THR A 142 -37.26 -19.44 7.26
N LEU A 143 -36.84 -19.56 8.52
CA LEU A 143 -35.83 -20.54 8.89
C LEU A 143 -36.43 -21.94 8.93
N ASP A 144 -35.54 -22.94 8.98
CA ASP A 144 -35.99 -24.31 8.85
C ASP A 144 -36.55 -24.86 10.15
N GLU A 145 -36.01 -24.43 11.28
CA GLU A 145 -36.41 -24.88 12.61
C GLU A 145 -36.97 -23.70 13.38
N ASN A 146 -37.61 -23.99 14.50
CA ASN A 146 -38.07 -22.95 15.39
C ASN A 146 -36.90 -22.40 16.17
N VAL A 147 -37.01 -21.13 16.57
CA VAL A 147 -36.04 -20.53 17.47
C VAL A 147 -36.68 -20.44 18.86
N SER A 148 -36.04 -21.12 19.83
CA SER A 148 -36.65 -21.25 21.15
C SER A 148 -36.86 -19.91 21.82
N SER A 149 -35.90 -19.00 21.70
CA SER A 149 -36.00 -17.70 22.32
C SER A 149 -36.04 -16.61 21.26
N GLY A 150 -37.01 -15.72 21.39
CA GLY A 150 -37.20 -14.68 20.40
C GLY A 150 -36.47 -13.41 20.75
N GLY A 151 -36.08 -12.67 19.71
CA GLY A 151 -35.42 -11.39 19.92
C GLY A 151 -34.78 -10.87 18.64
N ASP A 152 -33.67 -10.14 18.83
CA ASP A 152 -32.97 -9.43 17.77
C ASP A 152 -31.72 -10.25 17.45
N TYR A 153 -31.75 -11.01 16.36
CA TYR A 153 -30.64 -11.85 15.97
C TYR A 153 -29.86 -11.24 14.83
N ILE A 154 -28.55 -11.40 14.89
CA ILE A 154 -27.64 -11.06 13.82
C ILE A 154 -26.79 -12.30 13.62
N GLY A 155 -26.52 -12.63 12.36
CA GLY A 155 -25.87 -13.90 12.11
C GLY A 155 -25.33 -13.93 10.72
N THR A 156 -24.75 -15.06 10.37
CA THR A 156 -24.05 -15.19 9.10
C THR A 156 -24.32 -16.58 8.54
N ILE A 157 -23.93 -16.80 7.28
CA ILE A 157 -23.95 -18.14 6.69
C ILE A 157 -22.71 -18.87 7.20
N GLN A 158 -22.92 -19.95 7.93
CA GLN A 158 -21.79 -20.62 8.57
C GLN A 158 -21.22 -21.73 7.71
N TRP A 159 -22.07 -22.43 6.96
CA TRP A 159 -21.61 -23.36 5.94
C TRP A 159 -22.76 -23.64 5.01
N THR A 160 -22.43 -24.12 3.81
CA THR A 160 -23.39 -24.36 2.75
C THR A 160 -23.42 -25.84 2.37
N SER A 161 -24.54 -26.26 1.82
CA SER A 161 -24.75 -27.62 1.34
C SER A 161 -25.52 -27.51 0.05
N PRO A 162 -25.51 -28.57 -0.79
CA PRO A 162 -26.24 -28.49 -2.06
C PRO A 162 -27.70 -28.26 -1.79
N PRO A 163 -28.42 -27.61 -2.72
CA PRO A 163 -29.74 -27.07 -2.42
C PRO A 163 -30.81 -28.15 -2.38
N SER A 164 -31.54 -28.22 -1.28
CA SER A 164 -32.61 -29.21 -1.19
C SER A 164 -33.82 -28.73 -2.01
N ASP A 165 -34.69 -29.70 -2.37
CA ASP A 165 -35.87 -29.47 -3.22
C ASP A 165 -35.49 -28.87 -4.57
N SER A 166 -34.35 -29.28 -5.11
CA SER A 166 -33.85 -28.72 -6.36
C SER A 166 -33.57 -29.81 -7.37
N GLY A 167 -34.13 -31.00 -7.17
CA GLY A 167 -33.83 -32.10 -8.07
C GLY A 167 -32.43 -32.64 -7.93
N GLY A 168 -31.82 -32.51 -6.75
CA GLY A 168 -30.47 -33.01 -6.55
C GLY A 168 -29.39 -32.15 -7.17
N ALA A 169 -29.73 -30.94 -7.62
CA ALA A 169 -28.73 -30.01 -8.12
C ALA A 169 -27.57 -29.87 -7.14
N ASN A 170 -26.39 -29.59 -7.70
CA ASN A 170 -25.20 -29.34 -6.90
C ASN A 170 -25.18 -27.90 -6.40
N THR A 171 -24.38 -27.69 -5.34
CA THR A 171 -24.01 -26.33 -4.96
C THR A 171 -23.47 -25.62 -6.19
N ASN A 172 -24.01 -24.45 -6.49
CA ASN A 172 -23.54 -23.67 -7.62
C ASN A 172 -23.53 -22.20 -7.22
N PHE A 173 -22.33 -21.70 -6.87
CA PHE A 173 -22.12 -20.32 -6.44
C PHE A 173 -22.15 -19.31 -7.59
N TRP A 174 -22.15 -19.77 -8.84
CA TRP A 174 -22.39 -18.89 -9.98
C TRP A 174 -23.81 -18.37 -10.04
N LYS A 175 -24.76 -19.00 -9.36
CA LYS A 175 -26.12 -18.51 -9.38
C LYS A 175 -26.42 -17.74 -8.09
N ILE A 176 -27.52 -17.01 -8.13
CA ILE A 176 -28.01 -16.25 -6.97
C ILE A 176 -29.39 -16.77 -6.64
N PRO A 177 -29.89 -16.52 -5.44
CA PRO A 177 -31.29 -16.84 -5.12
C PRO A 177 -32.26 -16.07 -6.00
N ASP A 178 -33.49 -16.57 -6.03
CA ASP A 178 -34.61 -15.78 -6.53
C ASP A 178 -35.03 -14.79 -5.46
N TYR A 179 -34.79 -13.51 -5.70
CA TYR A 179 -35.37 -12.45 -4.87
C TYR A 179 -35.41 -11.16 -5.67
N GLY A 180 -36.04 -10.16 -5.08
CA GLY A 180 -36.20 -8.88 -5.74
C GLY A 180 -37.57 -8.73 -6.38
N SER A 181 -37.88 -7.50 -6.75
CA SER A 181 -39.18 -7.24 -7.35
C SER A 181 -39.05 -6.16 -8.42
N SER A 182 -39.76 -6.40 -9.53
CA SER A 182 -39.91 -5.39 -10.56
C SER A 182 -40.88 -4.30 -10.14
N LEU A 183 -41.70 -4.54 -9.12
CA LEU A 183 -42.79 -3.65 -8.72
C LEU A 183 -42.32 -2.25 -8.28
N ALA A 184 -41.01 -2.03 -8.16
CA ALA A 184 -40.44 -0.74 -7.80
C ALA A 184 -39.03 -0.65 -8.38
N GLU A 185 -38.59 0.58 -8.67
CA GLU A 185 -37.25 0.80 -9.20
C GLU A 185 -36.17 0.32 -8.21
N ALA A 186 -36.39 0.58 -6.91
CA ALA A 186 -35.37 0.29 -5.90
C ALA A 186 -35.24 -1.20 -5.63
N SER A 187 -36.35 -1.93 -5.67
CA SER A 187 -36.32 -3.36 -5.39
C SER A 187 -35.74 -4.20 -6.53
N GLN A 188 -35.50 -3.61 -7.70
CA GLN A 188 -34.92 -4.34 -8.83
C GLN A 188 -33.47 -4.73 -8.55
N LEU A 189 -33.11 -5.94 -8.99
CA LEU A 189 -31.76 -6.47 -8.85
C LEU A 189 -30.76 -5.65 -9.65
N ALA A 190 -29.54 -5.56 -9.14
CA ALA A 190 -28.42 -5.18 -9.98
C ALA A 190 -28.40 -6.08 -11.21
N PRO A 191 -28.18 -5.52 -12.40
CA PRO A 191 -28.38 -6.31 -13.62
C PRO A 191 -27.31 -7.37 -13.83
N ALA A 192 -27.68 -8.34 -14.66
CA ALA A 192 -26.72 -9.33 -15.12
C ALA A 192 -25.50 -8.64 -15.72
N VAL A 193 -24.38 -9.35 -15.73
CA VAL A 193 -23.16 -8.90 -16.33
C VAL A 193 -22.78 -9.93 -17.35
N TYR A 194 -22.64 -9.53 -18.53
CA TYR A 194 -22.24 -10.38 -19.64
C TYR A 194 -20.80 -10.09 -20.05
N PRO A 195 -20.06 -11.11 -20.48
CA PRO A 195 -18.81 -10.86 -21.21
C PRO A 195 -19.02 -9.82 -22.29
N PRO A 196 -18.15 -8.81 -22.36
CA PRO A 196 -18.43 -7.68 -23.26
C PRO A 196 -18.33 -8.03 -24.73
N GLY A 197 -17.87 -9.22 -25.09
CA GLY A 197 -17.39 -9.47 -26.44
C GLY A 197 -15.89 -9.30 -26.55
N PHE A 198 -15.44 -9.14 -27.79
CA PHE A 198 -14.04 -8.85 -28.10
C PHE A 198 -13.08 -9.98 -27.70
N ASN A 199 -13.58 -11.22 -27.62
CA ASN A 199 -12.86 -12.39 -27.12
C ASN A 199 -12.57 -12.29 -25.64
N GLU A 200 -13.10 -11.29 -24.97
CA GLU A 200 -12.77 -11.06 -23.58
C GLU A 200 -13.62 -11.94 -22.67
N VAL A 201 -13.01 -12.35 -21.56
CA VAL A 201 -13.68 -13.13 -20.53
C VAL A 201 -13.58 -12.39 -19.22
N ILE A 202 -14.53 -12.67 -18.34
CA ILE A 202 -14.62 -12.02 -17.05
C ILE A 202 -13.72 -12.72 -16.04
N VAL A 203 -12.89 -11.94 -15.35
CA VAL A 203 -12.00 -12.45 -14.32
C VAL A 203 -12.73 -12.42 -12.98
N TYR A 204 -12.77 -13.56 -12.30
CA TYR A 204 -13.40 -13.72 -10.99
C TYR A 204 -12.34 -13.95 -9.90
N PHE A 205 -12.65 -13.49 -8.70
CA PHE A 205 -11.77 -13.62 -7.54
C PHE A 205 -12.42 -14.61 -6.59
N MET A 206 -11.73 -15.72 -6.33
CA MET A 206 -12.30 -16.86 -5.61
C MET A 206 -11.86 -16.89 -4.16
N ALA A 207 -12.80 -17.27 -3.28
CA ALA A 207 -12.53 -17.52 -1.87
C ALA A 207 -13.36 -18.71 -1.40
N SER A 208 -13.14 -19.15 -0.16
CA SER A 208 -13.68 -20.41 0.31
C SER A 208 -14.59 -20.19 1.50
N ILE A 209 -15.74 -20.88 1.49
CA ILE A 209 -16.75 -20.96 2.56
C ILE A 209 -16.84 -22.44 2.91
N PRO A 210 -17.07 -22.83 4.16
CA PRO A 210 -17.11 -24.26 4.46
C PRO A 210 -18.40 -24.88 3.95
N GLY A 211 -18.33 -26.17 3.60
CA GLY A 211 -19.51 -26.81 3.08
C GLY A 211 -19.20 -28.00 2.20
N PRO A 212 -19.94 -29.09 2.43
CA PRO A 212 -19.83 -30.25 1.54
C PRO A 212 -20.47 -29.95 0.19
N ASN A 213 -19.82 -30.40 -0.87
CA ASN A 213 -20.43 -30.32 -2.18
C ASN A 213 -20.34 -31.70 -2.84
N GLN A 214 -20.92 -31.82 -4.04
CA GLN A 214 -21.14 -33.14 -4.58
C GLN A 214 -19.87 -33.80 -5.09
N SER A 215 -18.81 -33.03 -5.36
CA SER A 215 -17.56 -33.56 -5.91
C SER A 215 -16.45 -33.72 -4.87
N GLY A 216 -16.72 -33.39 -3.61
CA GLY A 216 -15.71 -33.45 -2.57
C GLY A 216 -14.53 -32.52 -2.81
N SER A 217 -14.80 -31.33 -3.27
CA SER A 217 -13.75 -30.41 -3.73
C SER A 217 -13.91 -29.07 -3.02
N PRO A 218 -12.96 -28.14 -3.24
CA PRO A 218 -13.09 -26.80 -2.64
C PRO A 218 -14.48 -26.21 -2.87
N ASN A 219 -14.95 -25.48 -1.87
CA ASN A 219 -16.27 -24.85 -1.89
C ASN A 219 -16.02 -23.36 -2.14
N LEU A 220 -15.81 -22.99 -3.41
CA LEU A 220 -15.27 -21.68 -3.76
C LEU A 220 -16.32 -20.73 -4.32
N VAL A 221 -16.39 -19.53 -3.76
CA VAL A 221 -17.38 -18.52 -4.14
C VAL A 221 -16.71 -17.49 -5.03
N PRO A 222 -17.24 -17.22 -6.22
CA PRO A 222 -16.67 -16.21 -7.11
C PRO A 222 -17.32 -14.84 -6.93
N CYS A 223 -16.52 -13.81 -7.15
CA CYS A 223 -17.02 -12.44 -7.12
C CYS A 223 -16.28 -11.64 -8.18
N LEU A 224 -16.72 -10.40 -8.42
CA LEU A 224 -16.16 -9.61 -9.51
C LEU A 224 -15.02 -8.68 -9.09
N LEU A 225 -15.11 -8.01 -7.94
CA LEU A 225 -14.02 -7.16 -7.48
C LEU A 225 -13.69 -7.49 -6.03
N PRO A 226 -12.40 -7.47 -5.66
CA PRO A 226 -12.05 -7.55 -4.23
C PRO A 226 -12.77 -6.44 -3.48
N GLN A 227 -13.23 -6.73 -2.27
CA GLN A 227 -14.05 -5.74 -1.58
C GLN A 227 -13.27 -4.45 -1.33
N GLU A 228 -11.97 -4.55 -1.05
CA GLU A 228 -11.19 -3.37 -0.74
C GLU A 228 -11.14 -2.41 -1.92
N TYR A 229 -11.08 -2.96 -3.15
CA TYR A 229 -11.31 -2.16 -4.35
C TYR A 229 -12.65 -1.43 -4.26
N ILE A 230 -13.71 -2.14 -3.92
CA ILE A 230 -15.04 -1.53 -3.92
C ILE A 230 -15.10 -0.39 -2.91
N THR A 231 -14.54 -0.60 -1.71
CA THR A 231 -14.55 0.44 -0.70
C THR A 231 -13.69 1.62 -1.13
N HIS A 232 -12.59 1.34 -1.81
CA HIS A 232 -11.75 2.42 -2.34
C HIS A 232 -12.52 3.30 -3.31
N PHE A 233 -13.22 2.71 -4.31
CA PHE A 233 -14.00 3.51 -5.25
C PHE A 233 -15.07 4.34 -4.54
N ILE A 234 -15.75 3.76 -3.55
CA ILE A 234 -16.78 4.48 -2.81
C ILE A 234 -16.19 5.74 -2.15
N SER A 235 -14.96 5.65 -1.63
CA SER A 235 -14.29 6.83 -1.08
C SER A 235 -13.86 7.76 -2.21
N GLU A 236 -13.08 7.24 -3.15
CA GLU A 236 -12.45 8.04 -4.21
C GLU A 236 -13.48 8.74 -5.08
N GLN A 237 -14.39 7.96 -5.67
CA GLN A 237 -15.38 8.49 -6.61
C GLN A 237 -14.69 9.14 -7.80
N ALA A 238 -13.66 8.47 -8.31
CA ALA A 238 -12.95 8.96 -9.46
C ALA A 238 -13.89 9.10 -10.65
N PRO A 239 -13.78 10.17 -11.44
CA PRO A 239 -14.62 10.29 -12.64
C PRO A 239 -14.29 9.22 -13.67
N ILE A 240 -15.33 8.62 -14.25
CA ILE A 240 -15.14 7.72 -15.36
C ILE A 240 -14.76 8.57 -16.56
N GLN A 241 -13.64 8.22 -17.20
CA GLN A 241 -13.09 9.06 -18.23
C GLN A 241 -12.94 8.33 -19.54
N GLY A 242 -13.39 7.09 -19.61
CA GLY A 242 -13.37 6.32 -20.84
C GLY A 242 -14.22 5.11 -20.60
N GLU A 243 -14.55 4.43 -21.70
CA GLU A 243 -15.47 3.30 -21.60
C GLU A 243 -14.83 2.08 -20.94
N ALA A 244 -13.52 2.12 -20.69
CA ALA A 244 -12.80 1.00 -20.12
C ALA A 244 -11.49 1.52 -19.53
N ALA A 245 -11.08 0.95 -18.38
CA ALA A 245 -9.84 1.34 -17.71
C ALA A 245 -8.78 0.27 -17.94
N LEU A 246 -7.71 0.62 -18.64
CA LEU A 246 -6.64 -0.35 -18.84
C LEU A 246 -5.86 -0.56 -17.54
N LEU A 247 -5.66 -1.81 -17.17
CA LEU A 247 -4.89 -2.17 -15.98
C LEU A 247 -3.77 -3.13 -16.36
N HIS A 248 -2.63 -2.99 -15.71
CA HIS A 248 -1.59 -4.01 -15.77
C HIS A 248 -1.56 -4.72 -14.43
N TYR A 249 -1.40 -6.04 -14.48
CA TYR A 249 -1.16 -6.84 -13.28
C TYR A 249 0.35 -6.92 -13.05
N VAL A 250 0.82 -6.34 -11.96
CA VAL A 250 2.23 -6.04 -11.77
C VAL A 250 2.83 -6.92 -10.68
N ASP A 251 4.00 -7.50 -10.96
CA ASP A 251 4.85 -8.11 -9.93
C ASP A 251 5.61 -7.02 -9.21
N PRO A 252 5.23 -6.70 -7.97
CA PRO A 252 5.82 -5.54 -7.27
C PRO A 252 7.28 -5.71 -6.88
N ASP A 253 7.80 -6.95 -6.86
CA ASP A 253 9.22 -7.20 -6.63
C ASP A 253 10.10 -6.57 -7.70
N THR A 254 9.64 -6.57 -8.95
CA THR A 254 10.40 -6.01 -10.06
C THR A 254 9.64 -4.93 -10.80
N ASN A 255 8.37 -4.67 -10.42
CA ASN A 255 7.45 -3.82 -11.20
C ASN A 255 7.43 -4.26 -12.65
N ARG A 256 7.42 -5.56 -12.85
CA ARG A 256 7.21 -6.15 -14.17
C ARG A 256 5.72 -6.27 -14.45
N ASN A 257 5.37 -6.14 -15.71
CA ASN A 257 3.98 -6.21 -16.12
C ASN A 257 3.66 -7.65 -16.53
N LEU A 258 2.83 -8.33 -15.74
CA LEU A 258 2.39 -9.68 -16.05
C LEU A 258 1.11 -9.75 -16.89
N GLY A 259 0.48 -8.63 -17.21
CA GLY A 259 -0.52 -8.67 -18.28
C GLY A 259 -1.63 -7.63 -18.23
N GLU A 260 -2.21 -7.37 -19.41
CA GLU A 260 -3.22 -6.34 -19.60
C GLU A 260 -4.62 -6.85 -19.26
N PHE A 261 -5.42 -6.01 -18.60
CA PHE A 261 -6.80 -6.29 -18.24
C PHE A 261 -7.60 -5.02 -18.47
N LYS A 262 -8.88 -5.17 -18.83
CA LYS A 262 -9.76 -4.02 -18.93
C LYS A 262 -10.72 -4.03 -17.76
N LEU A 263 -10.80 -2.89 -17.06
CA LEU A 263 -11.73 -2.71 -15.95
C LEU A 263 -12.85 -1.81 -16.45
N TYR A 264 -14.07 -2.36 -16.50
CA TYR A 264 -15.19 -1.67 -17.10
C TYR A 264 -15.92 -0.85 -16.04
N PRO A 265 -16.48 0.29 -16.44
CA PRO A 265 -17.18 1.15 -15.47
C PRO A 265 -18.22 0.43 -14.62
N GLY A 266 -18.90 -0.57 -15.19
CA GLY A 266 -19.92 -1.31 -14.48
C GLY A 266 -19.44 -2.05 -13.26
N GLY A 267 -18.13 -2.32 -13.17
CA GLY A 267 -17.53 -2.90 -11.98
C GLY A 267 -17.01 -4.31 -12.13
N TYR A 268 -16.50 -4.66 -13.32
CA TYR A 268 -16.06 -6.01 -13.61
C TYR A 268 -14.79 -5.98 -14.46
N LEU A 269 -14.06 -7.09 -14.43
CA LEU A 269 -12.72 -7.13 -14.98
C LEU A 269 -12.65 -8.22 -16.04
N THR A 270 -11.96 -7.93 -17.12
CA THR A 270 -11.86 -8.88 -18.22
C THR A 270 -10.42 -8.96 -18.70
N CYS A 271 -10.15 -10.05 -19.41
CA CYS A 271 -8.92 -10.22 -20.17
C CYS A 271 -9.25 -11.15 -21.35
N VAL A 272 -8.24 -11.40 -22.17
CA VAL A 272 -8.34 -12.35 -23.28
C VAL A 272 -7.40 -13.53 -23.00
N PRO A 273 -7.92 -14.72 -22.74
CA PRO A 273 -7.04 -15.84 -22.42
C PRO A 273 -6.19 -16.23 -23.62
N ASN A 274 -4.92 -16.55 -23.32
CA ASN A 274 -4.02 -17.05 -24.35
C ASN A 274 -4.61 -18.22 -25.13
N SER A 275 -5.46 -19.04 -24.50
CA SER A 275 -5.89 -20.30 -25.08
C SER A 275 -6.98 -20.89 -24.19
N SER A 276 -7.58 -21.99 -24.67
CA SER A 276 -8.65 -22.64 -23.95
C SER A 276 -8.19 -23.35 -22.68
N SER A 277 -6.89 -23.54 -22.46
CA SER A 277 -6.45 -24.17 -21.23
C SER A 277 -5.63 -23.23 -20.35
N THR A 278 -5.31 -22.04 -20.82
CA THR A 278 -4.53 -21.07 -20.07
C THR A 278 -5.44 -19.92 -19.60
N GLY A 279 -4.82 -18.94 -18.92
CA GLY A 279 -5.52 -17.74 -18.53
C GLY A 279 -5.04 -17.18 -17.20
N PRO A 280 -5.73 -16.16 -16.70
CA PRO A 280 -5.28 -15.50 -15.45
C PRO A 280 -5.20 -16.43 -14.24
N GLN A 281 -5.87 -17.59 -14.29
CA GLN A 281 -5.83 -18.55 -13.20
C GLN A 281 -4.41 -19.09 -12.95
N GLN A 282 -3.49 -18.88 -13.89
CA GLN A 282 -2.10 -19.26 -13.67
C GLN A 282 -1.29 -18.18 -12.99
N LEU A 283 -1.75 -16.93 -13.03
CA LEU A 283 -0.95 -15.83 -12.51
C LEU A 283 -0.67 -16.02 -11.02
N PRO A 284 0.44 -15.45 -10.53
CA PRO A 284 0.65 -15.42 -9.08
C PRO A 284 -0.41 -14.57 -8.40
N LEU A 285 -0.65 -14.89 -7.14
CA LEU A 285 -1.63 -14.20 -6.32
C LEU A 285 -1.05 -13.01 -5.57
N ASP A 286 0.27 -12.87 -5.54
CA ASP A 286 0.90 -11.77 -4.82
C ASP A 286 1.14 -10.55 -5.72
N GLY A 287 0.47 -10.47 -6.86
CA GLY A 287 0.60 -9.33 -7.74
C GLY A 287 -0.37 -8.21 -7.39
N VAL A 288 -0.16 -7.06 -8.03
CA VAL A 288 -0.88 -5.83 -7.74
C VAL A 288 -1.47 -5.29 -9.04
N PHE A 289 -2.74 -4.89 -9.02
CA PHE A 289 -3.38 -4.26 -10.17
C PHE A 289 -3.13 -2.76 -10.15
N VAL A 290 -2.70 -2.22 -11.28
CA VAL A 290 -2.32 -0.82 -11.37
C VAL A 290 -3.06 -0.19 -12.55
N PHE A 291 -3.64 1.00 -12.32
CA PHE A 291 -4.19 1.79 -13.41
C PHE A 291 -3.09 2.19 -14.40
N ALA A 292 -3.38 2.01 -15.68
CA ALA A 292 -2.46 2.39 -16.74
C ALA A 292 -2.94 3.62 -17.49
N SER A 293 -4.15 3.58 -18.02
CA SER A 293 -4.72 4.67 -18.79
C SER A 293 -6.14 4.29 -19.14
N TRP A 294 -6.96 5.31 -19.37
CA TRP A 294 -8.30 5.08 -19.88
C TRP A 294 -8.27 4.68 -21.34
N VAL A 295 -9.13 3.73 -21.71
CA VAL A 295 -9.19 3.27 -23.10
C VAL A 295 -10.62 3.08 -23.59
N SER A 296 -10.73 2.44 -24.75
CA SER A 296 -11.99 2.23 -25.42
C SER A 296 -12.59 0.89 -25.01
N ARG A 297 -13.91 0.74 -25.20
CA ARG A 297 -14.35 -0.65 -25.21
C ARG A 297 -13.77 -1.40 -26.40
N PHE A 298 -13.18 -0.70 -27.36
CA PHE A 298 -12.56 -1.33 -28.53
C PHE A 298 -11.07 -1.59 -28.37
N TYR A 299 -10.51 -1.42 -27.16
CA TYR A 299 -9.09 -1.66 -26.95
C TYR A 299 -8.79 -3.15 -27.11
N GLN A 300 -7.77 -3.48 -27.91
CA GLN A 300 -7.38 -4.87 -28.12
C GLN A 300 -6.26 -5.25 -27.15
N LEU A 301 -6.60 -6.09 -26.18
CA LEU A 301 -5.68 -6.48 -25.12
C LEU A 301 -4.72 -7.57 -25.59
N LYS A 302 -3.47 -7.51 -25.10
CA LYS A 302 -2.56 -8.66 -25.20
C LYS A 302 -3.10 -9.82 -24.38
N PRO A 303 -2.99 -11.05 -24.88
CA PRO A 303 -3.57 -12.18 -24.15
C PRO A 303 -2.74 -12.55 -22.94
N VAL A 304 -3.42 -13.16 -21.97
CA VAL A 304 -2.89 -13.40 -20.64
C VAL A 304 -2.77 -14.90 -20.44
N GLY A 305 -1.55 -15.37 -20.17
CA GLY A 305 -1.31 -16.77 -19.90
C GLY A 305 -0.15 -17.32 -20.70
N THR A 306 -0.01 -18.65 -20.61
CA THR A 306 0.75 -19.52 -21.48
C THR A 306 0.65 -20.93 -20.89
N ALA A 307 0.93 -21.97 -21.67
CA ALA A 307 1.00 -23.34 -21.10
C ALA A 307 1.87 -24.18 -22.02
N GLY A 308 3.01 -24.63 -21.51
CA GLY A 308 3.83 -25.59 -22.20
C GLY A 308 4.65 -26.42 -21.25
N PRO A 309 5.94 -26.13 -21.18
CA PRO A 309 6.82 -26.62 -20.13
C PRO A 309 7.46 -25.46 -19.34
N ARG B 4 0.06 10.87 -2.03
CA ARG B 4 1.11 11.64 -1.36
C ARG B 4 0.55 12.74 -0.39
N PRO B 5 -0.49 13.48 -0.77
CA PRO B 5 -1.24 14.23 0.25
C PRO B 5 -2.02 13.28 1.15
N PHE B 6 -1.87 13.44 2.47
CA PHE B 6 -2.51 12.52 3.40
C PHE B 6 -4.05 12.62 3.32
N THR B 7 -4.72 11.47 3.35
CA THR B 7 -6.18 11.45 3.29
C THR B 7 -6.76 10.36 4.18
N VAL B 8 -8.02 10.57 4.53
CA VAL B 8 -8.78 9.66 5.36
C VAL B 8 -9.99 9.21 4.56
N PRO B 9 -10.30 7.92 4.50
CA PRO B 9 -11.42 7.46 3.66
C PRO B 9 -12.71 8.21 3.97
N ASN B 10 -13.32 8.73 2.90
CA ASN B 10 -14.49 9.60 2.90
C ASN B 10 -15.81 8.86 3.16
N ILE B 11 -15.82 7.92 4.11
CA ILE B 11 -16.97 7.05 4.34
C ILE B 11 -17.48 7.33 5.75
N PRO B 12 -18.78 7.24 6.02
CA PRO B 12 -19.24 7.45 7.40
C PRO B 12 -18.91 6.26 8.28
N LEU B 13 -18.61 6.58 9.55
CA LEU B 13 -18.12 5.59 10.51
C LEU B 13 -19.06 4.40 10.62
N LYS B 14 -20.37 4.62 10.46
CA LYS B 14 -21.35 3.56 10.60
C LYS B 14 -21.12 2.41 9.62
N TYR B 15 -20.44 2.65 8.49
CA TYR B 15 -20.19 1.63 7.48
C TYR B 15 -18.80 1.01 7.59
N LEU B 16 -18.10 1.22 8.69
CA LEU B 16 -16.74 0.72 8.80
C LEU B 16 -16.64 -0.36 9.89
N SER B 17 -15.53 -1.09 9.81
CA SER B 17 -15.30 -2.28 10.59
C SER B 17 -14.34 -1.99 11.74
N ASN B 18 -14.61 -2.57 12.90
CA ASN B 18 -13.61 -2.67 13.95
C ASN B 18 -12.32 -3.29 13.40
N SER B 19 -11.18 -3.06 14.05
CA SER B 19 -9.90 -3.58 13.58
C SER B 19 -9.28 -4.61 14.53
N ARG B 20 -10.05 -5.12 15.50
CA ARG B 20 -9.65 -6.29 16.28
C ARG B 20 -10.62 -7.45 16.15
N ILE B 21 -11.90 -7.16 15.96
CA ILE B 21 -12.89 -8.14 15.54
C ILE B 21 -13.51 -7.65 14.24
N PRO B 22 -13.88 -8.55 13.32
CA PRO B 22 -14.37 -8.20 11.99
C PRO B 22 -15.84 -7.77 11.94
N ASN B 23 -16.21 -6.87 12.83
CA ASN B 23 -17.61 -6.52 13.01
C ASN B 23 -17.81 -5.03 12.88
N PRO B 24 -19.01 -4.61 12.45
CA PRO B 24 -19.27 -3.18 12.24
C PRO B 24 -19.02 -2.33 13.49
N ILE B 25 -18.56 -1.10 13.26
CA ILE B 25 -18.33 -0.17 14.36
C ILE B 25 -19.67 0.28 14.90
N GLU B 26 -19.81 0.28 16.22
CA GLU B 26 -21.07 0.63 16.82
C GLU B 26 -21.03 1.96 17.53
N GLY B 27 -19.85 2.54 17.72
CA GLY B 27 -19.74 3.84 18.35
C GLY B 27 -18.31 4.11 18.73
N MET B 28 -18.09 5.30 19.26
CA MET B 28 -16.82 5.67 19.84
C MET B 28 -16.96 5.70 21.36
N SER B 29 -15.83 5.62 22.07
CA SER B 29 -15.85 5.91 23.49
C SER B 29 -14.42 6.04 24.02
N LEU B 30 -14.33 6.46 25.27
CA LEU B 30 -13.08 6.55 26.00
C LEU B 30 -12.84 5.25 26.75
N SER B 31 -11.58 5.00 27.09
CA SER B 31 -11.26 3.89 27.98
C SER B 31 -11.78 4.21 29.38
N PRO B 32 -12.06 3.18 30.19
CA PRO B 32 -12.66 3.46 31.50
C PRO B 32 -11.78 4.33 32.40
N ASP B 33 -10.47 4.10 32.42
CA ASP B 33 -9.54 5.06 33.01
C ASP B 33 -8.99 5.85 31.84
N GLN B 34 -9.33 7.15 31.77
CA GLN B 34 -8.97 7.94 30.61
C GLN B 34 -7.47 8.21 30.51
N THR B 35 -6.70 7.93 31.54
CA THR B 35 -5.26 8.04 31.43
C THR B 35 -4.62 6.70 31.07
N GLN B 36 -5.43 5.67 30.79
CA GLN B 36 -4.94 4.29 30.74
C GLN B 36 -4.27 3.96 29.42
N ASN B 37 -3.23 3.13 29.49
CA ASN B 37 -2.49 2.72 28.31
C ASN B 37 -3.05 1.41 27.75
N VAL B 38 -2.90 1.23 26.43
CA VAL B 38 -3.32 0.02 25.76
C VAL B 38 -2.15 -0.46 24.93
N GLN B 39 -2.20 -1.73 24.56
CA GLN B 39 -1.10 -2.34 23.82
C GLN B 39 -1.63 -3.42 22.87
N PHE B 40 -2.71 -3.07 22.14
CA PHE B 40 -3.29 -3.98 21.14
C PHE B 40 -2.24 -4.37 20.12
N GLN B 41 -2.31 -5.62 19.67
CA GLN B 41 -1.47 -6.13 18.62
C GLN B 41 -2.11 -6.11 17.24
N ASN B 42 -3.44 -6.00 17.19
CA ASN B 42 -4.20 -5.80 15.96
C ASN B 42 -4.71 -4.37 15.90
N GLY B 43 -5.16 -3.96 14.71
CA GLY B 43 -5.58 -2.59 14.51
C GLY B 43 -4.49 -1.57 14.83
N ARG B 44 -3.26 -1.89 14.47
CA ARG B 44 -2.09 -1.05 14.70
C ARG B 44 -1.41 -0.76 13.36
N CYS B 45 -1.25 0.52 13.04
CA CYS B 45 -0.69 0.95 11.77
C CYS B 45 -0.32 2.43 11.88
N THR B 46 0.90 2.77 11.49
CA THR B 46 1.27 4.18 11.37
C THR B 46 0.45 4.81 10.27
N ILE B 47 0.13 6.10 10.42
CA ILE B 47 -0.65 6.75 9.38
C ILE B 47 0.14 6.93 8.08
N ASP B 48 1.45 6.68 8.08
CA ASP B 48 2.13 6.56 6.79
C ASP B 48 2.20 5.12 6.32
N GLY B 49 1.46 4.22 6.96
CA GLY B 49 1.10 2.96 6.37
C GLY B 49 1.92 1.75 6.75
N GLN B 50 2.58 1.76 7.89
CA GLN B 50 3.32 0.60 8.36
C GLN B 50 2.48 -0.14 9.38
N PRO B 51 2.12 -1.42 9.15
CA PRO B 51 1.39 -2.19 10.15
C PRO B 51 2.31 -2.69 11.26
N LEU B 52 1.74 -2.78 12.45
CA LEU B 52 2.45 -3.14 13.66
C LEU B 52 1.81 -4.36 14.27
N GLY B 53 2.56 -5.09 15.09
CA GLY B 53 1.97 -6.23 15.78
C GLY B 53 1.58 -7.33 14.81
N THR B 54 0.37 -7.86 14.96
CA THR B 54 -0.13 -8.92 14.09
C THR B 54 -1.15 -8.41 13.06
N THR B 55 -1.20 -7.10 12.84
CA THR B 55 -2.31 -6.47 12.15
C THR B 55 -2.37 -6.90 10.69
N PRO B 56 -3.55 -7.29 10.18
CA PRO B 56 -3.65 -7.65 8.76
C PRO B 56 -4.21 -6.52 7.89
N VAL B 57 -4.02 -6.67 6.58
CA VAL B 57 -4.50 -5.67 5.63
C VAL B 57 -6.02 -5.65 5.62
N SER B 58 -6.65 -6.82 5.48
CA SER B 58 -8.09 -6.89 5.25
C SER B 58 -8.84 -7.41 6.47
N VAL B 59 -10.07 -6.92 6.63
CA VAL B 59 -10.97 -7.50 7.63
C VAL B 59 -11.11 -9.01 7.43
N SER B 60 -11.00 -9.48 6.19
CA SER B 60 -11.21 -10.91 5.97
C SER B 60 -10.13 -11.78 6.64
N GLN B 61 -9.02 -11.20 7.09
CA GLN B 61 -8.03 -11.96 7.82
C GLN B 61 -7.89 -11.49 9.26
N LEU B 62 -8.85 -10.72 9.75
CA LEU B 62 -8.82 -10.20 11.10
C LEU B 62 -9.40 -11.21 12.06
N CYS B 63 -8.68 -11.46 13.17
CA CYS B 63 -9.20 -12.31 14.24
C CYS B 63 -9.42 -13.74 13.74
N LYS B 64 -8.44 -14.25 13.00
CA LYS B 64 -8.50 -15.60 12.45
C LYS B 64 -7.22 -16.33 12.81
N PHE B 65 -7.31 -17.66 12.81
CA PHE B 65 -6.15 -18.50 13.04
C PHE B 65 -6.25 -19.67 12.09
N ARG B 66 -5.12 -20.31 11.83
CA ARG B 66 -5.03 -21.47 10.96
C ARG B 66 -3.86 -22.34 11.36
N GLY B 67 -4.10 -23.63 11.47
CA GLY B 67 -2.99 -24.54 11.74
C GLY B 67 -3.40 -25.97 11.54
N ARG B 68 -2.43 -26.87 11.75
CA ARG B 68 -2.60 -28.30 11.68
C ARG B 68 -2.70 -28.90 13.08
N ILE B 69 -3.50 -29.95 13.20
CA ILE B 69 -3.72 -30.63 14.48
C ILE B 69 -3.86 -32.12 14.20
N THR B 70 -3.34 -32.94 15.11
CA THR B 70 -3.32 -34.38 14.95
C THR B 70 -4.59 -34.98 15.52
N SER B 71 -5.11 -36.02 14.87
CA SER B 71 -6.36 -36.62 15.28
C SER B 71 -6.29 -37.10 16.72
N GLY B 72 -7.32 -36.77 17.49
CA GLY B 72 -7.39 -37.17 18.90
C GLY B 72 -6.65 -36.29 19.86
N GLN B 73 -6.19 -35.13 19.40
CA GLN B 73 -5.23 -34.29 20.10
C GLN B 73 -5.80 -32.89 20.30
N ARG B 74 -5.08 -32.09 21.08
CA ARG B 74 -5.53 -30.75 21.42
C ARG B 74 -4.61 -29.64 20.93
N VAL B 75 -3.47 -29.94 20.30
CA VAL B 75 -2.44 -28.93 20.02
C VAL B 75 -2.55 -28.47 18.59
N LEU B 76 -2.72 -27.16 18.41
CA LEU B 76 -2.87 -26.53 17.10
C LEU B 76 -1.53 -25.88 16.75
N ASN B 77 -0.85 -26.43 15.74
CA ASN B 77 0.39 -25.89 15.24
C ASN B 77 0.09 -24.82 14.19
N LEU B 78 0.40 -23.57 14.53
CA LEU B 78 -0.09 -22.44 13.75
C LEU B 78 0.68 -22.28 12.45
N THR B 79 -0.03 -21.88 11.40
CA THR B 79 0.65 -21.33 10.23
C THR B 79 0.18 -19.91 9.97
N GLU B 80 0.41 -19.42 8.77
CA GLU B 80 -0.27 -18.22 8.32
C GLU B 80 -1.60 -18.63 7.70
N LEU B 81 -2.52 -17.66 7.61
CA LEU B 81 -3.88 -18.01 7.21
C LEU B 81 -3.93 -18.65 5.82
N ASP B 82 -2.86 -18.47 5.03
CA ASP B 82 -2.75 -19.08 3.70
C ASP B 82 -2.00 -20.40 3.73
N GLY B 83 -1.53 -20.84 4.90
CA GLY B 83 -0.78 -22.06 5.01
C GLY B 83 0.73 -21.88 4.94
N SER B 84 1.23 -20.70 4.61
CA SER B 84 2.67 -20.47 4.73
C SER B 84 3.08 -20.69 6.18
N PRO B 85 4.27 -21.19 6.42
CA PRO B 85 4.73 -21.34 7.80
C PRO B 85 4.87 -19.99 8.48
N PHE B 86 4.75 -20.00 9.80
CA PHE B 86 4.83 -18.78 10.60
C PHE B 86 6.26 -18.64 11.14
N MET B 87 6.99 -17.66 10.62
CA MET B 87 8.31 -17.30 11.13
C MET B 87 8.18 -16.28 12.25
N ALA B 88 8.78 -16.57 13.40
CA ALA B 88 8.67 -15.70 14.56
C ALA B 88 9.47 -14.41 14.43
N PHE B 89 9.49 -13.83 13.26
CA PHE B 89 10.41 -12.74 12.99
C PHE B 89 9.65 -11.42 13.15
N ALA B 90 9.90 -10.78 14.31
CA ALA B 90 9.27 -9.51 14.72
C ALA B 90 7.77 -9.66 14.84
N ALA B 91 7.30 -10.80 15.35
CA ALA B 91 5.88 -11.03 15.21
C ALA B 91 5.28 -11.84 16.34
N PRO B 92 4.40 -11.22 17.15
CA PRO B 92 3.82 -11.93 18.29
C PRO B 92 3.09 -13.22 17.94
N ALA B 93 2.66 -13.39 16.69
CA ALA B 93 1.79 -14.49 16.28
C ALA B 93 1.59 -14.34 14.77
N PRO B 94 0.92 -15.27 14.10
CA PRO B 94 0.64 -15.08 12.68
C PRO B 94 -0.22 -13.85 12.41
N ALA B 95 -0.26 -13.45 11.15
CA ALA B 95 -1.05 -12.28 10.77
C ALA B 95 -2.52 -12.54 11.05
N GLY B 96 -3.17 -11.55 11.66
CA GLY B 96 -4.57 -11.60 12.00
C GLY B 96 -4.95 -12.44 13.19
N PHE B 97 -4.00 -13.13 13.83
CA PHE B 97 -4.31 -13.92 15.02
C PHE B 97 -4.99 -13.05 16.09
N PRO B 98 -5.99 -13.57 16.80
CA PRO B 98 -6.70 -12.71 17.76
C PRO B 98 -5.79 -12.15 18.87
N ASP B 99 -6.09 -10.91 19.29
CA ASP B 99 -5.43 -10.23 20.38
C ASP B 99 -6.40 -9.94 21.52
N LEU B 100 -7.49 -10.70 21.60
CA LEU B 100 -8.50 -10.51 22.64
C LEU B 100 -7.98 -11.18 23.90
N GLY B 101 -7.34 -10.38 24.76
CA GLY B 101 -6.86 -10.89 26.02
C GLY B 101 -7.95 -10.92 27.08
N SER B 102 -7.63 -11.61 28.18
CA SER B 102 -8.48 -11.66 29.37
C SER B 102 -9.91 -12.13 29.05
N CYS B 103 -9.99 -13.35 28.51
CA CYS B 103 -11.27 -14.01 28.28
C CYS B 103 -10.96 -15.39 27.72
N ASP B 104 -11.92 -16.29 27.83
CA ASP B 104 -11.84 -17.52 27.06
C ASP B 104 -12.34 -17.26 25.65
N TRP B 105 -11.78 -17.99 24.69
CA TRP B 105 -12.19 -17.92 23.29
C TRP B 105 -12.89 -19.22 22.93
N HIS B 106 -14.19 -19.19 22.77
CA HIS B 106 -14.87 -20.34 22.21
C HIS B 106 -14.83 -20.19 20.71
N ILE B 107 -14.19 -21.16 20.04
CA ILE B 107 -13.81 -21.05 18.65
C ILE B 107 -14.66 -21.98 17.79
N GLU B 108 -14.77 -21.62 16.52
CA GLU B 108 -15.31 -22.49 15.46
C GLU B 108 -14.26 -22.62 14.37
N MET B 109 -14.10 -23.82 13.83
CA MET B 109 -13.13 -23.99 12.77
C MET B 109 -13.61 -25.04 11.79
N SER B 110 -12.86 -25.19 10.70
CA SER B 110 -13.18 -26.20 9.70
C SER B 110 -11.94 -26.52 8.89
N LYS B 111 -11.95 -27.69 8.26
CA LYS B 111 -10.81 -28.04 7.41
C LYS B 111 -10.84 -27.26 6.10
N ILE B 112 -9.66 -26.92 5.61
CA ILE B 112 -9.47 -26.31 4.29
C ILE B 112 -8.34 -27.07 3.60
N PRO B 113 -8.55 -27.56 2.35
CA PRO B 113 -9.80 -27.40 1.61
C PRO B 113 -10.88 -28.39 2.03
N ASN B 114 -12.13 -28.04 1.75
CA ASN B 114 -13.20 -29.01 1.89
C ASN B 114 -12.95 -30.17 0.94
N SER B 115 -13.26 -31.38 1.42
CA SER B 115 -13.24 -32.58 0.59
C SER B 115 -14.47 -33.43 0.80
N SER B 116 -15.45 -32.97 1.56
CA SER B 116 -16.56 -33.81 1.98
C SER B 116 -17.74 -33.68 1.03
N THR B 117 -18.63 -34.66 1.11
CA THR B 117 -19.83 -34.67 0.29
C THR B 117 -21.10 -34.73 1.12
N GLN B 118 -20.99 -34.72 2.43
CA GLN B 118 -22.12 -34.57 3.34
C GLN B 118 -21.55 -34.19 4.70
N ASN B 119 -22.44 -34.18 5.71
CA ASN B 119 -22.15 -33.79 7.09
C ASN B 119 -21.75 -32.33 7.27
N ASN B 120 -21.79 -31.87 8.50
CA ASN B 120 -21.41 -30.53 8.86
C ASN B 120 -19.90 -30.45 9.01
N PRO B 121 -19.21 -29.53 8.31
CA PRO B 121 -17.74 -29.49 8.43
C PRO B 121 -17.26 -28.70 9.63
N ILE B 122 -18.15 -28.03 10.35
CA ILE B 122 -17.77 -27.11 11.42
C ILE B 122 -17.47 -27.87 12.69
N VAL B 123 -16.43 -27.45 13.39
CA VAL B 123 -16.02 -28.03 14.65
C VAL B 123 -15.98 -26.92 15.71
N THR B 124 -16.60 -27.19 16.85
CA THR B 124 -16.55 -26.26 17.98
C THR B 124 -15.42 -26.69 18.92
N ASN B 125 -14.84 -25.71 19.62
CA ASN B 125 -13.86 -26.00 20.64
C ASN B 125 -13.63 -24.73 21.47
N SER B 126 -12.61 -24.74 22.31
CA SER B 126 -12.37 -23.67 23.26
C SER B 126 -10.88 -23.46 23.43
N VAL B 127 -10.51 -22.24 23.85
CA VAL B 127 -9.14 -21.90 24.20
C VAL B 127 -9.11 -21.06 25.46
N LYS B 128 -8.12 -21.30 26.31
CA LYS B 128 -7.81 -20.47 27.47
C LYS B 128 -6.49 -19.75 27.22
N PRO B 129 -6.50 -18.52 26.72
CA PRO B 129 -5.23 -17.84 26.42
C PRO B 129 -4.35 -17.57 27.63
N ASN B 130 -4.87 -17.66 28.86
CA ASN B 130 -4.03 -17.51 30.04
C ASN B 130 -3.37 -18.81 30.42
N SER B 131 -3.71 -19.90 29.74
CA SER B 131 -3.08 -21.20 29.95
C SER B 131 -1.62 -21.16 29.50
N GLN B 132 -0.81 -22.01 30.13
CA GLN B 132 0.63 -21.98 29.89
C GLN B 132 0.97 -22.34 28.45
N GLN B 133 0.37 -23.38 27.90
CA GLN B 133 0.63 -23.81 26.53
C GLN B 133 0.00 -22.91 25.47
N PHE B 134 -0.65 -21.81 25.88
CA PHE B 134 -0.99 -20.77 24.93
C PHE B 134 0.28 -20.04 24.54
N VAL B 135 0.97 -20.54 23.50
CA VAL B 135 2.23 -19.92 23.10
C VAL B 135 2.19 -19.64 21.60
N PRO B 136 1.26 -18.81 21.11
CA PRO B 136 1.25 -18.49 19.68
C PRO B 136 2.61 -18.06 19.15
N HIS B 137 3.34 -17.22 19.89
CA HIS B 137 4.64 -16.76 19.41
C HIS B 137 5.60 -17.92 19.14
N LEU B 138 5.49 -19.00 19.90
CA LEU B 138 6.23 -20.22 19.60
C LEU B 138 5.45 -21.21 18.73
N SER B 139 4.49 -20.71 17.94
CA SER B 139 3.78 -21.44 16.89
C SER B 139 2.79 -22.50 17.36
N SER B 140 2.19 -22.35 18.53
CA SER B 140 1.19 -23.35 18.91
C SER B 140 0.31 -22.84 20.03
N ILE B 141 -0.93 -23.32 20.02
CA ILE B 141 -1.85 -23.16 21.14
C ILE B 141 -2.54 -24.51 21.33
N THR B 142 -2.85 -24.82 22.58
CA THR B 142 -3.46 -26.09 22.93
C THR B 142 -4.96 -25.89 23.13
N LEU B 143 -5.76 -26.66 22.42
CA LEU B 143 -7.21 -26.48 22.51
C LEU B 143 -7.75 -27.17 23.76
N ASP B 144 -9.04 -26.98 24.03
CA ASP B 144 -9.62 -27.50 25.28
C ASP B 144 -10.11 -28.93 25.16
N GLU B 145 -10.58 -29.35 23.99
CA GLU B 145 -11.01 -30.72 23.73
C GLU B 145 -10.16 -31.31 22.63
N ASN B 146 -10.09 -32.64 22.60
CA ASN B 146 -9.40 -33.27 21.49
C ASN B 146 -10.18 -33.05 20.20
N VAL B 147 -9.48 -33.17 19.08
CA VAL B 147 -10.10 -33.00 17.77
C VAL B 147 -10.10 -34.35 17.05
N SER B 148 -11.30 -34.82 16.68
CA SER B 148 -11.44 -36.19 16.19
C SER B 148 -10.63 -36.39 14.93
N SER B 149 -10.75 -35.48 13.97
CA SER B 149 -10.14 -35.64 12.65
C SER B 149 -9.02 -34.63 12.49
N GLY B 150 -7.78 -35.11 12.51
CA GLY B 150 -6.65 -34.26 12.20
C GLY B 150 -6.77 -33.65 10.81
N GLY B 151 -6.04 -32.56 10.61
CA GLY B 151 -6.07 -31.87 9.35
C GLY B 151 -5.75 -30.40 9.53
N ASP B 152 -5.89 -29.65 8.43
CA ASP B 152 -5.51 -28.24 8.30
C ASP B 152 -6.75 -27.39 8.57
N TYR B 153 -6.83 -26.80 9.76
CA TYR B 153 -8.01 -26.08 10.20
C TYR B 153 -7.78 -24.56 10.20
N ILE B 154 -8.79 -23.83 9.74
CA ILE B 154 -8.80 -22.37 9.72
C ILE B 154 -10.09 -21.93 10.40
N GLY B 155 -9.99 -20.98 11.32
CA GLY B 155 -11.14 -20.68 12.13
C GLY B 155 -11.00 -19.36 12.84
N THR B 156 -11.91 -19.16 13.78
CA THR B 156 -12.17 -17.83 14.30
C THR B 156 -12.72 -17.94 15.73
N ILE B 157 -12.83 -16.79 16.41
CA ILE B 157 -13.48 -16.76 17.72
C ILE B 157 -14.97 -16.64 17.48
N GLN B 158 -15.72 -17.61 17.97
CA GLN B 158 -17.16 -17.64 17.76
C GLN B 158 -17.88 -16.86 18.84
N TRP B 159 -17.39 -16.95 20.08
CA TRP B 159 -17.90 -16.14 21.17
C TRP B 159 -16.89 -16.18 22.31
N THR B 160 -17.00 -15.20 23.19
CA THR B 160 -16.11 -15.06 24.33
C THR B 160 -16.89 -15.29 25.61
N SER B 161 -16.15 -15.59 26.66
CA SER B 161 -16.70 -15.75 28.01
C SER B 161 -15.62 -15.34 28.99
N PRO B 162 -15.98 -15.04 30.24
CA PRO B 162 -14.96 -14.67 31.24
C PRO B 162 -13.85 -15.71 31.33
N PRO B 163 -12.64 -15.28 31.68
CA PRO B 163 -11.45 -16.14 31.55
C PRO B 163 -11.37 -17.18 32.67
N SER B 164 -11.19 -18.44 32.28
CA SER B 164 -10.92 -19.51 33.23
C SER B 164 -9.65 -19.22 34.04
N ASP B 165 -9.59 -19.83 35.23
CA ASP B 165 -8.43 -19.78 36.13
C ASP B 165 -7.91 -18.35 36.32
N SER B 166 -8.83 -17.45 36.66
CA SER B 166 -8.48 -16.06 36.89
C SER B 166 -9.02 -15.58 38.23
N GLY B 167 -9.41 -16.52 39.09
CA GLY B 167 -10.15 -16.21 40.30
C GLY B 167 -11.37 -15.36 40.01
N GLY B 168 -12.22 -15.82 39.09
CA GLY B 168 -13.50 -15.16 38.84
C GLY B 168 -13.40 -13.75 38.32
N ALA B 169 -12.36 -13.44 37.57
CA ALA B 169 -12.29 -12.17 36.86
C ALA B 169 -13.30 -12.13 35.74
N ASN B 170 -13.56 -10.91 35.27
CA ASN B 170 -14.49 -10.65 34.19
C ASN B 170 -13.76 -10.70 32.84
N THR B 171 -14.55 -10.67 31.77
CA THR B 171 -13.99 -10.35 30.48
C THR B 171 -13.49 -8.91 30.51
N ASN B 172 -12.36 -8.67 29.83
CA ASN B 172 -11.80 -7.31 29.78
C ASN B 172 -10.99 -7.17 28.49
N PHE B 173 -11.63 -6.59 27.47
CA PHE B 173 -11.07 -6.42 26.13
C PHE B 173 -10.07 -5.27 26.02
N TRP B 174 -9.74 -4.59 27.13
CA TRP B 174 -8.64 -3.64 27.12
C TRP B 174 -7.27 -4.31 27.25
N LYS B 175 -7.24 -5.58 27.61
CA LYS B 175 -6.00 -6.33 27.75
C LYS B 175 -5.74 -7.17 26.50
N ILE B 176 -4.49 -7.60 26.34
CA ILE B 176 -4.07 -8.54 25.30
C ILE B 176 -3.57 -9.82 25.94
N PRO B 177 -3.51 -10.96 25.21
CA PRO B 177 -2.96 -12.19 25.80
C PRO B 177 -1.45 -12.14 25.98
N ASP B 178 -0.92 -13.21 26.58
CA ASP B 178 0.51 -13.47 26.65
C ASP B 178 0.89 -14.44 25.54
N TYR B 179 1.65 -13.94 24.57
CA TYR B 179 1.91 -14.74 23.40
C TYR B 179 2.93 -15.83 23.65
N GLY B 180 3.67 -15.76 24.76
CA GLY B 180 4.58 -16.84 25.08
C GLY B 180 6.00 -16.56 24.67
N SER B 181 6.95 -16.94 25.52
CA SER B 181 8.36 -16.64 25.29
C SER B 181 9.21 -17.74 25.93
N SER B 182 10.45 -17.86 25.46
CA SER B 182 11.45 -18.66 26.15
C SER B 182 12.76 -17.88 26.11
N LEU B 183 13.85 -18.53 26.52
CA LEU B 183 15.12 -17.83 26.71
C LEU B 183 15.60 -17.20 25.43
N ALA B 184 15.75 -15.89 25.44
CA ALA B 184 16.17 -15.12 24.27
C ALA B 184 15.22 -15.30 23.10
N GLU B 185 14.03 -15.84 23.35
CA GLU B 185 12.98 -15.95 22.34
C GLU B 185 11.78 -15.14 22.76
N ALA B 186 11.97 -13.86 23.04
CA ALA B 186 10.87 -13.02 23.48
C ALA B 186 10.03 -12.53 22.29
N SER B 187 8.71 -12.47 22.48
CA SER B 187 7.81 -11.87 21.51
C SER B 187 8.11 -10.38 21.33
N GLN B 188 8.05 -9.91 20.09
CA GLN B 188 8.35 -8.52 19.80
C GLN B 188 7.03 -7.80 19.52
N LEU B 189 6.49 -7.15 20.55
CA LEU B 189 5.17 -6.60 20.52
C LEU B 189 5.14 -5.20 19.91
N ALA B 190 4.00 -4.86 19.34
CA ALA B 190 3.73 -3.46 19.06
C ALA B 190 3.74 -2.70 20.39
N PRO B 191 4.42 -1.56 20.47
CA PRO B 191 4.57 -0.87 21.76
C PRO B 191 3.25 -0.36 22.25
N ALA B 192 3.26 0.07 23.50
CA ALA B 192 2.06 0.60 24.12
C ALA B 192 1.67 1.95 23.51
N VAL B 193 0.39 2.24 23.54
CA VAL B 193 -0.13 3.57 23.24
C VAL B 193 -0.51 4.26 24.54
N TYR B 194 -0.09 5.50 24.67
CA TYR B 194 -0.11 6.46 25.75
C TYR B 194 -1.00 7.62 25.40
N PRO B 195 -1.83 8.12 26.30
CA PRO B 195 -2.34 9.46 26.12
C PRO B 195 -1.18 10.42 26.03
N PRO B 196 -1.25 11.41 25.15
CA PRO B 196 -0.09 12.27 24.89
C PRO B 196 0.01 13.54 25.74
N GLY B 197 -0.84 13.73 26.75
CA GLY B 197 -0.89 15.03 27.41
C GLY B 197 -1.80 16.01 26.68
N PHE B 198 -1.68 17.28 27.10
CA PHE B 198 -2.48 18.36 26.51
C PHE B 198 -4.00 18.14 26.66
N ASN B 199 -4.42 17.53 27.78
CA ASN B 199 -5.83 17.26 28.11
C ASN B 199 -6.45 16.17 27.25
N GLU B 200 -5.65 15.41 26.53
CA GLU B 200 -6.19 14.60 25.44
C GLU B 200 -6.35 13.14 25.85
N VAL B 201 -7.46 12.57 25.47
CA VAL B 201 -7.79 11.18 25.76
C VAL B 201 -7.89 10.46 24.43
N ILE B 202 -7.63 9.16 24.45
CA ILE B 202 -7.67 8.39 23.20
C ILE B 202 -9.10 7.98 22.91
N VAL B 203 -9.51 8.13 21.65
CA VAL B 203 -10.80 7.68 21.16
C VAL B 203 -10.71 6.22 20.76
N TYR B 204 -11.61 5.40 21.28
CA TYR B 204 -11.70 4.01 20.83
C TYR B 204 -13.00 3.78 20.05
N PHE B 205 -12.91 2.90 19.05
CA PHE B 205 -14.05 2.50 18.23
C PHE B 205 -14.50 1.12 18.66
N MET B 206 -15.76 1.01 19.08
CA MET B 206 -16.32 -0.18 19.70
C MET B 206 -17.12 -1.01 18.70
N ALA B 207 -16.93 -2.32 18.75
CA ALA B 207 -17.78 -3.29 18.08
C ALA B 207 -18.13 -4.40 19.07
N SER B 208 -19.15 -5.18 18.74
CA SER B 208 -19.66 -6.24 19.60
C SER B 208 -19.29 -7.61 19.05
N ILE B 209 -18.86 -8.50 19.95
CA ILE B 209 -18.64 -9.92 19.64
C ILE B 209 -19.57 -10.72 20.55
N PRO B 210 -20.11 -11.83 20.09
CA PRO B 210 -21.01 -12.62 20.95
C PRO B 210 -20.30 -13.15 22.20
N GLY B 211 -21.08 -13.31 23.25
CA GLY B 211 -20.64 -14.01 24.43
C GLY B 211 -21.07 -13.33 25.73
N PRO B 212 -21.17 -14.11 26.80
CA PRO B 212 -21.56 -13.53 28.10
C PRO B 212 -20.42 -12.79 28.78
N ASN B 213 -20.82 -11.99 29.78
CA ASN B 213 -19.94 -11.31 30.72
C ASN B 213 -20.71 -11.11 32.02
N GLN B 214 -19.98 -10.82 33.10
CA GLN B 214 -20.60 -10.90 34.42
C GLN B 214 -21.61 -9.79 34.68
N SER B 215 -21.53 -8.68 33.95
CA SER B 215 -22.53 -7.62 34.10
C SER B 215 -23.76 -7.82 33.24
N GLY B 216 -23.72 -8.76 32.29
CA GLY B 216 -24.83 -9.01 31.39
C GLY B 216 -25.07 -7.91 30.38
N SER B 217 -24.04 -7.14 30.08
CA SER B 217 -24.03 -5.96 29.25
C SER B 217 -23.53 -6.30 27.85
N PRO B 218 -23.55 -5.34 26.91
CA PRO B 218 -22.96 -5.64 25.60
C PRO B 218 -21.48 -5.97 25.72
N ASN B 219 -21.01 -6.75 24.75
CA ASN B 219 -19.68 -7.36 24.75
C ASN B 219 -18.79 -6.59 23.75
N LEU B 220 -18.19 -5.51 24.22
CA LEU B 220 -17.65 -4.45 23.36
C LEU B 220 -16.13 -4.45 23.35
N VAL B 221 -15.56 -4.53 22.15
CA VAL B 221 -14.13 -4.62 21.89
C VAL B 221 -13.66 -3.27 21.33
N PRO B 222 -12.76 -2.56 22.02
CA PRO B 222 -12.26 -1.30 21.48
C PRO B 222 -11.10 -1.51 20.52
N CYS B 223 -10.79 -0.45 19.76
CA CYS B 223 -9.70 -0.47 18.78
C CYS B 223 -9.33 0.97 18.40
N LEU B 224 -8.10 1.18 17.94
CA LEU B 224 -7.64 2.56 17.73
C LEU B 224 -8.03 3.15 16.37
N LEU B 225 -8.25 2.34 15.34
CA LEU B 225 -8.68 2.85 14.05
C LEU B 225 -9.67 1.89 13.42
N PRO B 226 -10.51 2.36 12.50
CA PRO B 226 -11.30 1.44 11.68
C PRO B 226 -10.40 0.74 10.67
N GLN B 227 -10.73 -0.53 10.38
CA GLN B 227 -9.81 -1.32 9.54
C GLN B 227 -9.62 -0.69 8.18
N GLU B 228 -10.70 -0.09 7.64
CA GLU B 228 -10.62 0.52 6.33
C GLU B 228 -9.69 1.73 6.33
N TYR B 229 -9.47 2.38 7.48
CA TYR B 229 -8.44 3.40 7.56
C TYR B 229 -7.07 2.78 7.45
N ILE B 230 -6.84 1.67 8.14
CA ILE B 230 -5.55 1.03 8.06
C ILE B 230 -5.24 0.62 6.63
N THR B 231 -6.19 -0.03 5.95
CA THR B 231 -5.95 -0.51 4.59
C THR B 231 -5.61 0.64 3.64
N HIS B 232 -6.30 1.78 3.79
CA HIS B 232 -5.97 2.99 3.04
C HIS B 232 -4.50 3.36 3.23
N PHE B 233 -4.08 3.48 4.49
CA PHE B 233 -2.71 3.87 4.81
C PHE B 233 -1.71 2.91 4.16
N ILE B 234 -1.92 1.61 4.33
CA ILE B 234 -1.03 0.61 3.76
C ILE B 234 -0.89 0.83 2.26
N SER B 235 -1.97 1.25 1.61
CA SER B 235 -1.98 1.47 0.17
C SER B 235 -1.38 2.83 -0.19
N GLU B 236 -1.82 3.88 0.52
CA GLU B 236 -1.44 5.25 0.16
C GLU B 236 -0.01 5.57 0.54
N GLN B 237 0.42 5.09 1.72
CA GLN B 237 1.73 5.40 2.33
C GLN B 237 2.06 6.89 2.18
N ALA B 238 1.12 7.73 2.61
CA ALA B 238 1.33 9.15 2.48
C ALA B 238 2.40 9.59 3.48
N PRO B 239 3.32 10.46 3.07
CA PRO B 239 4.37 10.89 4.01
C PRO B 239 3.79 11.72 5.14
N ILE B 240 4.32 11.51 6.35
CA ILE B 240 3.95 12.33 7.49
C ILE B 240 4.57 13.72 7.37
N GLN B 241 3.80 14.76 7.68
CA GLN B 241 4.34 16.10 7.48
C GLN B 241 4.09 17.01 8.66
N GLY B 242 3.94 16.45 9.85
CA GLY B 242 3.56 17.24 11.01
C GLY B 242 3.56 16.30 12.19
N GLU B 243 3.42 16.89 13.36
CA GLU B 243 3.45 16.09 14.59
C GLU B 243 2.09 15.42 14.84
N ALA B 244 1.04 15.95 14.24
CA ALA B 244 -0.28 15.35 14.25
C ALA B 244 -1.04 15.78 13.00
N ALA B 245 -2.02 14.98 12.62
CA ALA B 245 -2.93 15.33 11.54
C ALA B 245 -4.25 15.75 12.18
N LEU B 246 -4.62 17.00 11.97
CA LEU B 246 -5.84 17.50 12.57
C LEU B 246 -7.01 17.09 11.70
N LEU B 247 -8.03 16.47 12.31
CA LEU B 247 -9.18 16.00 11.56
C LEU B 247 -10.46 16.57 12.13
N HIS B 248 -11.46 16.68 11.27
CA HIS B 248 -12.79 17.10 11.66
C HIS B 248 -13.73 15.91 11.49
N TYR B 249 -14.59 15.68 12.48
CA TYR B 249 -15.71 14.77 12.32
C TYR B 249 -16.84 15.61 11.75
N VAL B 250 -17.11 15.45 10.46
CA VAL B 250 -17.99 16.35 9.71
C VAL B 250 -19.31 15.65 9.43
N ASP B 251 -20.42 16.33 9.70
CA ASP B 251 -21.72 15.86 9.25
C ASP B 251 -21.75 15.91 7.73
N PRO B 252 -21.81 14.77 7.03
CA PRO B 252 -21.73 14.81 5.56
C PRO B 252 -22.89 15.50 4.89
N ASP B 253 -24.06 15.62 5.56
CA ASP B 253 -25.25 16.19 4.93
C ASP B 253 -25.24 17.71 4.97
N THR B 254 -24.64 18.30 6.00
CA THR B 254 -24.78 19.72 6.28
C THR B 254 -23.48 20.50 6.19
N ASN B 255 -22.33 19.83 6.05
CA ASN B 255 -20.99 20.41 6.13
C ASN B 255 -20.65 20.94 7.51
N ARG B 256 -21.57 20.89 8.47
CA ARG B 256 -21.30 21.30 9.84
C ARG B 256 -20.37 20.27 10.48
N ASN B 257 -19.18 20.71 10.93
CA ASN B 257 -18.25 19.75 11.52
C ASN B 257 -18.47 19.64 13.02
N LEU B 258 -18.52 18.40 13.50
CA LEU B 258 -19.10 18.06 14.77
C LEU B 258 -18.08 17.86 15.88
N GLY B 259 -16.79 17.90 15.57
CA GLY B 259 -15.76 17.80 16.61
C GLY B 259 -14.35 17.77 16.06
N GLU B 260 -13.38 18.21 16.87
CA GLU B 260 -11.99 18.32 16.44
C GLU B 260 -11.17 17.17 17.03
N PHE B 261 -10.33 16.56 16.20
CA PHE B 261 -9.52 15.43 16.64
C PHE B 261 -8.10 15.56 16.12
N LYS B 262 -7.14 15.06 16.91
CA LYS B 262 -5.74 14.95 16.49
C LYS B 262 -5.44 13.47 16.25
N LEU B 263 -5.02 13.15 15.03
CA LEU B 263 -4.64 11.80 14.63
C LEU B 263 -3.12 11.74 14.62
N TYR B 264 -2.53 10.87 15.53
CA TYR B 264 -1.09 10.90 15.71
C TYR B 264 -0.38 9.93 14.77
N PRO B 265 0.85 10.25 14.41
CA PRO B 265 1.62 9.40 13.51
C PRO B 265 1.57 7.91 13.83
N GLY B 266 1.59 7.58 15.12
CA GLY B 266 1.57 6.21 15.62
C GLY B 266 0.31 5.44 15.37
N GLY B 267 -0.71 6.09 14.81
CA GLY B 267 -1.94 5.42 14.46
C GLY B 267 -3.04 5.48 15.48
N TYR B 268 -3.07 6.50 16.31
CA TYR B 268 -4.15 6.66 17.26
C TYR B 268 -4.67 8.08 17.19
N LEU B 269 -5.89 8.23 17.65
CA LEU B 269 -6.69 9.42 17.52
C LEU B 269 -7.09 9.90 18.91
N THR B 270 -7.12 11.21 19.12
CA THR B 270 -7.50 11.72 20.43
C THR B 270 -8.50 12.84 20.26
N CYS B 271 -9.10 13.23 21.39
CA CYS B 271 -9.88 14.44 21.50
C CYS B 271 -9.63 15.04 22.89
N VAL B 272 -10.22 16.19 23.14
CA VAL B 272 -10.34 16.72 24.49
C VAL B 272 -11.80 16.60 24.89
N PRO B 273 -12.14 15.87 25.96
CA PRO B 273 -13.54 15.79 26.38
C PRO B 273 -13.98 17.08 27.08
N ASN B 274 -15.24 17.48 26.82
CA ASN B 274 -15.78 18.75 27.30
C ASN B 274 -15.88 18.77 28.82
N SER B 275 -16.78 17.97 29.35
CA SER B 275 -16.90 17.72 30.78
C SER B 275 -16.44 16.29 31.06
N SER B 276 -16.26 16.00 32.35
CA SER B 276 -15.79 14.68 32.74
C SER B 276 -16.78 13.56 32.36
N SER B 277 -18.06 13.89 32.18
CA SER B 277 -19.06 12.89 31.81
C SER B 277 -19.14 12.67 30.31
N THR B 278 -18.80 13.66 29.51
CA THR B 278 -19.19 13.65 28.11
C THR B 278 -18.13 12.96 27.26
N GLY B 279 -17.93 13.44 26.03
CA GLY B 279 -16.97 12.83 25.13
C GLY B 279 -17.61 12.38 23.84
N PRO B 280 -16.87 11.64 23.01
CA PRO B 280 -17.39 11.20 21.71
C PRO B 280 -18.47 10.14 21.78
N GLN B 281 -18.81 9.60 22.95
CA GLN B 281 -19.93 8.65 23.06
C GLN B 281 -21.20 9.19 22.40
N GLN B 282 -21.40 10.51 22.46
CA GLN B 282 -22.63 11.14 22.02
C GLN B 282 -22.61 11.53 20.56
N LEU B 283 -21.51 11.34 19.87
CA LEU B 283 -21.48 11.73 18.48
C LEU B 283 -22.33 10.76 17.64
N PRO B 284 -22.98 11.25 16.60
CA PRO B 284 -23.63 10.34 15.68
C PRO B 284 -22.60 9.47 14.99
N LEU B 285 -23.08 8.33 14.49
CA LEU B 285 -22.25 7.37 13.77
C LEU B 285 -22.21 7.60 12.26
N ASP B 286 -22.96 8.56 11.72
CA ASP B 286 -22.99 8.77 10.28
C ASP B 286 -22.17 9.97 9.85
N GLY B 287 -21.30 10.50 10.74
CA GLY B 287 -20.34 11.50 10.35
C GLY B 287 -19.14 10.89 9.65
N VAL B 288 -18.35 11.73 9.00
CA VAL B 288 -17.15 11.30 8.30
C VAL B 288 -15.96 12.07 8.84
N PHE B 289 -14.81 11.41 8.89
CA PHE B 289 -13.56 12.05 9.31
C PHE B 289 -12.88 12.61 8.06
N VAL B 290 -12.44 13.86 8.15
CA VAL B 290 -11.86 14.60 7.03
C VAL B 290 -10.58 15.28 7.49
N PHE B 291 -9.51 15.13 6.71
CA PHE B 291 -8.22 15.72 7.06
C PHE B 291 -8.33 17.23 6.94
N ALA B 292 -8.05 17.92 8.05
CA ALA B 292 -8.09 19.37 8.12
C ALA B 292 -6.76 19.98 7.70
N SER B 293 -5.71 19.74 8.46
CA SER B 293 -4.36 20.23 8.19
C SER B 293 -3.37 19.51 9.10
N TRP B 294 -2.09 19.67 8.78
CA TRP B 294 -1.03 19.25 9.69
C TRP B 294 -0.85 20.25 10.81
N VAL B 295 -0.66 19.74 12.02
CA VAL B 295 -0.58 20.61 13.20
C VAL B 295 0.55 20.18 14.14
N SER B 296 0.58 20.82 15.29
CA SER B 296 1.62 20.71 16.29
C SER B 296 1.17 19.80 17.41
N ARG B 297 2.14 19.18 18.08
CA ARG B 297 1.97 18.76 19.47
C ARG B 297 1.04 19.74 20.22
N PHE B 298 1.29 21.04 20.06
CA PHE B 298 0.73 22.08 20.91
C PHE B 298 -0.63 22.61 20.43
N TYR B 299 -1.22 22.02 19.40
CA TYR B 299 -2.55 22.46 19.00
C TYR B 299 -3.56 22.13 20.09
N GLN B 300 -4.49 23.05 20.31
CA GLN B 300 -5.46 22.89 21.39
C GLN B 300 -6.83 22.60 20.78
N LEU B 301 -7.35 21.41 21.05
CA LEU B 301 -8.60 20.95 20.47
C LEU B 301 -9.80 21.55 21.19
N LYS B 302 -10.77 22.06 20.43
CA LYS B 302 -12.06 22.41 21.02
C LYS B 302 -12.72 21.15 21.57
N PRO B 303 -13.20 21.17 22.81
CA PRO B 303 -13.61 19.92 23.46
C PRO B 303 -14.93 19.36 22.91
N VAL B 304 -15.04 18.03 23.02
CA VAL B 304 -16.11 17.23 22.42
C VAL B 304 -17.07 16.80 23.51
N GLY B 305 -18.33 17.24 23.42
CA GLY B 305 -19.38 16.82 24.34
C GLY B 305 -20.33 17.92 24.77
N THR B 306 -21.28 17.59 25.65
CA THR B 306 -22.19 18.57 26.23
C THR B 306 -22.30 18.44 27.75
N ARG C 4 21.27 14.93 2.35
CA ARG C 4 21.13 13.58 1.81
C ARG C 4 20.77 12.58 2.91
N PRO C 5 19.52 12.11 2.90
CA PRO C 5 19.16 10.99 3.78
C PRO C 5 19.84 9.71 3.34
N PHE C 6 20.34 8.95 4.31
CA PHE C 6 21.01 7.70 3.99
C PHE C 6 20.00 6.66 3.50
N THR C 7 20.19 6.17 2.27
CA THR C 7 19.26 5.27 1.59
C THR C 7 19.87 3.89 1.35
N VAL C 8 19.02 2.88 1.40
CA VAL C 8 19.39 1.53 0.95
C VAL C 8 18.50 1.16 -0.22
N PRO C 9 19.04 0.55 -1.28
CA PRO C 9 18.23 0.26 -2.47
C PRO C 9 16.99 -0.55 -2.13
N ASN C 10 15.87 -0.14 -2.74
CA ASN C 10 14.57 -0.79 -2.57
C ASN C 10 14.42 -1.93 -3.57
N ILE C 11 15.22 -2.96 -3.36
CA ILE C 11 15.27 -4.11 -4.24
C ILE C 11 15.38 -5.31 -3.34
N PRO C 12 14.62 -6.36 -3.56
CA PRO C 12 14.75 -7.54 -2.69
C PRO C 12 16.10 -8.23 -2.88
N LEU C 13 16.51 -8.91 -1.81
CA LEU C 13 17.88 -9.42 -1.70
C LEU C 13 18.23 -10.41 -2.81
N LYS C 14 17.26 -11.24 -3.20
CA LYS C 14 17.50 -12.28 -4.20
C LYS C 14 17.81 -11.72 -5.60
N TYR C 15 17.62 -10.43 -5.86
CA TYR C 15 18.01 -9.86 -7.14
C TYR C 15 19.33 -9.07 -7.08
N LEU C 16 20.10 -9.17 -6.00
CA LEU C 16 21.33 -8.39 -5.86
C LEU C 16 22.57 -9.29 -5.98
N SER C 17 23.71 -8.65 -6.20
CA SER C 17 24.94 -9.38 -6.46
C SER C 17 25.85 -9.45 -5.24
N ASN C 18 26.55 -10.58 -5.12
CA ASN C 18 27.71 -10.69 -4.25
C ASN C 18 28.77 -9.66 -4.66
N SER C 19 29.57 -9.19 -3.68
CA SER C 19 30.53 -8.12 -3.93
C SER C 19 31.98 -8.59 -3.89
N ARG C 20 32.21 -9.91 -3.85
CA ARG C 20 33.52 -10.53 -4.07
C ARG C 20 33.57 -11.40 -5.33
N ILE C 21 32.45 -11.97 -5.76
CA ILE C 21 32.29 -12.64 -7.05
C ILE C 21 30.99 -12.15 -7.68
N PRO C 22 30.88 -12.07 -9.00
CA PRO C 22 29.71 -11.44 -9.64
C PRO C 22 28.56 -12.42 -9.91
N ASN C 23 28.05 -13.03 -8.85
CA ASN C 23 26.96 -13.98 -8.96
C ASN C 23 25.85 -13.54 -8.01
N PRO C 24 24.60 -13.92 -8.29
CA PRO C 24 23.50 -13.47 -7.42
C PRO C 24 23.61 -14.05 -6.01
N ILE C 25 23.12 -13.26 -5.04
CA ILE C 25 23.13 -13.66 -3.64
C ILE C 25 22.14 -14.81 -3.43
N GLU C 26 22.57 -15.83 -2.69
CA GLU C 26 21.74 -17.01 -2.51
C GLU C 26 21.16 -17.13 -1.12
N GLY C 27 21.64 -16.36 -0.14
CA GLY C 27 21.24 -16.52 1.26
C GLY C 27 22.14 -15.80 2.24
N MET C 28 21.63 -15.47 3.42
CA MET C 28 22.47 -14.84 4.43
C MET C 28 23.00 -15.91 5.35
N SER C 29 24.20 -15.69 5.89
CA SER C 29 24.85 -16.68 6.74
C SER C 29 25.77 -15.99 7.75
N LEU C 30 26.24 -16.76 8.73
CA LEU C 30 27.21 -16.30 9.70
C LEU C 30 28.57 -16.95 9.40
N SER C 31 29.58 -16.48 10.08
CA SER C 31 30.82 -17.18 9.86
C SER C 31 30.87 -18.45 10.70
N PRO C 32 31.61 -19.49 10.27
CA PRO C 32 31.65 -20.74 11.03
C PRO C 32 32.24 -20.58 12.41
N ASP C 33 33.02 -19.53 12.63
CA ASP C 33 33.34 -19.00 13.95
C ASP C 33 32.69 -17.64 13.99
N GLN C 34 31.74 -17.46 14.90
CA GLN C 34 31.04 -16.18 14.96
C GLN C 34 31.87 -15.09 15.64
N THR C 35 32.99 -15.46 16.26
CA THR C 35 34.02 -14.55 16.76
C THR C 35 35.04 -14.18 15.69
N GLN C 36 35.14 -14.98 14.64
CA GLN C 36 36.13 -14.77 13.59
C GLN C 36 36.03 -13.41 12.92
N ASN C 37 37.19 -12.86 12.61
CA ASN C 37 37.27 -11.66 11.81
C ASN C 37 37.51 -11.98 10.33
N VAL C 38 37.27 -10.98 9.50
CA VAL C 38 37.45 -11.10 8.05
C VAL C 38 38.12 -9.84 7.54
N GLN C 39 38.86 -10.00 6.45
CA GLN C 39 39.58 -8.89 5.83
C GLN C 39 39.42 -8.93 4.32
N PHE C 40 38.20 -9.08 3.83
CA PHE C 40 37.99 -9.06 2.39
C PHE C 40 38.50 -7.75 1.82
N GLN C 41 39.13 -7.80 0.66
CA GLN C 41 39.53 -6.57 0.02
C GLN C 41 38.55 -6.13 -1.05
N ASN C 42 37.52 -6.93 -1.33
CA ASN C 42 36.41 -6.58 -2.20
C ASN C 42 35.12 -6.54 -1.38
N GLY C 43 34.10 -5.88 -1.93
CA GLY C 43 32.91 -5.62 -1.17
C GLY C 43 33.21 -4.89 0.13
N ARG C 44 33.98 -3.81 0.04
CA ARG C 44 34.34 -2.98 1.18
C ARG C 44 34.06 -1.53 0.81
N CYS C 45 33.01 -0.97 1.40
CA CYS C 45 32.65 0.42 1.16
C CYS C 45 32.21 1.04 2.46
N THR C 46 32.37 2.36 2.56
CA THR C 46 31.83 3.10 3.69
C THR C 46 30.38 3.43 3.39
N ILE C 47 29.54 3.42 4.42
CA ILE C 47 28.14 3.74 4.18
C ILE C 47 27.95 5.17 3.71
N ASP C 48 28.99 6.00 3.75
CA ASP C 48 28.93 7.30 3.10
C ASP C 48 29.65 7.29 1.74
N GLY C 49 30.08 6.13 1.26
CA GLY C 49 30.45 5.97 -0.14
C GLY C 49 31.92 6.09 -0.53
N GLN C 50 32.84 5.65 0.33
CA GLN C 50 34.25 5.61 -0.03
C GLN C 50 34.68 4.14 -0.08
N PRO C 51 35.06 3.62 -1.24
CA PRO C 51 35.52 2.22 -1.31
C PRO C 51 36.88 2.02 -0.64
N LEU C 52 37.09 0.79 -0.18
CA LEU C 52 38.32 0.38 0.49
C LEU C 52 38.89 -0.86 -0.21
N GLY C 53 40.13 -1.20 0.12
CA GLY C 53 40.84 -2.27 -0.56
C GLY C 53 40.83 -2.20 -2.08
N THR C 54 40.32 -3.25 -2.73
CA THR C 54 40.27 -3.33 -4.19
C THR C 54 38.87 -3.20 -4.76
N THR C 55 37.88 -2.92 -3.91
CA THR C 55 36.46 -2.86 -4.27
C THR C 55 36.23 -1.99 -5.51
N PRO C 56 35.62 -2.53 -6.55
CA PRO C 56 35.28 -1.71 -7.72
C PRO C 56 33.90 -1.07 -7.56
N VAL C 57 33.47 -0.32 -8.56
CA VAL C 57 32.13 0.26 -8.51
C VAL C 57 31.07 -0.72 -9.02
N SER C 58 31.35 -1.36 -10.17
CA SER C 58 30.38 -2.17 -10.89
C SER C 58 30.66 -3.66 -10.73
N VAL C 59 29.59 -4.44 -10.70
CA VAL C 59 29.74 -5.90 -10.74
C VAL C 59 30.54 -6.31 -11.98
N SER C 60 30.41 -5.57 -13.07
CA SER C 60 31.10 -5.93 -14.29
C SER C 60 32.60 -5.80 -14.19
N GLN C 61 33.14 -5.20 -13.11
CA GLN C 61 34.58 -5.11 -12.91
C GLN C 61 35.06 -5.96 -11.74
N LEU C 62 34.19 -6.81 -11.20
CA LEU C 62 34.47 -7.54 -9.99
C LEU C 62 35.08 -8.93 -10.26
N CYS C 63 36.08 -9.30 -9.44
CA CYS C 63 36.74 -10.60 -9.57
C CYS C 63 37.38 -10.77 -10.94
N LYS C 64 38.03 -9.72 -11.43
CA LYS C 64 38.51 -9.61 -12.79
C LYS C 64 39.93 -9.09 -12.77
N PHE C 65 40.70 -9.43 -13.80
CA PHE C 65 42.11 -9.07 -13.86
C PHE C 65 42.51 -8.77 -15.29
N ARG C 66 43.52 -7.92 -15.44
CA ARG C 66 44.06 -7.56 -16.74
C ARG C 66 45.56 -7.45 -16.62
N GLY C 67 46.26 -7.79 -17.70
CA GLY C 67 47.72 -7.83 -17.65
C GLY C 67 48.31 -8.12 -19.02
N ARG C 68 49.59 -7.76 -19.15
CA ARG C 68 50.42 -8.12 -20.29
C ARG C 68 51.16 -9.42 -19.98
N ILE C 69 51.28 -10.28 -20.99
CA ILE C 69 52.08 -11.49 -20.87
C ILE C 69 52.82 -11.70 -22.18
N THR C 70 54.07 -12.12 -22.08
CA THR C 70 54.93 -12.29 -23.25
C THR C 70 54.91 -13.73 -23.74
N SER C 71 54.87 -13.90 -25.07
CA SER C 71 54.70 -15.20 -25.71
C SER C 71 55.64 -16.26 -25.14
N GLY C 72 55.08 -17.41 -24.78
CA GLY C 72 55.85 -18.47 -24.17
C GLY C 72 56.10 -18.34 -22.69
N GLN C 73 55.88 -17.16 -22.10
CA GLN C 73 56.11 -16.90 -20.69
C GLN C 73 54.87 -17.17 -19.84
N ARG C 74 55.05 -17.03 -18.52
CA ARG C 74 53.96 -17.16 -17.56
C ARG C 74 53.79 -15.95 -16.65
N VAL C 75 54.60 -14.90 -16.79
CA VAL C 75 54.44 -13.72 -15.95
C VAL C 75 53.38 -12.81 -16.57
N LEU C 76 52.32 -12.57 -15.81
CA LEU C 76 51.28 -11.60 -16.13
C LEU C 76 51.60 -10.30 -15.41
N ASN C 77 51.88 -9.25 -16.16
CA ASN C 77 52.18 -7.95 -15.57
C ASN C 77 50.85 -7.20 -15.46
N LEU C 78 50.31 -7.11 -14.26
CA LEU C 78 48.94 -6.65 -14.12
C LEU C 78 48.84 -5.16 -14.38
N THR C 79 47.67 -4.77 -14.86
CA THR C 79 47.24 -3.39 -14.99
C THR C 79 45.83 -3.26 -14.40
N GLU C 80 45.35 -2.02 -14.32
CA GLU C 80 43.95 -1.78 -14.08
C GLU C 80 43.15 -2.35 -15.25
N LEU C 81 41.87 -2.65 -14.99
CA LEU C 81 41.03 -3.32 -15.98
C LEU C 81 40.89 -2.53 -17.29
N ASP C 82 41.14 -1.22 -17.29
CA ASP C 82 41.07 -0.43 -18.53
C ASP C 82 42.43 -0.29 -19.23
N GLY C 83 43.41 -1.12 -18.87
CA GLY C 83 44.71 -1.14 -19.52
C GLY C 83 45.71 -0.11 -19.04
N SER C 84 45.31 0.85 -18.22
CA SER C 84 46.23 1.85 -17.70
C SER C 84 47.06 1.28 -16.55
N PRO C 85 48.15 1.92 -16.18
CA PRO C 85 49.04 1.31 -15.18
C PRO C 85 48.45 1.31 -13.78
N PHE C 86 48.74 0.24 -13.03
CA PHE C 86 48.33 0.14 -11.62
C PHE C 86 49.41 0.76 -10.73
N MET C 87 49.04 1.84 -10.05
CA MET C 87 49.90 2.48 -9.06
C MET C 87 49.35 2.15 -7.67
N ALA C 88 50.16 1.49 -6.85
CA ALA C 88 49.70 0.96 -5.56
C ALA C 88 49.64 2.06 -4.50
N PHE C 89 48.91 3.12 -4.83
CA PHE C 89 48.73 4.22 -3.89
C PHE C 89 47.91 3.78 -2.68
N ALA C 90 46.86 3.02 -2.90
CA ALA C 90 45.82 2.82 -1.89
C ALA C 90 45.44 1.35 -1.80
N ALA C 91 45.29 0.71 -2.95
CA ALA C 91 44.86 -0.67 -3.02
C ALA C 91 46.07 -1.60 -3.05
N PRO C 92 45.86 -2.84 -2.70
CA PRO C 92 46.96 -3.80 -2.77
C PRO C 92 46.88 -4.67 -4.02
N ALA C 93 46.22 -4.16 -5.06
CA ALA C 93 45.96 -4.86 -6.31
C ALA C 93 45.13 -3.94 -7.18
N PRO C 94 45.09 -4.15 -8.50
CA PRO C 94 44.22 -3.31 -9.33
C PRO C 94 42.77 -3.44 -8.89
N ALA C 95 42.04 -2.33 -9.04
CA ALA C 95 40.61 -2.36 -8.83
C ALA C 95 39.99 -3.62 -9.44
N GLY C 96 39.23 -4.34 -8.61
CA GLY C 96 38.48 -5.49 -9.04
C GLY C 96 39.20 -6.82 -8.90
N PHE C 97 40.52 -6.79 -8.82
CA PHE C 97 41.33 -8.00 -8.73
C PHE C 97 40.80 -8.92 -7.62
N PRO C 98 40.76 -10.24 -7.86
CA PRO C 98 40.12 -11.16 -6.89
C PRO C 98 40.73 -11.10 -5.51
N ASP C 99 39.99 -11.63 -4.53
CA ASP C 99 40.41 -11.68 -3.14
C ASP C 99 40.07 -13.01 -2.50
N LEU C 100 39.90 -14.04 -3.30
CA LEU C 100 39.54 -15.33 -2.73
C LEU C 100 40.82 -15.98 -2.25
N GLY C 101 41.03 -15.96 -0.93
CA GLY C 101 42.19 -16.63 -0.39
C GLY C 101 41.96 -18.12 -0.20
N SER C 102 43.02 -18.81 0.22
CA SER C 102 43.01 -20.24 0.53
C SER C 102 42.27 -21.04 -0.53
N CYS C 103 42.79 -20.92 -1.75
CA CYS C 103 42.29 -21.66 -2.88
C CYS C 103 43.20 -21.36 -4.05
N ASP C 104 43.27 -22.29 -4.99
CA ASP C 104 43.83 -22.06 -6.30
C ASP C 104 42.74 -21.49 -7.20
N TRP C 105 43.16 -20.63 -8.14
CA TRP C 105 42.29 -20.02 -9.13
C TRP C 105 42.53 -20.67 -10.46
N HIS C 106 41.49 -21.24 -11.05
CA HIS C 106 41.54 -21.68 -12.43
C HIS C 106 40.83 -20.60 -13.25
N ILE C 107 41.62 -19.87 -14.04
CA ILE C 107 41.18 -18.66 -14.70
C ILE C 107 40.89 -18.93 -16.17
N GLU C 108 40.20 -18.00 -16.78
CA GLU C 108 39.97 -17.96 -18.21
C GLU C 108 40.19 -16.52 -18.64
N MET C 109 40.69 -16.34 -19.86
CA MET C 109 41.07 -15.01 -20.30
C MET C 109 41.07 -14.98 -21.82
N SER C 110 41.14 -13.77 -22.37
CA SER C 110 41.28 -13.63 -23.82
C SER C 110 41.89 -12.26 -24.14
N LYS C 111 42.54 -12.21 -25.31
CA LYS C 111 43.20 -10.99 -25.75
C LYS C 111 42.16 -9.93 -26.06
N ILE C 112 42.36 -8.75 -25.50
CA ILE C 112 41.52 -7.59 -25.76
C ILE C 112 42.40 -6.56 -26.47
N PRO C 113 41.95 -5.95 -27.57
CA PRO C 113 40.67 -6.08 -28.27
C PRO C 113 40.69 -7.30 -29.16
N ASN C 114 39.55 -7.73 -29.71
CA ASN C 114 39.60 -8.86 -30.62
C ASN C 114 40.27 -8.43 -31.91
N SER C 115 41.14 -9.29 -32.42
CA SER C 115 41.68 -9.14 -33.77
C SER C 115 41.57 -10.44 -34.56
N SER C 116 40.94 -11.47 -34.01
CA SER C 116 40.77 -12.75 -34.66
C SER C 116 39.56 -12.76 -35.61
N THR C 117 39.62 -13.66 -36.59
CA THR C 117 38.53 -13.98 -37.50
C THR C 117 38.08 -15.43 -37.39
N GLN C 118 38.92 -16.31 -36.85
CA GLN C 118 38.59 -17.71 -36.64
C GLN C 118 38.95 -18.09 -35.21
N ASN C 119 38.77 -19.38 -34.89
CA ASN C 119 39.24 -20.02 -33.67
C ASN C 119 38.68 -19.44 -32.37
N ASN C 120 38.85 -20.20 -31.29
CA ASN C 120 38.31 -19.82 -30.01
C ASN C 120 39.28 -18.90 -29.30
N PRO C 121 38.85 -17.71 -28.84
CA PRO C 121 39.79 -16.77 -28.21
C PRO C 121 40.11 -17.10 -26.77
N ILE C 122 39.34 -17.96 -26.13
CA ILE C 122 39.47 -18.20 -24.69
C ILE C 122 40.74 -18.97 -24.42
N VAL C 123 41.38 -18.62 -23.31
CA VAL C 123 42.58 -19.29 -22.82
C VAL C 123 42.28 -19.68 -21.40
N THR C 124 42.62 -20.90 -21.03
CA THR C 124 42.47 -21.31 -19.65
C THR C 124 43.85 -21.44 -19.03
N ASN C 125 43.90 -21.27 -17.71
CA ASN C 125 45.15 -21.28 -16.98
C ASN C 125 44.80 -21.32 -15.50
N SER C 126 45.81 -21.26 -14.64
CA SER C 126 45.54 -21.33 -13.22
C SER C 126 46.66 -20.61 -12.44
N VAL C 127 46.32 -20.12 -11.24
CA VAL C 127 47.27 -19.45 -10.37
C VAL C 127 47.26 -20.14 -9.01
N LYS C 128 48.44 -20.37 -8.45
CA LYS C 128 48.54 -20.78 -7.06
C LYS C 128 48.89 -19.54 -6.27
N PRO C 129 47.94 -18.84 -5.66
CA PRO C 129 48.26 -17.54 -5.05
C PRO C 129 49.14 -17.61 -3.82
N ASN C 130 49.27 -18.77 -3.17
CA ASN C 130 50.13 -18.83 -1.98
C ASN C 130 51.60 -18.97 -2.33
N SER C 131 51.94 -19.07 -3.61
CA SER C 131 53.34 -19.07 -3.98
C SER C 131 53.92 -17.67 -3.83
N GLN C 132 55.24 -17.60 -3.90
CA GLN C 132 55.95 -16.34 -3.71
C GLN C 132 55.99 -15.49 -4.96
N GLN C 133 55.59 -16.03 -6.10
CA GLN C 133 55.57 -15.23 -7.30
C GLN C 133 54.30 -14.42 -7.41
N PHE C 134 53.43 -14.50 -6.39
CA PHE C 134 52.11 -13.86 -6.42
C PHE C 134 52.22 -12.50 -5.76
N VAL C 135 52.58 -11.49 -6.53
CA VAL C 135 52.78 -10.16 -5.97
C VAL C 135 51.92 -9.14 -6.70
N PRO C 136 50.60 -9.16 -6.51
CA PRO C 136 49.76 -8.17 -7.20
C PRO C 136 49.99 -6.74 -6.74
N HIS C 137 50.41 -6.54 -5.49
CA HIS C 137 50.86 -5.21 -5.07
C HIS C 137 51.94 -4.68 -5.99
N LEU C 138 52.86 -5.55 -6.40
CA LEU C 138 53.95 -5.22 -7.31
C LEU C 138 53.53 -5.30 -8.78
N SER C 139 52.25 -5.57 -9.04
CA SER C 139 51.71 -5.61 -10.38
C SER C 139 52.23 -6.79 -11.17
N SER C 140 52.56 -7.91 -10.51
CA SER C 140 52.87 -9.09 -11.30
C SER C 140 52.46 -10.35 -10.55
N ILE C 141 51.97 -11.34 -11.31
CA ILE C 141 51.65 -12.67 -10.80
C ILE C 141 52.10 -13.67 -11.85
N THR C 142 52.43 -14.88 -11.42
CA THR C 142 52.91 -15.89 -12.34
C THR C 142 51.90 -17.03 -12.48
N LEU C 143 51.55 -17.35 -13.72
CA LEU C 143 50.57 -18.39 -13.98
C LEU C 143 51.24 -19.75 -13.99
N ASP C 144 50.41 -20.79 -14.00
CA ASP C 144 50.91 -22.16 -13.87
C ASP C 144 51.38 -22.72 -15.20
N GLU C 145 50.75 -22.30 -16.30
CA GLU C 145 51.07 -22.73 -17.66
C GLU C 145 51.55 -21.53 -18.47
N ASN C 146 52.43 -21.80 -19.43
CA ASN C 146 52.84 -20.76 -20.36
C ASN C 146 51.69 -20.35 -21.26
N VAL C 147 51.84 -19.18 -21.86
CA VAL C 147 50.86 -18.63 -22.78
C VAL C 147 51.52 -18.51 -24.15
N SER C 148 50.91 -19.16 -25.16
CA SER C 148 51.38 -19.16 -26.54
C SER C 148 51.53 -17.74 -27.02
N SER C 149 50.40 -17.15 -27.40
CA SER C 149 50.33 -15.84 -28.00
C SER C 149 50.36 -14.79 -26.90
N GLY C 150 51.44 -14.00 -26.86
CA GLY C 150 51.46 -12.85 -25.98
C GLY C 150 50.43 -11.80 -26.39
N GLY C 151 50.18 -10.88 -25.48
CA GLY C 151 49.23 -9.84 -25.76
C GLY C 151 48.62 -9.28 -24.48
N ASP C 152 47.55 -8.53 -24.67
CA ASP C 152 46.86 -7.80 -23.62
C ASP C 152 45.61 -8.59 -23.20
N TYR C 153 45.63 -9.14 -21.99
CA TYR C 153 44.62 -10.11 -21.57
C TYR C 153 43.73 -9.55 -20.45
N ILE C 154 42.42 -9.78 -20.58
CA ILE C 154 41.48 -9.60 -19.49
C ILE C 154 40.76 -10.92 -19.24
N GLY C 155 40.72 -11.35 -17.98
CA GLY C 155 40.11 -12.61 -17.62
C GLY C 155 39.48 -12.61 -16.25
N THR C 156 39.04 -13.79 -15.81
CA THR C 156 38.30 -13.90 -14.56
C THR C 156 38.62 -15.24 -13.95
N ILE C 157 38.09 -15.49 -12.75
CA ILE C 157 38.22 -16.79 -12.13
C ILE C 157 37.07 -17.63 -12.64
N GLN C 158 37.43 -18.73 -13.32
CA GLN C 158 36.41 -19.64 -13.82
C GLN C 158 35.98 -20.63 -12.74
N TRP C 159 36.92 -21.20 -11.99
CA TRP C 159 36.55 -22.12 -10.91
C TRP C 159 37.70 -22.24 -9.92
N THR C 160 37.34 -22.41 -8.65
CA THR C 160 38.29 -22.53 -7.57
C THR C 160 38.49 -24.00 -7.20
N SER C 161 39.60 -24.28 -6.54
CA SER C 161 39.92 -25.60 -6.03
C SER C 161 40.73 -25.40 -4.76
N PRO C 162 40.84 -26.42 -3.91
CA PRO C 162 41.59 -26.25 -2.67
C PRO C 162 43.06 -26.00 -2.97
N PRO C 163 43.77 -25.29 -2.09
CA PRO C 163 45.05 -24.68 -2.50
C PRO C 163 46.19 -25.69 -2.58
N SER C 164 47.05 -25.49 -3.57
CA SER C 164 48.26 -26.28 -3.69
C SER C 164 49.34 -25.77 -2.74
N ASP C 165 50.10 -26.71 -2.15
CA ASP C 165 51.27 -26.40 -1.32
C ASP C 165 50.88 -25.60 -0.08
N SER C 166 49.88 -26.09 0.65
CA SER C 166 49.36 -25.36 1.80
C SER C 166 48.99 -26.27 2.97
N GLY C 167 49.54 -27.48 3.03
CA GLY C 167 49.19 -28.41 4.09
C GLY C 167 47.90 -29.16 3.85
N GLY C 168 47.61 -29.53 2.59
CA GLY C 168 46.42 -30.24 2.16
C GLY C 168 45.13 -29.64 2.71
N ALA C 169 45.09 -28.31 2.75
CA ALA C 169 44.04 -27.56 3.39
C ALA C 169 42.87 -27.37 2.43
N ASN C 170 41.69 -27.10 3.00
CA ASN C 170 40.50 -26.98 2.16
C ASN C 170 40.34 -25.57 1.64
N THR C 171 39.54 -25.44 0.59
CA THR C 171 39.06 -24.13 0.17
C THR C 171 38.42 -23.43 1.37
N ASN C 172 38.90 -22.23 1.67
CA ASN C 172 38.42 -21.45 2.81
C ASN C 172 38.23 -20.02 2.31
N PHE C 173 37.00 -19.71 1.90
CA PHE C 173 36.70 -18.41 1.30
C PHE C 173 36.62 -17.28 2.33
N TRP C 174 36.78 -17.62 3.61
CA TRP C 174 36.84 -16.66 4.69
C TRP C 174 38.18 -15.95 4.77
N LYS C 175 39.11 -16.32 3.90
CA LYS C 175 40.46 -15.80 3.91
C LYS C 175 40.71 -14.94 2.66
N ILE C 176 41.68 -14.06 2.77
CA ILE C 176 42.10 -13.28 1.59
C ILE C 176 43.46 -13.78 1.14
N PRO C 177 43.86 -13.54 -0.11
CA PRO C 177 45.18 -13.99 -0.55
C PRO C 177 46.27 -13.08 0.02
N ASP C 178 47.50 -13.58 0.00
CA ASP C 178 48.65 -12.80 0.45
C ASP C 178 49.08 -11.92 -0.70
N TYR C 179 48.78 -10.63 -0.61
CA TYR C 179 48.97 -9.72 -1.73
C TYR C 179 50.42 -9.41 -1.99
N GLY C 180 51.31 -9.93 -1.15
CA GLY C 180 52.72 -10.08 -1.47
C GLY C 180 53.60 -8.89 -1.19
N SER C 181 53.42 -8.24 -0.05
CA SER C 181 54.33 -7.17 0.33
C SER C 181 54.39 -7.14 1.85
N SER C 182 55.38 -7.82 2.40
CA SER C 182 55.68 -7.71 3.83
C SER C 182 57.14 -7.28 4.00
N LEU C 183 57.75 -6.78 2.92
CA LEU C 183 59.19 -6.62 2.82
C LEU C 183 59.65 -5.24 3.30
N ALA C 184 59.71 -4.30 2.35
CA ALA C 184 59.99 -2.91 2.61
C ALA C 184 58.73 -2.06 2.45
N GLU C 185 57.57 -2.68 2.57
CA GLU C 185 56.31 -2.03 2.26
C GLU C 185 55.23 -2.78 3.05
N ALA C 186 54.36 -2.03 3.73
CA ALA C 186 53.20 -2.58 4.42
C ALA C 186 52.01 -2.57 3.47
N SER C 187 51.37 -3.73 3.30
CA SER C 187 50.32 -3.84 2.28
C SER C 187 49.22 -2.84 2.60
N GLN C 188 48.84 -2.07 1.58
CA GLN C 188 47.78 -1.09 1.69
C GLN C 188 46.42 -1.78 1.83
N LEU C 189 46.34 -2.71 2.80
CA LEU C 189 45.21 -3.61 3.01
C LEU C 189 44.08 -2.91 3.73
N ALA C 190 42.88 -2.94 3.16
CA ALA C 190 41.69 -2.51 3.88
C ALA C 190 41.59 -3.25 5.21
N PRO C 191 41.14 -2.58 6.26
CA PRO C 191 41.28 -3.12 7.62
C PRO C 191 40.39 -4.33 7.93
N ALA C 192 40.90 -5.20 8.80
CA ALA C 192 40.12 -6.32 9.31
C ALA C 192 38.82 -5.85 9.96
N VAL C 193 37.80 -6.71 9.93
CA VAL C 193 36.51 -6.42 10.54
C VAL C 193 36.26 -7.47 11.61
N TYR C 194 35.84 -7.03 12.81
CA TYR C 194 35.60 -7.91 13.95
C TYR C 194 34.15 -7.80 14.44
N PRO C 195 33.58 -8.89 14.93
CA PRO C 195 32.27 -8.81 15.58
C PRO C 195 32.32 -7.78 16.70
N PRO C 196 31.49 -6.73 16.64
CA PRO C 196 31.63 -5.59 17.56
C PRO C 196 31.10 -5.85 18.97
N GLY C 197 31.54 -6.97 19.56
CA GLY C 197 31.12 -7.36 20.90
C GLY C 197 29.62 -7.60 20.96
N PHE C 198 29.03 -7.22 22.10
CA PHE C 198 27.59 -6.95 22.28
C PHE C 198 26.69 -8.09 21.80
N ASN C 199 27.20 -9.32 21.85
CA ASN C 199 26.48 -10.52 21.42
C ASN C 199 26.18 -10.52 19.92
N GLU C 200 26.65 -9.51 19.19
CA GLU C 200 26.33 -9.29 17.79
C GLU C 200 27.15 -10.23 16.90
N VAL C 201 26.64 -10.46 15.69
CA VAL C 201 27.32 -11.24 14.67
C VAL C 201 27.47 -10.37 13.42
N ILE C 202 28.45 -10.68 12.60
CA ILE C 202 28.53 -10.09 11.27
C ILE C 202 27.69 -10.93 10.33
N VAL C 203 26.87 -10.28 9.53
CA VAL C 203 25.99 -10.94 8.57
C VAL C 203 26.70 -10.97 7.22
N TYR C 204 26.81 -12.17 6.63
CA TYR C 204 27.46 -12.34 5.35
C TYR C 204 26.44 -12.77 4.29
N PHE C 205 26.60 -12.25 3.07
CA PHE C 205 25.76 -12.62 1.93
C PHE C 205 26.49 -13.60 1.04
N MET C 206 25.96 -14.81 0.92
CA MET C 206 26.59 -15.90 0.20
C MET C 206 26.23 -15.88 -1.28
N ALA C 207 27.15 -16.44 -2.09
CA ALA C 207 26.90 -16.78 -3.48
C ALA C 207 27.82 -17.93 -3.84
N SER C 208 27.70 -18.43 -5.06
CA SER C 208 28.40 -19.65 -5.43
C SER C 208 29.35 -19.41 -6.60
N ILE C 209 30.52 -20.03 -6.51
CA ILE C 209 31.56 -20.03 -7.54
C ILE C 209 31.77 -21.49 -7.87
N PRO C 210 32.01 -21.86 -9.13
CA PRO C 210 32.23 -23.27 -9.45
C PRO C 210 33.48 -23.84 -8.78
N GLY C 211 33.53 -25.17 -8.69
CA GLY C 211 34.74 -25.82 -8.26
C GLY C 211 34.56 -26.80 -7.12
N PRO C 212 35.47 -27.76 -7.03
CA PRO C 212 35.36 -28.79 -5.98
C PRO C 212 35.95 -28.33 -4.67
N ASN C 213 35.54 -29.00 -3.60
CA ASN C 213 36.19 -28.84 -2.29
C ASN C 213 36.17 -30.20 -1.58
N GLN C 214 36.81 -30.27 -0.41
CA GLN C 214 37.06 -31.57 0.21
C GLN C 214 35.77 -32.26 0.63
N SER C 215 34.80 -31.50 1.17
CA SER C 215 33.50 -32.02 1.60
C SER C 215 32.50 -32.15 0.45
N GLY C 216 32.88 -31.84 -0.78
CA GLY C 216 31.98 -32.02 -1.92
C GLY C 216 30.68 -31.26 -1.77
N SER C 217 30.74 -30.06 -1.21
CA SER C 217 29.56 -29.31 -0.78
C SER C 217 29.46 -27.97 -1.52
N PRO C 218 28.32 -27.24 -1.36
CA PRO C 218 28.24 -25.89 -1.94
C PRO C 218 29.51 -25.08 -1.75
N ASN C 219 29.92 -24.37 -2.80
CA ASN C 219 31.18 -23.64 -2.85
C ASN C 219 30.88 -22.16 -2.69
N LEU C 220 30.57 -21.75 -1.47
CA LEU C 220 29.95 -20.46 -1.23
C LEU C 220 30.98 -19.40 -0.79
N VAL C 221 30.86 -18.21 -1.36
CA VAL C 221 31.74 -17.09 -1.11
C VAL C 221 30.98 -16.07 -0.27
N PRO C 222 31.48 -15.74 0.93
CA PRO C 222 30.79 -14.75 1.77
C PRO C 222 31.30 -13.34 1.51
N CYS C 223 30.38 -12.40 1.40
CA CYS C 223 30.75 -11.00 1.27
C CYS C 223 30.03 -10.21 2.35
N LEU C 224 30.43 -8.94 2.52
CA LEU C 224 29.94 -8.14 3.64
C LEU C 224 28.74 -7.27 3.26
N LEU C 225 28.60 -6.92 1.98
CA LEU C 225 27.51 -6.09 1.49
C LEU C 225 27.20 -6.45 0.04
N PRO C 226 25.95 -6.31 -0.40
CA PRO C 226 25.67 -6.44 -1.83
C PRO C 226 26.32 -5.33 -2.63
N GLN C 227 26.86 -5.70 -3.80
CA GLN C 227 27.47 -4.70 -4.68
C GLN C 227 26.53 -3.57 -5.03
N GLU C 228 25.24 -3.86 -5.17
CA GLU C 228 24.33 -2.78 -5.54
C GLU C 228 24.20 -1.74 -4.42
N TYR C 229 24.40 -2.14 -3.17
CA TYR C 229 24.46 -1.18 -2.06
C TYR C 229 25.73 -0.32 -2.17
N ILE C 230 26.87 -0.95 -2.42
CA ILE C 230 28.14 -0.24 -2.61
C ILE C 230 28.04 0.77 -3.75
N THR C 231 27.42 0.39 -4.87
CA THR C 231 27.26 1.34 -5.96
C THR C 231 26.39 2.50 -5.56
N HIS C 232 25.34 2.22 -4.78
CA HIS C 232 24.46 3.25 -4.27
C HIS C 232 25.21 4.23 -3.38
N PHE C 233 25.87 3.71 -2.34
CA PHE C 233 26.62 4.56 -1.41
C PHE C 233 27.59 5.51 -2.13
N ILE C 234 28.29 5.03 -3.16
CA ILE C 234 29.29 5.84 -3.85
C ILE C 234 28.61 6.98 -4.60
N SER C 235 27.47 6.69 -5.25
CA SER C 235 26.71 7.72 -5.94
C SER C 235 26.06 8.69 -4.94
N GLU C 236 25.58 8.16 -3.81
CA GLU C 236 24.85 9.01 -2.87
C GLU C 236 25.80 9.93 -2.09
N GLN C 237 26.87 9.36 -1.54
CA GLN C 237 27.72 10.03 -0.56
C GLN C 237 26.84 10.66 0.52
N ALA C 238 26.25 9.78 1.32
CA ALA C 238 25.20 10.18 2.24
C ALA C 238 25.85 10.58 3.54
N PRO C 239 25.77 11.87 3.94
CA PRO C 239 26.28 12.26 5.27
C PRO C 239 25.90 11.26 6.33
N ILE C 240 26.87 10.87 7.10
CA ILE C 240 26.66 9.92 8.19
C ILE C 240 26.40 10.69 9.48
N GLN C 241 25.39 10.27 10.24
CA GLN C 241 25.00 11.04 11.41
C GLN C 241 24.75 10.15 12.62
N GLY C 242 25.52 9.09 12.78
CA GLY C 242 25.29 8.21 13.91
C GLY C 242 26.36 7.15 13.98
N GLU C 243 26.51 6.60 15.17
CA GLU C 243 27.38 5.45 15.36
C GLU C 243 26.89 4.21 14.61
N ALA C 244 25.73 4.27 13.95
CA ALA C 244 25.15 3.12 13.25
C ALA C 244 23.98 3.58 12.39
N ALA C 245 23.64 2.75 11.41
CA ALA C 245 22.34 2.79 10.73
C ALA C 245 21.56 1.56 11.19
N LEU C 246 20.48 1.79 11.95
CA LEU C 246 19.54 0.71 12.21
C LEU C 246 18.78 0.40 10.93
N LEU C 247 18.70 -0.88 10.60
CA LEU C 247 17.98 -1.34 9.41
C LEU C 247 16.98 -2.42 9.81
N HIS C 248 15.86 -2.46 9.09
CA HIS C 248 14.90 -3.55 9.19
C HIS C 248 14.89 -4.37 7.90
N TYR C 249 14.75 -5.69 8.05
CA TYR C 249 14.48 -6.59 6.93
C TYR C 249 12.98 -6.77 6.78
N VAL C 250 12.40 -6.17 5.73
CA VAL C 250 10.97 -5.98 5.56
C VAL C 250 10.41 -6.91 4.48
N ASP C 251 9.16 -7.36 4.68
CA ASP C 251 8.35 -7.98 3.63
C ASP C 251 7.70 -6.85 2.84
N PRO C 252 8.07 -6.64 1.57
CA PRO C 252 7.60 -5.44 0.86
C PRO C 252 6.14 -5.49 0.45
N ASP C 253 5.49 -6.64 0.66
CA ASP C 253 4.06 -6.83 0.35
C ASP C 253 3.20 -6.33 1.52
N THR C 254 3.21 -7.11 2.62
CA THR C 254 2.57 -6.71 3.88
C THR C 254 3.16 -5.40 4.41
N ASN C 255 4.45 -5.13 4.15
CA ASN C 255 5.15 -3.91 4.55
C ASN C 255 5.56 -3.96 6.04
N ARG C 256 6.09 -5.10 6.48
CA ARG C 256 6.43 -5.24 7.89
C ARG C 256 7.84 -5.80 8.07
N ASN C 257 8.49 -5.39 9.17
CA ASN C 257 9.86 -5.83 9.51
C ASN C 257 9.88 -7.24 10.06
N LEU C 258 11.03 -7.91 9.85
CA LEU C 258 11.33 -9.24 10.38
C LEU C 258 12.51 -9.25 11.33
N GLY C 259 13.29 -8.18 11.40
CA GLY C 259 14.48 -8.23 12.23
C GLY C 259 15.19 -6.90 12.32
N GLU C 260 16.08 -6.84 13.30
CA GLU C 260 16.84 -5.67 13.67
C GLU C 260 18.29 -5.83 13.24
N PHE C 261 18.77 -4.92 12.38
CA PHE C 261 20.13 -4.94 11.86
C PHE C 261 20.80 -3.59 12.00
N LYS C 262 22.02 -3.61 12.56
CA LYS C 262 22.88 -2.46 12.69
C LYS C 262 23.90 -2.48 11.54
N LEU C 263 23.84 -1.48 10.66
CA LEU C 263 24.84 -1.30 9.61
C LEU C 263 25.85 -0.23 10.03
N TYR C 264 27.08 -0.66 10.37
CA TYR C 264 28.11 0.25 10.86
C TYR C 264 28.75 1.05 9.71
N PRO C 265 29.39 2.17 10.05
CA PRO C 265 29.89 3.07 8.99
C PRO C 265 31.05 2.51 8.18
N GLY C 266 31.85 1.62 8.77
CA GLY C 266 32.89 0.93 8.02
C GLY C 266 32.35 0.27 6.76
N GLY C 267 31.18 -0.36 6.87
CA GLY C 267 30.50 -0.92 5.73
C GLY C 267 30.20 -2.38 5.93
N TYR C 268 29.91 -2.76 7.17
CA TYR C 268 29.44 -4.09 7.51
C TYR C 268 28.13 -3.99 8.29
N LEU C 269 27.41 -5.11 8.36
CA LEU C 269 26.07 -5.16 8.94
C LEU C 269 26.03 -6.25 9.98
N THR C 270 25.37 -5.99 11.11
CA THR C 270 25.32 -6.94 12.21
C THR C 270 23.88 -7.25 12.62
N CYS C 271 23.73 -8.39 13.26
CA CYS C 271 22.47 -8.77 13.89
C CYS C 271 22.83 -9.52 15.18
N VAL C 272 21.81 -10.03 15.87
CA VAL C 272 22.05 -10.88 17.05
C VAL C 272 21.29 -12.19 16.89
N PRO C 273 21.93 -13.34 17.10
CA PRO C 273 21.24 -14.63 16.95
C PRO C 273 20.28 -14.92 18.09
N ASN C 274 19.50 -15.98 17.91
CA ASN C 274 18.53 -16.42 18.88
C ASN C 274 19.00 -17.63 19.68
N SER C 275 19.88 -18.43 19.08
CA SER C 275 20.35 -19.64 19.72
C SER C 275 21.63 -20.09 19.03
N SER C 276 22.24 -21.15 19.58
CA SER C 276 23.46 -21.76 19.06
C SER C 276 23.31 -22.26 17.63
N SER C 277 22.08 -22.48 17.16
CA SER C 277 21.87 -22.99 15.81
C SER C 277 20.82 -22.19 15.05
N THR C 278 20.54 -20.95 15.44
CA THR C 278 19.63 -20.11 14.66
C THR C 278 20.26 -18.77 14.30
N GLY C 279 19.48 -17.92 13.64
CA GLY C 279 19.94 -16.63 13.23
C GLY C 279 19.37 -16.23 11.89
N PRO C 280 20.11 -15.41 11.14
CA PRO C 280 19.55 -14.79 9.93
C PRO C 280 19.50 -15.72 8.72
N GLN C 281 20.16 -16.87 8.80
CA GLN C 281 20.09 -17.85 7.71
C GLN C 281 18.64 -18.26 7.42
N GLN C 282 17.79 -18.30 8.44
CA GLN C 282 16.39 -18.71 8.35
C GLN C 282 15.48 -17.65 7.76
N LEU C 283 15.95 -16.44 7.47
CA LEU C 283 15.06 -15.44 6.91
C LEU C 283 14.75 -15.81 5.47
N PRO C 284 13.76 -15.18 4.88
CA PRO C 284 13.60 -15.30 3.43
C PRO C 284 14.67 -14.57 2.66
N LEU C 285 14.49 -14.47 1.34
CA LEU C 285 15.33 -13.63 0.48
C LEU C 285 14.48 -12.70 -0.38
N ASP C 286 13.19 -12.56 -0.08
CA ASP C 286 12.32 -11.66 -0.85
C ASP C 286 12.27 -10.26 -0.27
N GLY C 287 13.06 -9.99 0.78
CA GLY C 287 12.92 -8.79 1.57
C GLY C 287 13.84 -7.65 1.16
N VAL C 288 13.43 -6.44 1.52
CA VAL C 288 14.20 -5.22 1.30
C VAL C 288 14.74 -4.74 2.63
N PHE C 289 16.06 -4.54 2.72
CA PHE C 289 16.62 -3.87 3.88
C PHE C 289 16.22 -2.41 3.84
N VAL C 290 15.68 -1.91 4.93
CA VAL C 290 15.21 -0.53 4.94
C VAL C 290 15.79 0.20 6.14
N PHE C 291 16.23 1.44 5.89
CA PHE C 291 16.81 2.32 6.89
C PHE C 291 15.76 2.75 7.92
N ALA C 292 16.08 2.57 9.20
CA ALA C 292 15.25 3.07 10.30
C ALA C 292 15.77 4.42 10.78
N SER C 293 16.50 4.42 11.87
CA SER C 293 17.08 5.63 12.42
C SER C 293 18.60 5.48 12.49
N TRP C 294 19.26 6.62 12.70
CA TRP C 294 20.63 6.60 13.17
C TRP C 294 20.64 6.28 14.67
N VAL C 295 21.52 5.37 15.07
CA VAL C 295 21.48 4.76 16.40
C VAL C 295 22.91 4.79 16.96
N SER C 296 23.03 4.44 18.23
CA SER C 296 24.31 4.41 18.93
C SER C 296 24.77 2.97 19.13
N ARG C 297 26.08 2.79 19.08
CA ARG C 297 26.66 1.44 19.01
C ARG C 297 26.33 0.58 20.21
N PHE C 298 25.74 1.12 21.26
CA PHE C 298 25.42 0.33 22.44
C PHE C 298 24.05 -0.33 22.36
N TYR C 299 23.29 -0.09 21.27
CA TYR C 299 21.88 -0.46 21.21
C TYR C 299 21.71 -1.98 21.12
N GLN C 300 21.29 -2.60 22.23
CA GLN C 300 21.08 -4.05 22.24
C GLN C 300 19.99 -4.45 21.25
N LEU C 301 20.31 -5.42 20.40
CA LEU C 301 19.47 -5.81 19.26
C LEU C 301 18.43 -6.86 19.66
N LYS C 302 17.33 -6.90 18.89
CA LYS C 302 16.26 -7.86 19.15
C LYS C 302 16.56 -9.18 18.42
N PRO C 303 16.86 -10.26 19.14
CA PRO C 303 17.49 -11.45 18.54
C PRO C 303 16.74 -12.11 17.39
N VAL C 304 17.27 -11.96 16.16
CA VAL C 304 16.82 -12.72 15.00
C VAL C 304 16.90 -14.23 15.29
N GLY C 305 15.85 -14.96 14.92
CA GLY C 305 15.85 -16.39 15.17
C GLY C 305 14.51 -16.94 15.64
N THR C 306 14.38 -18.26 15.61
CA THR C 306 13.06 -18.84 15.85
C THR C 306 13.19 -20.31 16.25
N ALA C 307 12.10 -20.80 16.85
CA ALA C 307 12.01 -22.16 17.33
C ALA C 307 11.43 -23.09 16.25
N GLY C 308 11.45 -24.38 16.54
CA GLY C 308 10.79 -25.34 15.67
C GLY C 308 9.27 -25.28 15.81
N GLU D 10 -40.62 -5.80 -38.25
CA GLU D 10 -39.31 -5.85 -38.89
C GLU D 10 -38.34 -4.75 -38.43
N VAL D 11 -37.08 -5.13 -38.25
CA VAL D 11 -36.07 -4.25 -37.69
C VAL D 11 -35.69 -3.18 -38.72
N GLN D 12 -35.71 -1.92 -38.30
CA GLN D 12 -35.66 -0.85 -39.28
C GLN D 12 -35.43 0.50 -38.60
N LEU D 13 -34.56 1.31 -39.20
CA LEU D 13 -34.33 2.69 -38.81
C LEU D 13 -34.75 3.60 -39.95
N VAL D 14 -35.51 4.65 -39.65
CA VAL D 14 -35.97 5.59 -40.68
C VAL D 14 -35.61 7.00 -40.26
N GLU D 15 -35.00 7.74 -41.17
CA GLU D 15 -34.40 9.04 -40.91
C GLU D 15 -35.13 10.12 -41.69
N SER D 16 -35.18 11.32 -41.12
CA SER D 16 -35.99 12.35 -41.76
C SER D 16 -35.48 13.73 -41.38
N GLY D 17 -36.05 14.73 -42.03
CA GLY D 17 -35.86 16.10 -41.65
C GLY D 17 -34.68 16.79 -42.29
N GLY D 18 -34.02 16.14 -43.25
CA GLY D 18 -32.93 16.75 -43.98
C GLY D 18 -33.39 17.25 -45.33
N GLY D 19 -32.81 18.38 -45.76
CA GLY D 19 -33.07 18.88 -47.10
C GLY D 19 -32.81 20.34 -47.40
N LEU D 20 -31.83 20.59 -48.26
CA LEU D 20 -31.66 21.87 -48.97
C LEU D 20 -31.78 23.08 -48.04
N VAL D 21 -30.92 23.10 -47.04
CA VAL D 21 -30.69 24.25 -46.16
C VAL D 21 -29.48 25.00 -46.72
N LYS D 22 -29.18 26.18 -46.19
CA LYS D 22 -28.09 27.03 -46.66
C LYS D 22 -27.37 27.67 -45.49
N PRO D 23 -26.16 28.26 -45.68
CA PRO D 23 -25.18 28.31 -44.57
C PRO D 23 -25.60 29.19 -43.39
N GLY D 24 -25.01 28.86 -42.22
CA GLY D 24 -25.40 29.44 -40.94
C GLY D 24 -26.69 28.88 -40.36
N GLY D 25 -27.51 28.20 -41.16
CA GLY D 25 -28.81 27.71 -40.74
C GLY D 25 -28.74 26.48 -39.86
N SER D 26 -29.92 25.99 -39.48
CA SER D 26 -30.05 24.84 -38.60
C SER D 26 -30.85 23.75 -39.30
N LEU D 27 -30.77 22.53 -38.74
CA LEU D 27 -31.57 21.42 -39.23
C LEU D 27 -31.61 20.35 -38.16
N ARG D 28 -32.79 19.87 -37.84
CA ARG D 28 -32.95 18.79 -36.89
C ARG D 28 -33.30 17.53 -37.67
N LEU D 29 -32.42 16.55 -37.62
CA LEU D 29 -32.73 15.24 -38.19
C LEU D 29 -33.34 14.37 -37.11
N SER D 30 -34.19 13.44 -37.54
CA SER D 30 -34.76 12.43 -36.66
C SER D 30 -34.45 11.07 -37.26
N CYS D 31 -34.52 10.05 -36.43
CA CYS D 31 -34.34 8.68 -36.90
C CYS D 31 -35.25 7.79 -36.06
N ALA D 32 -36.04 6.95 -36.72
CA ALA D 32 -37.12 6.22 -36.07
C ALA D 32 -36.82 4.73 -36.09
N ALA D 33 -36.84 4.10 -34.93
CA ALA D 33 -36.51 2.69 -34.81
C ALA D 33 -37.77 1.87 -34.63
N SER D 34 -37.79 0.68 -35.23
CA SER D 34 -38.91 -0.23 -35.07
C SER D 34 -38.44 -1.64 -35.37
N GLY D 35 -38.96 -2.61 -34.61
CA GLY D 35 -38.53 -4.00 -34.73
C GLY D 35 -37.53 -4.44 -33.68
N PHE D 36 -37.15 -3.54 -32.78
CA PHE D 36 -36.19 -3.82 -31.74
C PHE D 36 -36.32 -2.74 -30.67
N THR D 37 -35.74 -3.01 -29.50
CA THR D 37 -35.88 -2.10 -28.37
C THR D 37 -34.90 -0.96 -28.57
N PHE D 38 -35.40 0.21 -28.95
CA PHE D 38 -34.51 1.34 -29.16
C PHE D 38 -33.60 1.55 -27.95
N SER D 39 -34.17 1.46 -26.74
CA SER D 39 -33.43 1.81 -25.53
C SER D 39 -32.24 0.89 -25.30
N SER D 40 -32.29 -0.34 -25.81
CA SER D 40 -31.22 -1.31 -25.67
C SER D 40 -30.06 -1.10 -26.66
N TYR D 41 -29.87 0.06 -27.29
CA TYR D 41 -28.86 0.11 -28.35
C TYR D 41 -28.15 1.46 -28.39
N ASN D 42 -26.81 1.40 -28.53
CA ASN D 42 -26.01 2.56 -28.89
C ASN D 42 -26.27 2.93 -30.35
N MET D 43 -26.20 4.22 -30.64
CA MET D 43 -26.60 4.74 -31.94
C MET D 43 -25.57 5.74 -32.42
N ASN D 44 -25.28 5.70 -33.72
CA ASN D 44 -24.39 6.67 -34.35
C ASN D 44 -25.10 7.39 -35.49
N TRP D 45 -24.50 8.53 -35.86
CA TRP D 45 -24.74 9.22 -37.13
C TRP D 45 -23.50 9.07 -38.00
N VAL D 46 -23.70 8.59 -39.23
CA VAL D 46 -22.63 8.53 -40.22
C VAL D 46 -23.14 9.23 -41.48
N ARG D 47 -22.37 10.16 -42.00
CA ARG D 47 -22.75 10.91 -43.18
C ARG D 47 -21.80 10.58 -44.32
N GLN D 48 -22.23 10.91 -45.54
CA GLN D 48 -21.61 10.40 -46.76
C GLN D 48 -21.83 11.44 -47.86
N ALA D 49 -20.84 12.31 -48.06
CA ALA D 49 -20.93 13.30 -49.11
C ALA D 49 -21.06 12.62 -50.46
N PRO D 50 -21.91 13.16 -51.37
CA PRO D 50 -22.07 12.57 -52.71
C PRO D 50 -20.76 12.18 -53.38
N GLY D 51 -20.53 10.89 -53.55
CA GLY D 51 -19.32 10.39 -54.19
C GLY D 51 -18.08 10.32 -53.31
N LYS D 52 -18.15 10.82 -52.08
CA LYS D 52 -17.04 10.81 -51.14
C LYS D 52 -17.16 9.60 -50.21
N GLY D 53 -16.38 9.59 -49.14
CA GLY D 53 -16.33 8.44 -48.25
C GLY D 53 -17.21 8.61 -47.03
N LEU D 54 -17.27 7.54 -46.25
CA LEU D 54 -18.03 7.58 -45.01
C LEU D 54 -17.29 8.42 -43.99
N GLU D 55 -18.03 9.27 -43.28
CA GLU D 55 -17.49 10.02 -42.16
C GLU D 55 -18.36 9.76 -40.94
N TRP D 56 -17.76 9.22 -39.88
CA TRP D 56 -18.51 9.08 -38.64
C TRP D 56 -18.71 10.46 -38.04
N VAL D 57 -19.95 10.76 -37.66
CA VAL D 57 -20.32 12.08 -37.17
C VAL D 57 -20.33 12.10 -35.66
N SER D 58 -21.08 11.18 -35.06
CA SER D 58 -21.41 11.26 -33.65
C SER D 58 -22.05 9.95 -33.21
N SER D 59 -22.22 9.82 -31.90
CA SER D 59 -22.54 8.54 -31.28
C SER D 59 -23.05 8.83 -29.88
N ILE D 60 -24.13 8.14 -29.49
CA ILE D 60 -24.73 8.30 -28.18
C ILE D 60 -25.00 6.93 -27.59
N SER D 61 -24.72 6.77 -26.31
CA SER D 61 -24.95 5.49 -25.66
C SER D 61 -26.40 5.40 -25.19
N THR D 62 -26.83 4.16 -24.95
CA THR D 62 -28.21 3.81 -24.63
C THR D 62 -28.90 4.83 -23.72
N SER D 63 -28.33 5.07 -22.55
CA SER D 63 -28.94 6.05 -21.64
C SER D 63 -28.23 7.39 -21.72
N SER D 64 -27.72 7.75 -22.89
CA SER D 64 -27.15 9.05 -23.18
C SER D 64 -25.97 9.42 -22.27
N ARG D 65 -25.38 8.47 -21.53
CA ARG D 65 -24.29 8.86 -20.64
C ARG D 65 -23.03 9.18 -21.40
N TYR D 66 -22.72 8.41 -22.44
CA TYR D 66 -21.51 8.57 -23.23
C TYR D 66 -21.84 9.13 -24.61
N ILE D 67 -21.27 10.30 -24.92
CA ILE D 67 -21.54 11.01 -26.16
C ILE D 67 -20.20 11.39 -26.78
N TYR D 68 -20.03 11.09 -28.07
CA TYR D 68 -18.80 11.43 -28.77
C TYR D 68 -19.16 12.13 -30.08
N TYR D 69 -18.32 13.08 -30.47
CA TYR D 69 -18.47 13.84 -31.71
C TYR D 69 -17.19 13.75 -32.54
N ALA D 70 -17.36 13.91 -33.86
CA ALA D 70 -16.22 14.07 -34.74
C ALA D 70 -15.63 15.47 -34.57
N ASP D 71 -14.29 15.57 -34.69
CA ASP D 71 -13.60 16.83 -34.44
C ASP D 71 -14.19 17.98 -35.25
N SER D 72 -14.78 17.67 -36.40
CA SER D 72 -15.28 18.65 -37.36
C SER D 72 -16.73 19.03 -37.15
N VAL D 73 -17.36 18.52 -36.10
CA VAL D 73 -18.71 18.93 -35.73
C VAL D 73 -18.81 19.33 -34.27
N LYS D 74 -17.71 19.25 -33.53
CA LYS D 74 -17.68 19.68 -32.13
C LYS D 74 -17.86 21.17 -32.06
N GLY D 75 -18.99 21.59 -31.47
CA GLY D 75 -19.37 22.97 -31.37
C GLY D 75 -20.66 23.28 -32.09
N ARG D 76 -20.95 22.55 -33.17
CA ARG D 76 -22.09 22.85 -34.02
C ARG D 76 -23.22 21.83 -33.94
N PHE D 77 -22.89 20.55 -33.77
CA PHE D 77 -23.90 19.50 -33.70
C PHE D 77 -23.99 19.00 -32.27
N THR D 78 -25.20 18.68 -31.83
CA THR D 78 -25.37 17.92 -30.61
C THR D 78 -26.37 16.81 -30.87
N ILE D 79 -25.99 15.59 -30.47
CA ILE D 79 -26.80 14.39 -30.59
C ILE D 79 -27.68 14.27 -29.35
N SER D 80 -28.70 13.43 -29.43
CA SER D 80 -29.64 13.27 -28.33
C SER D 80 -30.54 12.12 -28.69
N ARG D 81 -31.18 11.54 -27.68
CA ARG D 81 -32.19 10.54 -27.93
C ARG D 81 -33.33 10.71 -26.93
N ASP D 82 -34.49 10.22 -27.34
CA ASP D 82 -35.64 10.03 -26.47
C ASP D 82 -36.02 8.58 -26.68
N ASN D 83 -35.74 7.73 -25.69
CA ASN D 83 -36.03 6.31 -25.86
C ASN D 83 -37.51 6.01 -25.76
N ALA D 84 -38.30 6.91 -25.16
CA ALA D 84 -39.75 6.77 -25.15
C ALA D 84 -40.32 6.88 -26.56
N LYS D 85 -40.06 7.99 -27.24
CA LYS D 85 -40.52 8.18 -28.61
C LYS D 85 -39.70 7.42 -29.66
N ASN D 86 -38.82 6.52 -29.22
CA ASN D 86 -38.11 5.57 -30.09
C ASN D 86 -37.33 6.27 -31.19
N SER D 87 -36.82 7.46 -30.94
CA SER D 87 -36.15 8.24 -31.97
C SER D 87 -34.77 8.69 -31.52
N LEU D 88 -33.85 8.75 -32.49
CA LEU D 88 -32.57 9.44 -32.35
C LEU D 88 -32.65 10.77 -33.08
N TYR D 89 -31.94 11.76 -32.55
CA TYR D 89 -31.90 13.09 -33.13
C TYR D 89 -30.47 13.56 -33.30
N LEU D 90 -30.25 14.34 -34.36
CA LEU D 90 -29.13 15.25 -34.45
C LEU D 90 -29.68 16.60 -34.86
N GLN D 91 -29.54 17.59 -33.98
CA GLN D 91 -29.83 18.97 -34.33
C GLN D 91 -28.51 19.59 -34.76
N MET D 92 -28.41 19.85 -36.07
CA MET D 92 -27.24 20.46 -36.68
C MET D 92 -27.46 21.96 -36.77
N ASN D 93 -26.48 22.74 -36.29
CA ASN D 93 -26.58 24.18 -36.16
C ASN D 93 -25.36 24.84 -36.76
N SER D 94 -25.55 26.06 -37.28
CA SER D 94 -24.47 26.82 -37.91
C SER D 94 -23.78 25.97 -38.99
N LEU D 95 -24.60 25.51 -39.93
CA LEU D 95 -24.16 24.59 -40.97
C LEU D 95 -23.36 25.32 -42.02
N ARG D 96 -22.32 24.65 -42.52
CA ARG D 96 -21.54 25.15 -43.64
C ARG D 96 -21.66 24.18 -44.80
N ALA D 97 -20.96 24.49 -45.89
CA ALA D 97 -21.07 23.65 -47.08
C ALA D 97 -20.46 22.27 -46.85
N GLU D 98 -19.38 22.20 -46.07
CA GLU D 98 -18.77 20.91 -45.74
C GLU D 98 -19.74 19.92 -45.10
N ASP D 99 -20.91 20.37 -44.64
CA ASP D 99 -21.87 19.51 -43.98
C ASP D 99 -22.90 18.92 -44.95
N THR D 100 -22.56 18.84 -46.24
CA THR D 100 -23.47 18.35 -47.28
C THR D 100 -23.24 16.85 -47.49
N ALA D 101 -24.25 16.04 -47.18
CA ALA D 101 -24.10 14.59 -47.32
C ALA D 101 -25.47 13.93 -47.15
N VAL D 102 -25.49 12.61 -47.39
CA VAL D 102 -26.56 11.79 -46.83
C VAL D 102 -26.18 11.48 -45.39
N TYR D 103 -27.11 11.76 -44.46
CA TYR D 103 -26.89 11.50 -43.03
C TYR D 103 -27.58 10.21 -42.67
N TYR D 104 -26.81 9.16 -42.42
CA TYR D 104 -27.37 7.89 -41.97
C TYR D 104 -27.34 7.82 -40.45
N CYS D 105 -28.34 7.14 -39.89
CA CYS D 105 -28.32 6.70 -38.50
C CYS D 105 -28.11 5.19 -38.50
N ALA D 106 -27.29 4.72 -37.57
CA ALA D 106 -26.92 3.31 -37.55
C ALA D 106 -26.89 2.80 -36.12
N ARG D 107 -27.11 1.51 -35.98
CA ARG D 107 -27.22 0.88 -34.69
C ARG D 107 -26.05 -0.07 -34.49
N GLU D 108 -25.51 -0.07 -33.25
CA GLU D 108 -24.42 -0.94 -32.82
C GLU D 108 -24.97 -2.21 -32.17
N GLU D 109 -24.44 -3.36 -32.59
CA GLU D 109 -24.97 -4.66 -32.21
C GLU D 109 -23.91 -5.39 -31.43
N GLY D 110 -24.23 -5.73 -30.16
CA GLY D 110 -23.25 -6.32 -29.27
C GLY D 110 -22.66 -7.62 -29.78
N SER D 111 -23.46 -8.45 -30.46
CA SER D 111 -22.97 -9.74 -30.92
C SER D 111 -21.95 -9.64 -32.04
N VAL D 112 -21.70 -8.45 -32.58
CA VAL D 112 -20.66 -8.26 -33.57
C VAL D 112 -19.71 -7.17 -33.10
N ASP D 113 -19.46 -7.14 -31.79
CA ASP D 113 -18.56 -6.18 -31.13
C ASP D 113 -18.94 -4.73 -31.41
N TYR D 114 -20.25 -4.47 -31.47
CA TYR D 114 -20.79 -3.12 -31.60
C TYR D 114 -20.44 -2.50 -32.94
N GLY D 115 -20.21 -3.34 -33.95
CA GLY D 115 -20.27 -2.87 -35.32
C GLY D 115 -21.66 -2.34 -35.65
N MET D 116 -21.74 -1.47 -36.64
CA MET D 116 -23.04 -0.95 -37.08
C MET D 116 -23.70 -1.99 -37.99
N ASP D 117 -24.60 -2.79 -37.43
CA ASP D 117 -25.21 -3.91 -38.16
C ASP D 117 -26.40 -3.50 -39.01
N VAL D 118 -27.06 -2.39 -38.67
CA VAL D 118 -28.34 -1.99 -39.24
C VAL D 118 -28.31 -0.48 -39.46
N TRP D 119 -28.44 -0.07 -40.72
CA TRP D 119 -28.48 1.32 -41.17
C TRP D 119 -29.82 1.61 -41.84
N GLY D 120 -30.33 2.82 -41.65
CA GLY D 120 -31.47 3.25 -42.43
C GLY D 120 -31.06 3.73 -43.82
N GLN D 121 -32.06 4.20 -44.57
CA GLN D 121 -31.85 4.61 -45.95
C GLN D 121 -31.28 6.03 -46.07
N GLY D 122 -31.39 6.86 -45.05
CA GLY D 122 -30.68 8.11 -45.07
C GLY D 122 -31.60 9.27 -45.33
N THR D 123 -31.03 10.47 -45.18
CA THR D 123 -31.71 11.73 -45.47
C THR D 123 -30.66 12.75 -45.90
N THR D 124 -30.97 13.44 -46.99
CA THR D 124 -30.00 14.29 -47.66
C THR D 124 -30.10 15.71 -47.13
N VAL D 125 -29.00 16.23 -46.61
CA VAL D 125 -28.85 17.62 -46.19
C VAL D 125 -27.93 18.29 -47.21
N THR D 126 -28.46 19.28 -47.93
CA THR D 126 -27.71 20.00 -48.97
C THR D 126 -27.47 21.44 -48.54
N VAL D 127 -26.27 21.96 -48.82
CA VAL D 127 -25.79 23.26 -48.32
C VAL D 127 -24.90 23.93 -49.38
N SER D 128 -25.24 25.17 -49.77
CA SER D 128 -24.63 25.95 -50.87
C SER D 128 -24.88 27.44 -50.66
N SER D 129 -24.75 28.27 -51.70
CA SER D 129 -24.86 29.73 -51.49
C SER D 129 -25.29 30.61 -52.68
N SER D 148 -9.35 12.11 -44.56
CA SER D 148 -9.44 10.76 -43.98
C SER D 148 -8.19 10.48 -43.18
N VAL D 149 -8.25 9.61 -42.18
CA VAL D 149 -7.10 9.30 -41.32
C VAL D 149 -6.57 7.91 -41.58
N LEU D 150 -7.44 6.90 -41.71
CA LEU D 150 -7.00 5.61 -42.19
C LEU D 150 -6.88 5.67 -43.71
N THR D 151 -5.81 5.07 -44.24
CA THR D 151 -5.49 5.14 -45.65
C THR D 151 -5.71 3.81 -46.37
N GLN D 152 -6.45 3.85 -47.47
CA GLN D 152 -6.77 2.72 -48.32
C GLN D 152 -6.37 3.03 -49.76
N PRO D 153 -6.23 2.00 -50.60
CA PRO D 153 -6.22 2.24 -52.04
C PRO D 153 -7.49 2.90 -52.46
N PRO D 154 -7.46 3.79 -53.46
CA PRO D 154 -8.71 4.35 -53.96
C PRO D 154 -9.51 3.34 -54.76
N SER D 155 -8.85 2.51 -55.57
CA SER D 155 -9.58 1.46 -56.27
C SER D 155 -8.73 0.20 -56.34
N ALA D 156 -9.45 -0.91 -56.55
CA ALA D 156 -8.90 -2.24 -56.81
C ALA D 156 -9.76 -2.88 -57.88
N SER D 157 -9.21 -3.88 -58.55
CA SER D 157 -9.98 -4.60 -59.56
C SER D 157 -9.50 -6.04 -59.64
N GLY D 158 -10.41 -6.91 -60.06
CA GLY D 158 -10.10 -8.31 -60.19
C GLY D 158 -10.99 -9.01 -61.18
N THR D 159 -10.41 -9.97 -61.96
CA THR D 159 -11.18 -10.81 -62.84
C THR D 159 -11.90 -11.89 -62.03
N PRO D 160 -13.05 -12.36 -62.50
CA PRO D 160 -13.88 -13.23 -61.66
C PRO D 160 -13.13 -14.46 -61.21
N GLY D 161 -13.38 -14.84 -59.96
CA GLY D 161 -12.68 -15.94 -59.30
C GLY D 161 -11.31 -15.60 -58.74
N GLN D 162 -10.78 -14.41 -59.02
CA GLN D 162 -9.48 -14.04 -58.48
C GLN D 162 -9.59 -13.72 -56.99
N ARG D 163 -8.43 -13.56 -56.36
CA ARG D 163 -8.34 -12.99 -55.05
C ARG D 163 -7.85 -11.55 -55.20
N VAL D 164 -8.52 -10.63 -54.50
CA VAL D 164 -8.09 -9.25 -54.39
C VAL D 164 -7.95 -8.91 -52.93
N THR D 165 -6.90 -8.17 -52.59
CA THR D 165 -6.72 -7.68 -51.23
C THR D 165 -6.71 -6.16 -51.22
N ILE D 166 -7.33 -5.59 -50.19
CA ILE D 166 -7.37 -4.16 -49.97
C ILE D 166 -6.65 -3.86 -48.66
N SER D 167 -5.72 -2.93 -48.69
CA SER D 167 -4.96 -2.61 -47.50
C SER D 167 -5.58 -1.43 -46.75
N CYS D 168 -5.41 -1.43 -45.44
CA CYS D 168 -5.87 -0.35 -44.57
C CYS D 168 -4.73 -0.03 -43.63
N SER D 169 -4.33 1.23 -43.56
CA SER D 169 -3.17 1.60 -42.76
C SER D 169 -3.48 2.84 -41.92
N GLY D 170 -3.13 2.77 -40.65
CA GLY D 170 -3.32 3.88 -39.74
C GLY D 170 -2.18 4.01 -38.77
N SER D 171 -2.47 4.56 -37.60
CA SER D 171 -1.40 4.85 -36.65
C SER D 171 -1.64 4.17 -35.31
N SER D 172 -0.81 4.55 -34.34
CA SER D 172 -0.80 3.89 -33.04
C SER D 172 -2.13 4.07 -32.31
N SER D 173 -2.75 5.25 -32.45
CA SER D 173 -3.96 5.56 -31.70
C SER D 173 -5.21 4.92 -32.28
N ASN D 174 -5.16 4.38 -33.51
CA ASN D 174 -6.30 3.65 -34.06
C ASN D 174 -5.90 2.20 -34.18
N ILE D 175 -5.57 1.71 -35.38
CA ILE D 175 -5.33 0.27 -35.61
C ILE D 175 -4.37 -0.31 -34.61
N GLY D 176 -3.39 0.50 -34.17
CA GLY D 176 -2.36 0.00 -33.25
C GLY D 176 -2.91 -0.46 -31.91
N SER D 177 -4.05 0.11 -31.49
CA SER D 177 -4.64 -0.10 -30.17
C SER D 177 -6.01 -0.78 -30.19
N ASN D 178 -6.72 -0.73 -31.31
CA ASN D 178 -8.13 -1.06 -31.30
C ASN D 178 -8.46 -1.96 -32.48
N TYR D 179 -9.59 -2.64 -32.39
CA TYR D 179 -10.00 -3.60 -33.42
C TYR D 179 -10.40 -2.90 -34.73
N VAL D 180 -10.03 -3.52 -35.85
CA VAL D 180 -10.40 -3.00 -37.16
C VAL D 180 -11.69 -3.68 -37.62
N TYR D 181 -12.64 -2.87 -38.09
CA TYR D 181 -13.90 -3.30 -38.67
C TYR D 181 -13.87 -3.01 -40.17
N TRP D 182 -14.73 -3.71 -40.92
CA TRP D 182 -14.81 -3.49 -42.36
C TRP D 182 -16.26 -3.41 -42.80
N TYR D 183 -16.58 -2.35 -43.54
CA TYR D 183 -17.93 -2.15 -44.07
C TYR D 183 -17.91 -2.38 -45.58
N GLN D 184 -18.94 -3.09 -46.08
CA GLN D 184 -19.20 -3.23 -47.51
C GLN D 184 -20.42 -2.39 -47.89
N GLN D 185 -20.23 -1.46 -48.83
CA GLN D 185 -21.31 -0.60 -49.34
C GLN D 185 -21.58 -0.93 -50.80
N LEU D 186 -22.74 -1.53 -51.07
CA LEU D 186 -23.09 -1.91 -52.41
C LEU D 186 -23.46 -0.68 -53.24
N PRO D 187 -23.30 -0.76 -54.59
CA PRO D 187 -23.72 0.33 -55.47
C PRO D 187 -24.99 1.06 -55.06
N GLY D 188 -24.80 2.27 -54.52
CA GLY D 188 -25.87 3.14 -54.02
C GLY D 188 -26.41 2.84 -52.64
N THR D 189 -26.36 1.56 -52.26
CA THR D 189 -26.91 1.02 -51.01
C THR D 189 -26.24 1.66 -49.78
N ALA D 190 -26.92 1.55 -48.63
CA ALA D 190 -26.33 1.84 -47.33
C ALA D 190 -25.38 0.70 -46.95
N PRO D 191 -24.38 0.99 -46.11
CA PRO D 191 -23.33 -0.01 -45.85
C PRO D 191 -23.85 -1.20 -45.05
N LYS D 192 -23.08 -2.28 -45.10
CA LYS D 192 -23.30 -3.41 -44.20
C LYS D 192 -21.97 -3.83 -43.60
N LEU D 193 -22.01 -4.27 -42.33
CA LEU D 193 -20.80 -4.71 -41.65
C LEU D 193 -20.27 -6.00 -42.29
N LEU D 194 -19.00 -5.99 -42.73
CA LEU D 194 -18.32 -7.15 -43.30
C LEU D 194 -17.48 -7.92 -42.30
N ILE D 195 -16.68 -7.22 -41.50
CA ILE D 195 -15.73 -7.83 -40.58
C ILE D 195 -15.72 -6.99 -39.30
N TYR D 196 -15.86 -7.65 -38.16
CA TYR D 196 -15.64 -7.04 -36.85
C TYR D 196 -14.48 -7.78 -36.21
N ARG D 197 -13.84 -7.13 -35.23
CA ARG D 197 -12.78 -7.77 -34.44
C ARG D 197 -11.66 -8.29 -35.34
N ASN D 198 -11.19 -7.45 -36.25
CA ASN D 198 -10.12 -7.81 -37.17
C ASN D 198 -10.50 -8.84 -38.23
N ASN D 199 -11.15 -9.98 -37.83
CA ASN D 199 -11.32 -11.10 -38.74
C ASN D 199 -12.56 -11.95 -38.54
N GLN D 200 -13.44 -11.64 -37.60
CA GLN D 200 -14.70 -12.35 -37.47
C GLN D 200 -15.67 -11.91 -38.56
N ARG D 201 -16.59 -12.81 -38.93
CA ARG D 201 -17.54 -12.54 -40.00
C ARG D 201 -18.96 -12.56 -39.47
N PRO D 202 -19.74 -11.50 -39.62
CA PRO D 202 -21.11 -11.52 -39.12
C PRO D 202 -21.92 -12.64 -39.77
N SER D 203 -23.09 -12.90 -39.19
CA SER D 203 -23.99 -13.91 -39.75
C SER D 203 -24.44 -13.45 -41.13
N GLY D 204 -24.07 -14.21 -42.15
CA GLY D 204 -24.45 -13.89 -43.51
C GLY D 204 -23.36 -13.32 -44.39
N VAL D 205 -22.09 -13.49 -44.02
CA VAL D 205 -20.98 -12.98 -44.81
C VAL D 205 -20.15 -14.17 -45.26
N PRO D 206 -20.04 -14.41 -46.56
CA PRO D 206 -19.25 -15.54 -47.07
C PRO D 206 -17.81 -15.56 -46.55
N ASP D 207 -17.27 -16.77 -46.46
CA ASP D 207 -15.91 -16.98 -46.01
C ASP D 207 -14.87 -16.57 -47.05
N ARG D 208 -15.31 -16.18 -48.25
CA ARG D 208 -14.39 -15.56 -49.19
C ARG D 208 -13.79 -14.30 -48.60
N PHE D 209 -14.58 -13.60 -47.77
CA PHE D 209 -14.11 -12.42 -47.06
C PHE D 209 -13.40 -12.81 -45.76
N SER D 210 -12.08 -12.64 -45.73
CA SER D 210 -11.34 -12.77 -44.50
C SER D 210 -10.66 -11.44 -44.22
N GLY D 211 -10.32 -11.23 -42.97
CA GLY D 211 -9.72 -9.99 -42.55
C GLY D 211 -8.53 -10.25 -41.65
N SER D 212 -7.61 -9.30 -41.65
CA SER D 212 -6.41 -9.44 -40.85
C SER D 212 -5.93 -8.05 -40.45
N LYS D 213 -5.14 -8.03 -39.39
CA LYS D 213 -4.52 -6.82 -38.88
C LYS D 213 -3.12 -7.18 -38.42
N SER D 214 -2.24 -6.19 -38.54
CA SER D 214 -0.84 -6.38 -38.26
C SER D 214 -0.30 -5.04 -37.81
N GLY D 215 0.00 -4.91 -36.53
CA GLY D 215 0.55 -3.66 -36.03
C GLY D 215 -0.40 -2.49 -36.20
N THR D 216 -0.03 -1.50 -37.02
CA THR D 216 -0.90 -0.39 -37.36
C THR D 216 -1.55 -0.54 -38.74
N SER D 217 -1.66 -1.77 -39.24
CA SER D 217 -2.23 -1.97 -40.56
C SER D 217 -3.20 -3.15 -40.59
N ALA D 218 -4.04 -3.15 -41.60
CA ALA D 218 -5.07 -4.17 -41.73
C ALA D 218 -5.28 -4.46 -43.20
N SER D 219 -5.96 -5.56 -43.48
CA SER D 219 -6.18 -5.88 -44.87
C SER D 219 -7.43 -6.71 -44.95
N LEU D 220 -8.25 -6.40 -45.97
CA LEU D 220 -9.38 -7.22 -46.37
C LEU D 220 -8.98 -8.01 -47.61
N ALA D 221 -9.35 -9.29 -47.62
CA ALA D 221 -9.03 -10.19 -48.71
C ALA D 221 -10.32 -10.83 -49.19
N ILE D 222 -10.61 -10.67 -50.48
CA ILE D 222 -11.75 -11.29 -51.12
C ILE D 222 -11.19 -12.30 -52.12
N SER D 223 -11.46 -13.58 -51.87
CA SER D 223 -11.08 -14.65 -52.77
C SER D 223 -12.33 -15.15 -53.47
N GLY D 224 -12.14 -15.83 -54.60
CA GLY D 224 -13.27 -16.28 -55.39
C GLY D 224 -14.19 -15.14 -55.77
N LEU D 225 -13.71 -14.25 -56.64
CA LEU D 225 -14.36 -12.98 -56.86
C LEU D 225 -15.62 -13.16 -57.71
N ARG D 226 -16.66 -12.42 -57.35
CA ARG D 226 -17.95 -12.49 -58.04
C ARG D 226 -18.41 -11.09 -58.45
N SER D 227 -19.22 -11.03 -59.50
CA SER D 227 -19.69 -9.74 -59.97
C SER D 227 -20.44 -8.99 -58.87
N GLU D 228 -21.13 -9.73 -58.00
CA GLU D 228 -21.89 -9.13 -56.92
C GLU D 228 -21.00 -8.51 -55.85
N ASP D 229 -19.69 -8.79 -55.87
CA ASP D 229 -18.72 -8.20 -54.95
C ASP D 229 -18.35 -6.76 -55.31
N GLU D 230 -18.76 -6.27 -56.48
CA GLU D 230 -18.49 -4.89 -56.89
C GLU D 230 -19.11 -3.91 -55.90
N ALA D 231 -18.28 -3.23 -55.11
CA ALA D 231 -18.77 -2.31 -54.09
C ALA D 231 -17.64 -1.39 -53.66
N ASP D 232 -17.98 -0.47 -52.77
CA ASP D 232 -17.04 0.40 -52.10
C ASP D 232 -16.77 -0.17 -50.72
N TYR D 233 -15.50 -0.47 -50.43
CA TYR D 233 -15.13 -1.11 -49.17
C TYR D 233 -14.43 -0.11 -48.24
N TYR D 234 -14.85 -0.10 -46.97
CA TYR D 234 -14.29 0.79 -45.97
C TYR D 234 -13.73 0.01 -44.79
N CYS D 235 -12.62 0.50 -44.25
CA CYS D 235 -12.10 0.04 -42.97
C CYS D 235 -12.32 1.13 -41.93
N ALA D 236 -12.39 0.73 -40.67
CA ALA D 236 -12.78 1.63 -39.60
C ALA D 236 -12.22 1.15 -38.27
N ALA D 237 -11.70 2.10 -37.49
CA ALA D 237 -11.16 1.77 -36.18
C ALA D 237 -11.43 2.95 -35.26
N TRP D 238 -11.51 2.67 -33.97
CA TRP D 238 -11.58 3.74 -32.97
C TRP D 238 -10.20 4.35 -32.76
N ASP D 239 -10.12 5.67 -32.83
CA ASP D 239 -8.86 6.39 -32.66
C ASP D 239 -8.82 7.01 -31.27
N ASP D 240 -7.88 6.54 -30.43
CA ASP D 240 -7.81 6.97 -29.04
C ASP D 240 -7.56 8.49 -28.92
N SER D 241 -6.74 9.06 -29.81
CA SER D 241 -6.48 10.50 -29.76
C SER D 241 -7.78 11.27 -29.99
N LEU D 242 -8.40 11.04 -31.14
CA LEU D 242 -9.60 11.76 -31.52
C LEU D 242 -10.79 11.47 -30.60
N SER D 243 -10.73 10.39 -29.82
CA SER D 243 -11.84 9.93 -29.00
C SER D 243 -13.12 9.81 -29.82
N GLY D 244 -13.02 9.05 -30.92
CA GLY D 244 -14.11 8.88 -31.85
C GLY D 244 -13.76 7.82 -32.89
N TRP D 245 -14.71 7.57 -33.78
CA TRP D 245 -14.48 6.64 -34.86
C TRP D 245 -13.67 7.30 -35.98
N VAL D 246 -12.99 6.48 -36.76
CA VAL D 246 -12.15 6.97 -37.84
C VAL D 246 -12.16 5.95 -38.97
N PHE D 247 -12.34 6.43 -40.18
CA PHE D 247 -12.71 5.60 -41.32
C PHE D 247 -11.63 5.63 -42.38
N GLY D 248 -11.51 4.56 -43.14
CA GLY D 248 -10.72 4.64 -44.33
C GLY D 248 -11.37 5.54 -45.37
N GLY D 249 -10.56 6.02 -46.30
CA GLY D 249 -11.10 6.73 -47.45
C GLY D 249 -11.97 5.89 -48.37
N GLY D 250 -11.95 4.57 -48.26
CA GLY D 250 -12.77 3.78 -49.14
C GLY D 250 -12.11 3.30 -50.42
N THR D 251 -12.36 2.05 -50.79
CA THR D 251 -11.76 1.45 -51.96
C THR D 251 -12.87 1.00 -52.89
N LYS D 252 -12.85 1.50 -54.12
CA LYS D 252 -13.80 1.09 -55.13
C LYS D 252 -13.26 -0.17 -55.80
N LEU D 253 -13.93 -1.31 -55.57
CA LEU D 253 -13.54 -2.58 -56.17
C LEU D 253 -14.36 -2.81 -57.44
N THR D 254 -13.66 -2.84 -58.58
CA THR D 254 -14.28 -3.11 -59.87
C THR D 254 -14.02 -4.54 -60.29
N VAL D 255 -15.10 -5.23 -60.66
CA VAL D 255 -15.11 -6.64 -61.01
C VAL D 255 -15.21 -6.75 -62.52
N LEU D 256 -14.15 -7.22 -63.17
CA LEU D 256 -14.18 -7.40 -64.63
C LEU D 256 -14.58 -8.81 -65.05
N ALA E 9 23.11 11.43 39.40
CA ALA E 9 22.35 12.08 38.33
C ALA E 9 21.85 13.47 38.73
N GLU E 10 22.74 14.45 38.62
CA GLU E 10 22.34 15.84 38.62
C GLU E 10 21.93 16.21 37.20
N VAL E 11 20.69 16.65 37.01
CA VAL E 11 20.17 16.95 35.67
C VAL E 11 20.70 18.31 35.24
N GLN E 12 21.45 18.35 34.14
CA GLN E 12 22.27 19.51 33.83
C GLN E 12 22.39 19.72 32.32
N LEU E 13 22.27 20.97 31.89
CA LEU E 13 22.64 21.41 30.54
C LEU E 13 23.72 22.48 30.62
N VAL E 14 24.82 22.30 29.87
CA VAL E 14 25.93 23.25 29.86
C VAL E 14 26.34 23.57 28.42
N GLU E 15 26.24 24.83 28.06
CA GLU E 15 26.58 25.33 26.74
C GLU E 15 28.00 25.91 26.69
N SER E 16 28.57 25.91 25.49
CA SER E 16 29.93 26.39 25.28
C SER E 16 30.07 26.82 23.83
N GLY E 17 31.24 27.35 23.51
CA GLY E 17 31.53 27.78 22.16
C GLY E 17 31.21 29.21 21.88
N GLY E 18 30.65 29.92 22.84
CA GLY E 18 30.41 31.33 22.67
C GLY E 18 31.70 32.12 22.63
N GLY E 19 31.54 33.43 22.45
CA GLY E 19 32.67 34.31 22.41
C GLY E 19 32.46 35.39 21.39
N LEU E 20 33.57 36.04 21.04
CA LEU E 20 33.56 37.15 20.12
C LEU E 20 33.75 36.62 18.71
N VAL E 21 32.85 37.05 17.81
CA VAL E 21 32.82 36.57 16.43
C VAL E 21 32.73 37.79 15.50
N LYS E 22 33.40 37.70 14.34
CA LYS E 22 33.28 38.86 13.48
C LYS E 22 32.01 38.80 12.62
N PRO E 23 31.48 39.97 12.26
CA PRO E 23 30.34 40.01 11.32
C PRO E 23 30.66 39.25 10.04
N GLY E 24 29.68 38.47 9.58
CA GLY E 24 29.86 37.60 8.45
C GLY E 24 30.54 36.29 8.78
N GLY E 25 30.95 36.10 10.04
CA GLY E 25 31.68 34.90 10.43
C GLY E 25 30.75 33.83 10.93
N SER E 26 31.34 32.69 11.28
CA SER E 26 30.61 31.53 11.75
C SER E 26 31.08 31.14 13.16
N LEU E 27 30.34 30.19 13.76
CA LEU E 27 30.45 29.81 15.16
C LEU E 27 29.60 28.58 15.39
N ARG E 28 30.10 27.65 16.20
CA ARG E 28 29.35 26.44 16.50
C ARG E 28 29.22 26.28 18.00
N LEU E 29 28.01 26.47 18.53
CA LEU E 29 27.76 26.27 19.95
C LEU E 29 27.50 24.79 20.23
N SER E 30 27.90 24.36 21.41
CA SER E 30 27.60 23.03 21.91
C SER E 30 26.73 23.15 23.16
N CYS E 31 26.11 22.03 23.55
CA CYS E 31 25.30 22.00 24.77
C CYS E 31 25.41 20.57 25.31
N ALA E 32 26.21 20.40 26.38
CA ALA E 32 26.46 19.10 26.97
C ALA E 32 25.42 18.77 28.04
N ALA E 33 24.76 17.62 27.88
CA ALA E 33 23.76 17.17 28.84
C ALA E 33 24.28 16.01 29.67
N SER E 34 23.81 15.96 30.92
CA SER E 34 24.15 14.90 31.85
C SER E 34 23.02 14.76 32.84
N GLY E 35 22.89 13.56 33.41
CA GLY E 35 21.95 13.29 34.47
C GLY E 35 20.57 12.86 34.02
N PHE E 36 20.34 12.74 32.73
CA PHE E 36 19.08 12.29 32.17
C PHE E 36 19.39 11.69 30.82
N THR E 37 18.65 10.66 30.44
CA THR E 37 18.96 10.01 29.17
C THR E 37 18.68 11.01 28.06
N PHE E 38 19.75 11.53 27.46
CA PHE E 38 19.60 12.63 26.52
C PHE E 38 18.65 12.28 25.38
N SER E 39 18.83 11.09 24.81
CA SER E 39 18.16 10.75 23.55
C SER E 39 16.63 10.76 23.66
N SER E 40 16.04 10.90 24.84
CA SER E 40 14.60 10.80 25.00
C SER E 40 13.87 12.14 25.00
N TYR E 41 14.56 13.25 24.75
CA TYR E 41 13.96 14.56 24.95
C TYR E 41 14.23 15.48 23.76
N ASN E 42 13.20 16.21 23.36
CA ASN E 42 13.37 17.26 22.38
C ASN E 42 14.17 18.39 22.98
N MET E 43 14.97 19.05 22.15
CA MET E 43 15.80 20.14 22.62
C MET E 43 15.59 21.38 21.78
N ASN E 44 15.78 22.54 22.42
CA ASN E 44 15.59 23.84 21.83
C ASN E 44 16.84 24.69 22.06
N TRP E 45 16.98 25.73 21.23
CA TRP E 45 17.86 26.84 21.49
C TRP E 45 17.01 28.09 21.64
N VAL E 46 17.16 28.78 22.78
CA VAL E 46 16.51 30.06 23.00
C VAL E 46 17.59 31.09 23.31
N ARG E 47 17.55 32.23 22.62
CA ARG E 47 18.52 33.30 22.80
C ARG E 47 17.86 34.50 23.45
N GLN E 48 18.70 35.46 23.84
CA GLN E 48 18.25 36.66 24.57
C GLN E 48 19.27 37.76 24.38
N ALA E 49 18.94 38.76 23.58
CA ALA E 49 19.79 39.95 23.52
C ALA E 49 19.88 40.53 24.93
N PRO E 50 21.08 40.95 25.38
CA PRO E 50 21.24 41.38 26.78
C PRO E 50 20.23 42.45 27.19
N GLY E 51 19.40 42.13 28.17
CA GLY E 51 18.40 43.07 28.63
C GLY E 51 17.17 43.20 27.77
N LYS E 52 17.00 42.34 26.77
CA LYS E 52 15.78 42.26 25.99
C LYS E 52 15.04 40.96 26.33
N GLY E 53 14.01 40.65 25.56
CA GLY E 53 13.18 39.50 25.84
C GLY E 53 13.68 38.20 25.22
N LEU E 54 12.93 37.13 25.48
CA LEU E 54 13.31 35.79 25.06
C LEU E 54 12.92 35.58 23.60
N GLU E 55 13.89 35.12 22.79
CA GLU E 55 13.64 34.81 21.38
C GLU E 55 13.99 33.34 21.15
N TRP E 56 12.95 32.53 20.93
CA TRP E 56 13.14 31.15 20.51
C TRP E 56 13.86 31.11 19.16
N VAL E 57 14.80 30.16 19.04
CA VAL E 57 15.68 30.06 17.87
C VAL E 57 15.36 28.83 17.03
N SER E 58 15.47 27.64 17.62
CA SER E 58 15.43 26.39 16.88
C SER E 58 14.98 25.29 17.82
N SER E 59 14.57 24.19 17.23
CA SER E 59 13.81 23.15 17.90
C SER E 59 14.08 21.87 17.14
N ILE E 60 14.45 20.81 17.86
CA ILE E 60 14.86 19.56 17.24
C ILE E 60 14.32 18.41 18.08
N SER E 61 13.67 17.46 17.42
CA SER E 61 13.01 16.37 18.12
C SER E 61 14.01 15.27 18.49
N THR E 62 13.50 14.26 19.22
CA THR E 62 14.30 13.19 19.81
C THR E 62 15.25 12.51 18.81
N SER E 63 14.73 12.10 17.66
CA SER E 63 15.52 11.48 16.61
C SER E 63 15.79 12.42 15.45
N SER E 64 15.67 13.73 15.69
CA SER E 64 15.95 14.76 14.69
C SER E 64 14.96 14.75 13.53
N ARG E 65 13.76 14.21 13.74
CA ARG E 65 12.77 14.14 12.67
C ARG E 65 12.07 15.48 12.43
N TYR E 66 11.82 16.24 13.50
CA TYR E 66 11.08 17.49 13.45
C TYR E 66 12.03 18.63 13.84
N ILE E 67 12.36 19.46 12.88
CA ILE E 67 13.34 20.54 13.06
C ILE E 67 12.69 21.85 12.65
N TYR E 68 12.77 22.86 13.51
CA TYR E 68 12.10 24.11 13.24
C TYR E 68 13.05 25.28 13.45
N TYR E 69 12.85 26.33 12.67
CA TYR E 69 13.71 27.49 12.76
C TYR E 69 12.86 28.73 12.86
N ALA E 70 13.38 29.67 13.65
CA ALA E 70 12.90 31.04 13.63
C ALA E 70 13.23 31.70 12.29
N ASP E 71 12.34 32.59 11.86
CA ASP E 71 12.49 33.17 10.53
C ASP E 71 13.70 34.09 10.44
N SER E 72 14.10 34.69 11.56
CA SER E 72 15.26 35.56 11.60
C SER E 72 16.57 34.81 11.56
N VAL E 73 16.51 33.50 11.31
CA VAL E 73 17.65 32.64 11.50
C VAL E 73 17.62 31.57 10.40
N LYS E 74 16.41 31.35 9.85
CA LYS E 74 16.24 30.48 8.68
C LYS E 74 17.28 30.79 7.63
N GLY E 75 17.97 29.74 7.17
CA GLY E 75 18.98 29.85 6.14
C GLY E 75 20.38 30.14 6.64
N ARG E 76 20.55 30.46 7.92
CA ARG E 76 21.85 30.81 8.46
C ARG E 76 22.32 29.90 9.58
N PHE E 77 21.41 29.35 10.40
CA PHE E 77 21.78 28.49 11.51
C PHE E 77 21.31 27.07 11.26
N THR E 78 21.98 26.11 11.92
CA THR E 78 21.70 24.70 11.73
C THR E 78 21.74 24.00 13.08
N ILE E 79 20.64 23.36 13.43
CA ILE E 79 20.55 22.61 14.68
C ILE E 79 20.85 21.15 14.38
N SER E 80 21.55 20.49 15.29
CA SER E 80 21.85 19.07 15.19
C SER E 80 22.08 18.55 16.59
N ARG E 81 21.94 17.25 16.75
CA ARG E 81 22.25 16.59 18.00
C ARG E 81 23.04 15.33 17.69
N ASP E 82 24.05 15.07 18.51
CA ASP E 82 24.71 13.75 18.55
C ASP E 82 24.29 13.06 19.85
N ASN E 83 23.32 12.14 19.72
CA ASN E 83 22.79 11.42 20.88
C ASN E 83 23.85 10.56 21.54
N ALA E 84 24.84 10.11 20.77
CA ALA E 84 25.95 9.37 21.35
C ALA E 84 26.71 10.22 22.37
N LYS E 85 27.06 11.45 21.99
CA LYS E 85 27.84 12.33 22.86
C LYS E 85 26.98 13.21 23.75
N ASN E 86 25.70 12.86 23.95
CA ASN E 86 24.78 13.65 24.77
C ASN E 86 24.88 15.15 24.48
N SER E 87 24.78 15.50 23.19
CA SER E 87 25.11 16.85 22.75
C SER E 87 24.08 17.45 21.83
N LEU E 88 23.86 18.75 22.02
CA LEU E 88 23.05 19.55 21.11
C LEU E 88 23.98 20.59 20.50
N TYR E 89 23.84 20.80 19.20
CA TYR E 89 24.70 21.73 18.47
C TYR E 89 23.88 22.81 17.81
N LEU E 90 24.44 24.00 17.74
CA LEU E 90 23.90 25.10 16.94
C LEU E 90 25.05 25.68 16.12
N GLN E 91 25.09 25.34 14.85
CA GLN E 91 26.04 25.96 13.93
C GLN E 91 25.44 27.25 13.42
N MET E 92 26.18 28.34 13.57
CA MET E 92 25.73 29.67 13.18
C MET E 92 26.63 30.19 12.07
N ASN E 93 26.03 30.58 10.95
CA ASN E 93 26.76 31.13 9.83
C ASN E 93 26.17 32.50 9.47
N SER E 94 26.90 33.23 8.63
CA SER E 94 26.50 34.58 8.17
C SER E 94 26.03 35.43 9.34
N LEU E 95 26.90 35.56 10.35
CA LEU E 95 26.52 36.20 11.60
C LEU E 95 26.43 37.71 11.46
N ARG E 96 25.60 38.32 12.29
CA ARG E 96 25.41 39.76 12.22
C ARG E 96 25.02 40.28 13.61
N ALA E 97 25.08 41.61 13.74
CA ALA E 97 24.85 42.25 15.03
C ALA E 97 23.57 41.72 15.68
N GLU E 98 22.53 41.52 14.88
CA GLU E 98 21.25 41.04 15.36
C GLU E 98 21.35 39.74 16.16
N ASP E 99 22.39 38.95 15.94
CA ASP E 99 22.53 37.66 16.59
C ASP E 99 23.23 37.75 17.93
N THR E 100 23.60 38.95 18.39
CA THR E 100 24.32 39.07 19.64
C THR E 100 23.38 38.79 20.80
N ALA E 101 23.65 37.73 21.55
CA ALA E 101 22.74 37.29 22.59
C ALA E 101 23.44 36.32 23.52
N VAL E 102 22.78 36.04 24.63
CA VAL E 102 23.05 34.85 25.43
C VAL E 102 22.21 33.72 24.83
N TYR E 103 22.83 32.58 24.58
CA TYR E 103 22.14 31.47 23.92
C TYR E 103 21.92 30.35 24.93
N TYR E 104 20.66 30.08 25.25
CA TYR E 104 20.29 29.01 26.14
C TYR E 104 19.91 27.75 25.37
N CYS E 105 20.33 26.59 25.87
CA CYS E 105 19.79 25.32 25.40
C CYS E 105 18.86 24.80 26.48
N ALA E 106 17.74 24.23 26.06
CA ALA E 106 16.68 23.86 26.99
C ALA E 106 16.02 22.57 26.53
N ARG E 107 15.48 21.85 27.51
CA ARG E 107 14.97 20.50 27.34
C ARG E 107 13.45 20.53 27.44
N GLU E 108 12.78 19.94 26.47
CA GLU E 108 11.34 19.76 26.58
C GLU E 108 11.09 18.50 27.38
N GLU E 109 10.03 18.53 28.19
CA GLU E 109 9.69 17.38 29.02
C GLU E 109 8.19 17.17 28.97
N GLY E 110 7.78 15.92 28.76
CA GLY E 110 6.40 15.65 28.37
C GLY E 110 5.40 15.93 29.47
N SER E 111 5.72 15.50 30.69
CA SER E 111 4.87 15.69 31.86
C SER E 111 4.37 17.13 32.01
N VAL E 112 5.08 18.09 31.43
CA VAL E 112 4.61 19.47 31.48
C VAL E 112 4.26 19.95 30.07
N ASP E 113 3.65 19.06 29.29
CA ASP E 113 3.26 19.35 27.90
C ASP E 113 4.42 19.90 27.08
N TYR E 114 5.61 19.30 27.29
CA TYR E 114 6.83 19.57 26.56
C TYR E 114 7.32 21.00 26.74
N GLY E 115 6.93 21.66 27.82
CA GLY E 115 7.50 22.94 28.17
C GLY E 115 8.97 22.83 28.49
N MET E 116 9.67 23.95 28.43
CA MET E 116 11.11 23.90 28.65
C MET E 116 11.37 23.92 30.15
N ASP E 117 11.65 22.75 30.70
CA ASP E 117 11.69 22.57 32.14
C ASP E 117 13.09 22.59 32.73
N VAL E 118 14.12 22.48 31.90
CA VAL E 118 15.50 22.49 32.36
C VAL E 118 16.28 23.31 31.35
N TRP E 119 16.97 24.36 31.81
CA TRP E 119 17.76 25.23 30.96
C TRP E 119 19.22 25.13 31.36
N GLY E 120 20.09 25.61 30.48
CA GLY E 120 21.48 25.76 30.82
C GLY E 120 21.80 27.17 31.29
N GLN E 121 23.08 27.38 31.66
CA GLN E 121 23.57 28.68 32.08
C GLN E 121 23.62 29.69 30.93
N GLY E 122 23.65 29.22 29.69
CA GLY E 122 23.80 30.12 28.56
C GLY E 122 25.25 30.37 28.20
N THR E 123 25.46 30.76 26.96
CA THR E 123 26.77 31.22 26.53
C THR E 123 26.54 32.47 25.68
N THR E 124 27.39 33.48 25.88
CA THR E 124 27.21 34.75 25.22
C THR E 124 27.87 34.71 23.85
N VAL E 125 27.19 35.26 22.86
CA VAL E 125 27.77 35.40 21.53
C VAL E 125 27.70 36.88 21.16
N THR E 126 28.86 37.48 20.93
CA THR E 126 28.98 38.90 20.59
C THR E 126 29.54 39.04 19.19
N VAL E 127 28.79 39.68 18.30
CA VAL E 127 29.21 39.87 16.92
C VAL E 127 29.86 41.26 16.82
N SER E 128 31.20 41.28 16.74
CA SER E 128 31.96 42.54 16.70
C SER E 128 33.31 42.33 16.02
N SER E 129 33.99 43.45 15.77
CA SER E 129 35.32 43.44 15.17
C SER E 129 36.41 43.10 16.20
N SER E 148 8.01 42.60 18.28
CA SER E 148 7.66 41.27 18.81
C SER E 148 6.20 40.92 18.50
N VAL E 149 5.81 39.67 18.79
CA VAL E 149 4.58 39.10 18.24
C VAL E 149 3.49 38.93 19.31
N LEU E 150 3.84 38.34 20.46
CA LEU E 150 2.91 38.32 21.58
C LEU E 150 3.11 39.58 22.39
N THR E 151 2.00 40.26 22.73
CA THR E 151 2.03 41.56 23.36
C THR E 151 1.76 41.44 24.86
N GLN E 152 2.61 42.03 25.66
CA GLN E 152 2.47 42.08 27.11
C GLN E 152 2.60 43.50 27.63
N PRO E 153 2.11 43.78 28.83
CA PRO E 153 2.47 45.02 29.49
C PRO E 153 3.97 45.05 29.75
N PRO E 154 4.64 46.17 29.45
CA PRO E 154 6.10 46.20 29.67
C PRO E 154 6.48 46.14 31.13
N SER E 155 5.75 46.84 31.99
CA SER E 155 5.94 46.76 33.44
C SER E 155 4.61 46.43 34.10
N ALA E 156 4.69 46.11 35.38
CA ALA E 156 3.52 45.93 36.25
C ALA E 156 4.03 45.90 37.68
N SER E 157 3.20 46.44 38.60
CA SER E 157 3.65 46.59 39.97
C SER E 157 2.53 46.25 40.93
N GLY E 158 2.93 45.75 42.10
CA GLY E 158 2.02 45.38 43.17
C GLY E 158 2.71 45.53 44.51
N THR E 159 1.92 45.39 45.55
CA THR E 159 2.45 45.46 46.90
C THR E 159 2.36 44.10 47.55
N PRO E 160 3.25 43.80 48.50
CA PRO E 160 3.13 42.53 49.24
C PRO E 160 1.70 42.29 49.68
N GLY E 161 1.25 41.04 49.54
CA GLY E 161 -0.11 40.63 49.82
C GLY E 161 -1.08 40.82 48.67
N GLN E 162 -0.84 41.83 47.83
CA GLN E 162 -1.74 42.20 46.74
C GLN E 162 -1.64 41.18 45.60
N ARG E 163 -2.46 41.39 44.58
CA ARG E 163 -2.55 40.50 43.43
C ARG E 163 -2.41 41.31 42.16
N VAL E 164 -1.65 40.77 41.19
CA VAL E 164 -1.44 41.44 39.90
C VAL E 164 -1.70 40.46 38.78
N THR E 165 -2.20 40.99 37.66
CA THR E 165 -2.47 40.22 36.44
C THR E 165 -1.60 40.73 35.30
N ILE E 166 -0.64 39.92 34.90
CA ILE E 166 0.11 40.15 33.67
C ILE E 166 -0.70 39.58 32.52
N SER E 167 -1.12 40.44 31.60
CA SER E 167 -1.88 39.99 30.45
C SER E 167 -0.94 39.74 29.27
N CYS E 168 -1.50 39.21 28.17
CA CYS E 168 -0.70 38.70 27.05
C CYS E 168 -1.58 38.38 25.85
N SER E 169 -1.44 39.13 24.74
CA SER E 169 -2.40 39.02 23.64
C SER E 169 -1.71 38.60 22.36
N GLY E 170 -2.35 37.67 21.64
CA GLY E 170 -1.81 37.14 20.40
C GLY E 170 -2.74 37.28 19.21
N SER E 171 -2.68 36.34 18.27
CA SER E 171 -3.61 36.23 17.15
C SER E 171 -4.04 34.77 17.00
N SER E 172 -4.84 34.53 15.95
CA SER E 172 -5.52 33.24 15.84
C SER E 172 -4.59 32.09 15.54
N SER E 173 -3.41 32.38 14.97
CA SER E 173 -2.48 31.34 14.58
C SER E 173 -1.53 30.93 15.69
N ASN E 174 -1.45 31.69 16.79
CA ASN E 174 -0.67 31.25 17.93
C ASN E 174 -1.62 30.95 19.07
N ILE E 175 -1.95 31.92 19.93
CA ILE E 175 -2.80 31.69 21.09
C ILE E 175 -4.18 31.17 20.68
N GLY E 176 -4.66 31.59 19.50
CA GLY E 176 -5.94 31.11 19.03
C GLY E 176 -5.95 29.63 18.72
N SER E 177 -4.83 29.09 18.23
CA SER E 177 -4.75 27.67 17.89
C SER E 177 -4.05 26.82 18.95
N ASN E 178 -3.09 27.37 19.70
CA ASN E 178 -2.20 26.56 20.52
C ASN E 178 -2.26 26.97 21.99
N TYR E 179 -1.59 26.18 22.81
CA TYR E 179 -1.59 26.38 24.25
C TYR E 179 -0.59 27.46 24.62
N VAL E 180 -0.88 28.14 25.73
CA VAL E 180 -0.05 29.24 26.22
C VAL E 180 0.78 28.71 27.38
N TYR E 181 2.07 29.05 27.37
CA TYR E 181 3.00 28.72 28.43
C TYR E 181 3.53 30.01 29.06
N TRP E 182 3.88 29.94 30.33
CA TRP E 182 4.42 31.08 31.04
C TRP E 182 5.76 30.71 31.64
N TYR E 183 6.76 31.53 31.35
CA TYR E 183 8.07 31.41 31.97
C TYR E 183 8.28 32.62 32.85
N GLN E 184 9.03 32.41 33.92
CA GLN E 184 9.47 33.47 34.81
C GLN E 184 10.99 33.46 34.84
N GLN E 185 11.60 34.62 34.99
CA GLN E 185 13.05 34.72 35.00
C GLN E 185 13.50 35.73 36.05
N LEU E 186 14.20 35.25 37.06
CA LEU E 186 14.80 36.17 38.01
C LEU E 186 15.97 36.91 37.34
N PRO E 187 16.42 38.01 37.95
CA PRO E 187 17.64 38.70 37.46
C PRO E 187 18.82 37.78 37.14
N GLY E 188 19.31 37.86 35.91
CA GLY E 188 20.55 37.17 35.53
C GLY E 188 20.54 35.69 35.81
N THR E 189 19.44 35.01 35.51
CA THR E 189 19.30 33.58 35.71
C THR E 189 18.48 33.03 34.55
N ALA E 190 18.53 31.72 34.38
CA ALA E 190 17.76 31.12 33.30
C ALA E 190 16.27 31.16 33.63
N PRO E 191 15.40 31.20 32.62
CA PRO E 191 13.96 31.19 32.90
C PRO E 191 13.52 29.87 33.47
N LYS E 192 12.27 29.86 33.91
CA LYS E 192 11.71 28.76 34.67
C LYS E 192 10.27 28.60 34.20
N LEU E 193 9.93 27.38 33.80
CA LEU E 193 8.55 27.10 33.43
C LEU E 193 7.63 27.38 34.62
N LEU E 194 6.65 28.26 34.40
CA LEU E 194 5.62 28.59 35.38
C LEU E 194 4.33 27.86 35.11
N ILE E 195 3.90 27.84 33.84
CA ILE E 195 2.56 27.42 33.44
C ILE E 195 2.68 26.64 32.14
N TYR E 196 1.88 25.59 32.02
CA TYR E 196 1.69 24.89 30.75
C TYR E 196 0.22 24.54 30.59
N ARG E 197 -0.19 24.33 29.35
CA ARG E 197 -1.57 23.97 29.05
C ARG E 197 -2.50 25.08 29.53
N ASN E 198 -2.07 26.33 29.34
CA ASN E 198 -2.80 27.55 29.73
C ASN E 198 -2.94 27.79 31.24
N ASN E 199 -3.09 26.72 32.06
CA ASN E 199 -3.40 26.92 33.48
C ASN E 199 -2.92 25.79 34.41
N GLN E 200 -1.86 25.06 34.03
CA GLN E 200 -1.28 24.03 34.89
C GLN E 200 0.12 24.40 35.35
N ARG E 201 0.50 23.89 36.52
CA ARG E 201 1.79 24.30 37.05
C ARG E 201 2.71 23.10 37.22
N PRO E 202 3.98 23.24 36.88
CA PRO E 202 4.95 22.17 37.19
C PRO E 202 5.01 21.96 38.69
N SER E 203 5.54 20.81 39.08
CA SER E 203 5.80 20.58 40.50
C SER E 203 6.71 21.69 41.01
N GLY E 204 6.36 22.25 42.17
CA GLY E 204 7.18 23.30 42.75
C GLY E 204 6.75 24.72 42.46
N VAL E 205 5.77 24.92 41.59
CA VAL E 205 5.25 26.26 41.29
C VAL E 205 4.03 26.49 42.17
N PRO E 206 4.07 27.45 43.10
CA PRO E 206 2.98 27.61 44.06
C PRO E 206 1.68 28.07 43.41
N ASP E 207 0.57 27.71 44.02
CA ASP E 207 -0.73 27.97 43.42
C ASP E 207 -1.13 29.44 43.48
N ARG E 208 -0.28 30.34 43.99
CA ARG E 208 -0.54 31.76 43.79
C ARG E 208 -0.61 32.08 42.30
N PHE E 209 0.29 31.47 41.53
CA PHE E 209 0.27 31.62 40.09
C PHE E 209 -0.86 30.81 39.49
N SER E 210 -1.62 31.44 38.61
CA SER E 210 -2.68 30.82 37.84
C SER E 210 -2.69 31.45 36.45
N GLY E 211 -2.95 30.62 35.45
CA GLY E 211 -2.98 31.09 34.08
C GLY E 211 -4.37 30.93 33.52
N SER E 212 -4.66 31.61 32.42
CA SER E 212 -6.00 31.57 31.88
C SER E 212 -5.95 32.01 30.43
N LYS E 213 -6.87 31.50 29.62
CA LYS E 213 -6.85 31.79 28.19
C LYS E 213 -8.27 31.87 27.67
N SER E 214 -8.55 32.93 26.90
CA SER E 214 -9.84 33.13 26.27
C SER E 214 -9.61 33.81 24.92
N GLY E 215 -9.98 33.11 23.85
CA GLY E 215 -9.81 33.65 22.52
C GLY E 215 -8.34 33.70 22.16
N THR E 216 -7.93 34.80 21.54
CA THR E 216 -6.53 35.02 21.18
C THR E 216 -5.75 35.70 22.29
N SER E 217 -6.16 35.52 23.55
CA SER E 217 -5.54 36.19 24.68
C SER E 217 -5.37 35.23 25.85
N ALA E 218 -4.41 35.58 26.69
CA ALA E 218 -4.13 34.86 27.91
C ALA E 218 -3.58 35.86 28.93
N SER E 219 -3.56 35.44 30.18
CA SER E 219 -3.16 36.31 31.28
C SER E 219 -2.67 35.44 32.42
N LEU E 220 -1.67 35.95 33.14
CA LEU E 220 -1.13 35.29 34.31
C LEU E 220 -1.55 36.09 35.54
N ALA E 221 -2.06 35.39 36.56
CA ALA E 221 -2.51 36.02 37.80
C ALA E 221 -1.63 35.55 38.96
N ILE E 222 -1.03 36.50 39.67
CA ILE E 222 -0.18 36.24 40.84
C ILE E 222 -0.85 36.82 42.07
N SER E 223 -1.23 35.95 43.01
CA SER E 223 -1.86 36.33 44.27
C SER E 223 -0.84 36.29 45.40
N GLY E 224 -1.24 36.84 46.55
CA GLY E 224 -0.42 36.89 47.74
C GLY E 224 1.02 37.27 47.43
N LEU E 225 1.17 38.36 46.69
CA LEU E 225 2.44 38.68 46.05
C LEU E 225 3.55 38.84 47.10
N ARG E 226 4.69 38.21 46.83
CA ARG E 226 5.86 38.30 47.69
C ARG E 226 6.99 38.95 46.90
N SER E 227 8.04 39.37 47.60
CA SER E 227 9.14 40.11 46.99
C SER E 227 10.06 39.22 46.16
N GLU E 228 9.98 37.90 46.32
CA GLU E 228 10.73 36.97 45.48
C GLU E 228 10.12 36.85 44.09
N ASP E 229 8.85 37.19 43.96
CA ASP E 229 8.20 37.21 42.65
C ASP E 229 8.74 38.30 41.73
N GLU E 230 9.71 39.10 42.20
CA GLU E 230 10.27 40.15 41.35
C GLU E 230 11.11 39.50 40.25
N ALA E 231 10.62 39.63 39.00
CA ALA E 231 11.17 38.89 37.87
C ALA E 231 10.50 39.36 36.59
N ASP E 232 11.15 39.08 35.47
CA ASP E 232 10.49 39.22 34.18
C ASP E 232 9.63 38.00 33.89
N TYR E 233 8.45 38.22 33.30
CA TYR E 233 7.48 37.16 33.05
C TYR E 233 7.18 37.09 31.58
N TYR E 234 7.38 35.92 30.98
CA TYR E 234 7.19 35.76 29.55
C TYR E 234 6.10 34.75 29.27
N CYS E 235 5.23 35.07 28.32
CA CYS E 235 4.26 34.12 27.80
C CYS E 235 4.70 33.62 26.42
N ALA E 236 4.58 32.32 26.20
CA ALA E 236 4.95 31.72 24.91
C ALA E 236 3.79 30.90 24.34
N ALA E 237 3.82 30.73 23.02
CA ALA E 237 2.86 29.88 22.34
C ALA E 237 3.43 29.50 20.97
N TRP E 238 3.09 28.29 20.52
CA TRP E 238 3.42 27.88 19.16
C TRP E 238 2.63 28.71 18.17
N ASP E 239 3.23 28.93 17.00
CA ASP E 239 2.61 29.74 15.96
C ASP E 239 2.59 28.94 14.66
N ASP E 240 1.42 28.39 14.30
CA ASP E 240 1.30 27.58 13.10
C ASP E 240 1.54 28.42 11.84
N SER E 241 1.31 29.74 11.91
CA SER E 241 1.67 30.61 10.79
C SER E 241 3.16 30.53 10.48
N LEU E 242 4.01 30.68 11.50
CA LEU E 242 5.45 30.63 11.33
C LEU E 242 6.00 29.21 11.42
N SER E 243 5.19 28.26 11.88
CA SER E 243 5.68 26.93 12.29
C SER E 243 6.93 27.08 13.14
N GLY E 244 6.73 27.72 14.30
CA GLY E 244 7.74 27.85 15.33
C GLY E 244 7.13 28.57 16.52
N TRP E 245 7.93 28.67 17.59
CA TRP E 245 7.50 29.29 18.84
C TRP E 245 7.43 30.81 18.72
N VAL E 246 6.63 31.42 19.60
CA VAL E 246 6.51 32.87 19.66
C VAL E 246 6.38 33.28 21.13
N PHE E 247 6.91 34.46 21.44
CA PHE E 247 7.03 34.90 22.82
C PHE E 247 6.46 36.29 23.03
N GLY E 248 5.99 36.54 24.25
CA GLY E 248 5.68 37.89 24.66
C GLY E 248 6.93 38.71 24.85
N GLY E 249 6.75 40.04 24.82
CA GLY E 249 7.86 40.96 25.03
C GLY E 249 8.44 40.95 26.43
N GLY E 250 7.79 40.26 27.38
CA GLY E 250 8.26 40.22 28.75
C GLY E 250 7.69 41.33 29.61
N THR E 251 7.13 40.98 30.76
CA THR E 251 6.64 41.94 31.73
C THR E 251 7.59 41.94 32.92
N LYS E 252 8.13 43.11 33.27
CA LYS E 252 8.94 43.25 34.48
C LYS E 252 8.00 43.49 35.65
N LEU E 253 7.79 42.47 36.46
CA LEU E 253 7.00 42.61 37.69
C LEU E 253 7.88 43.21 38.80
N THR E 254 7.41 44.30 39.39
CA THR E 254 8.16 44.99 40.44
C THR E 254 7.32 45.07 41.70
N VAL E 255 7.96 44.72 42.84
CA VAL E 255 7.27 44.47 44.09
C VAL E 255 7.73 45.50 45.13
N LEU E 256 6.76 46.18 45.75
CA LEU E 256 7.04 47.27 46.68
C LEU E 256 6.19 47.20 47.94
#